data_3HB7
#
_entry.id   3HB7
#
_cell.length_a   85.651
_cell.length_b   105.425
_cell.length_c   106.267
_cell.angle_alpha   90.00
_cell.angle_beta   103.90
_cell.angle_gamma   90.00
#
_symmetry.space_group_name_H-M   'P 1 21 1'
#
loop_
_entity.id
_entity.type
_entity.pdbx_description
1 polymer 'Isochorismatase hydrolase'
2 non-polymer 'AMMONIUM ION'
3 non-polymer 'SODIUM ION'
4 water water
#
_entity_poly.entity_id   1
_entity_poly.type   'polypeptide(L)'
_entity_poly.pdbx_seq_one_letter_code
;YFQG(MSE)AKHAILVID(MSE)LNDFVGEKAPLRCPGGETIIPDLQKIFEWVRGREGDDIHLVHIQEAHRKNDADFRVR
PLHAVKGTWGSDFIPELYPQEDEYIVQKRRHSGFAHTDLDLYLKEEGIDTVVLTGVWTNVCVRSTATDALANAYKVITLS
DGTASKTEE(MSE)HEYGLNDLSIFTKV(MSE)TVDQYIQAWENDEDPWVGGGDAQNKVK
;
_entity_poly.pdbx_strand_id   A,C,B,D,E,F,G,H
#
loop_
_chem_comp.id
_chem_comp.type
_chem_comp.name
_chem_comp.formula
NA non-polymer 'SODIUM ION' 'Na 1'
NH4 non-polymer 'AMMONIUM ION' 'H4 N 1'
#
# COMPACT_ATOMS: atom_id res chain seq x y z
N TYR A 1 -34.30 -18.84 -8.56
CA TYR A 1 -33.81 -17.92 -7.53
C TYR A 1 -33.69 -18.61 -6.18
N PHE A 2 -34.66 -19.38 -5.76
CA PHE A 2 -34.56 -19.87 -4.41
C PHE A 2 -34.40 -21.35 -4.16
N GLN A 3 -34.84 -22.16 -5.10
CA GLN A 3 -34.77 -23.61 -4.92
C GLN A 3 -33.52 -24.26 -5.49
N GLY A 4 -33.47 -25.58 -5.47
CA GLY A 4 -32.37 -26.30 -6.06
C GLY A 4 -31.19 -26.25 -5.13
N MSE A 5 -30.02 -26.37 -5.69
CA MSE A 5 -28.83 -26.05 -4.95
C MSE A 5 -28.46 -24.57 -5.19
O MSE A 5 -27.37 -24.26 -5.63
CB MSE A 5 -27.68 -26.94 -5.39
N ALA A 6 -29.39 -23.67 -4.93
CA ALA A 6 -29.12 -22.27 -5.10
C ALA A 6 -28.15 -21.82 -4.05
N LYS A 7 -27.16 -21.06 -4.46
CA LYS A 7 -26.19 -20.51 -3.56
C LYS A 7 -26.10 -19.02 -3.78
N HIS A 8 -26.19 -18.24 -2.72
CA HIS A 8 -26.32 -16.81 -2.83
C HIS A 8 -25.17 -16.08 -2.14
N ALA A 9 -24.79 -14.94 -2.69
CA ALA A 9 -23.88 -14.04 -2.02
C ALA A 9 -24.53 -12.71 -1.78
N ILE A 10 -24.52 -12.28 -0.54
CA ILE A 10 -24.98 -10.99 -0.20
C ILE A 10 -23.80 -10.07 -0.14
N LEU A 11 -23.85 -9.04 -0.96
CA LEU A 11 -22.79 -8.08 -1.04
C LEU A 11 -23.16 -6.84 -0.29
N VAL A 12 -22.30 -6.41 0.60
CA VAL A 12 -22.53 -5.21 1.35
C VAL A 12 -21.52 -4.15 0.95
N ILE A 13 -21.97 -3.08 0.34
CA ILE A 13 -21.43 -2.19 -0.37
CA ILE A 13 -21.46 -2.17 -0.39
C ILE A 13 -21.36 -0.87 0.47
N ASP A 14 -20.11 -0.59 0.78
CA ASP A 14 -19.64 0.66 1.33
C ASP A 14 -20.28 1.15 2.64
N MSE A 15 -20.56 0.25 3.56
CA MSE A 15 -21.07 0.66 4.84
C MSE A 15 -19.88 0.97 5.71
O MSE A 15 -19.46 0.21 6.52
CB MSE A 15 -21.98 -0.40 5.43
CG MSE A 15 -23.25 -0.68 4.64
SE MSE A 15 -24.42 0.73 4.33
CE MSE A 15 -25.27 0.67 5.91
N LEU A 16 -19.34 2.16 5.53
CA LEU A 16 -18.06 2.52 6.03
C LEU A 16 -18.12 3.74 6.89
N ASN A 17 -17.06 3.93 7.65
CA ASN A 17 -16.98 4.99 8.60
C ASN A 17 -17.09 6.36 7.96
N ASP A 18 -16.52 6.53 6.78
CA ASP A 18 -16.62 7.78 6.06
C ASP A 18 -18.03 8.11 5.63
N PHE A 19 -18.80 7.11 5.28
CA PHE A 19 -20.08 7.35 4.67
C PHE A 19 -21.30 7.20 5.56
N VAL A 20 -21.21 6.39 6.57
CA VAL A 20 -22.39 6.05 7.30
C VAL A 20 -22.40 6.55 8.72
N GLY A 21 -23.45 7.28 9.07
CA GLY A 21 -23.61 7.85 10.37
C GLY A 21 -23.73 9.35 10.38
N GLU A 22 -24.32 9.88 11.42
CA GLU A 22 -24.59 11.29 11.54
C GLU A 22 -23.30 12.08 11.53
N LYS A 23 -22.26 11.52 12.11
CA LYS A 23 -21.00 12.21 12.16
C LYS A 23 -20.07 11.93 11.00
N ALA A 24 -20.50 11.13 10.04
CA ALA A 24 -19.64 10.75 8.95
C ALA A 24 -19.18 11.94 8.13
N PRO A 25 -17.89 11.97 7.87
CA PRO A 25 -17.25 13.04 7.15
C PRO A 25 -17.77 13.14 5.75
N LEU A 26 -18.12 12.01 5.17
CA LEU A 26 -18.61 11.96 3.82
C LEU A 26 -20.01 11.42 3.77
N ARG A 27 -20.82 11.81 4.72
CA ARG A 27 -22.01 11.10 5.07
C ARG A 27 -22.99 10.99 3.95
N CYS A 28 -23.47 9.78 3.75
CA CYS A 28 -24.58 9.54 2.88
C CYS A 28 -25.75 9.36 3.82
N PRO A 29 -26.71 10.25 3.75
CA PRO A 29 -27.78 10.32 4.73
C PRO A 29 -28.63 9.08 4.81
N GLY A 30 -28.85 8.43 3.69
CA GLY A 30 -29.61 7.21 3.61
C GLY A 30 -29.07 6.06 4.38
N GLY A 31 -27.76 5.97 4.51
CA GLY A 31 -27.13 4.83 5.10
C GLY A 31 -27.46 4.48 6.52
N GLU A 32 -27.63 5.48 7.37
CA GLU A 32 -27.90 5.24 8.77
C GLU A 32 -29.20 4.52 8.93
N THR A 33 -30.11 4.83 8.05
CA THR A 33 -31.45 4.30 8.05
C THR A 33 -31.57 2.83 7.74
N ILE A 34 -30.59 2.26 7.08
CA ILE A 34 -30.69 0.87 6.74
C ILE A 34 -29.95 -0.03 7.68
N ILE A 35 -29.35 0.51 8.70
CA ILE A 35 -28.51 -0.31 9.54
C ILE A 35 -29.23 -1.45 10.24
N PRO A 36 -30.38 -1.19 10.82
CA PRO A 36 -31.08 -2.22 11.55
C PRO A 36 -31.49 -3.36 10.65
N ASP A 37 -31.95 -3.03 9.46
CA ASP A 37 -32.31 -4.06 8.50
C ASP A 37 -31.13 -4.90 8.07
N LEU A 38 -29.99 -4.26 7.90
CA LEU A 38 -28.76 -4.96 7.60
C LEU A 38 -28.29 -5.84 8.75
N GLN A 39 -28.39 -5.36 9.97
CA GLN A 39 -27.97 -6.10 11.13
C GLN A 39 -28.80 -7.35 11.24
N LYS A 40 -30.06 -7.19 10.93
CA LYS A 40 -30.99 -8.26 10.97
C LYS A 40 -30.66 -9.35 9.99
N ILE A 41 -30.35 -8.97 8.77
CA ILE A 41 -29.88 -9.89 7.78
C ILE A 41 -28.55 -10.50 8.14
N PHE A 42 -27.63 -9.76 8.73
CA PHE A 42 -26.38 -10.36 9.13
C PHE A 42 -26.65 -11.45 10.16
N GLU A 43 -27.49 -11.17 11.15
CA GLU A 43 -27.74 -12.14 12.20
C GLU A 43 -28.38 -13.39 11.67
N TRP A 44 -29.31 -13.24 10.76
CA TRP A 44 -29.97 -14.36 10.19
C TRP A 44 -29.03 -15.26 9.43
N VAL A 45 -28.19 -14.68 8.59
CA VAL A 45 -27.24 -15.44 7.79
C VAL A 45 -26.21 -16.16 8.62
N ARG A 46 -25.69 -15.48 9.61
CA ARG A 46 -24.72 -16.03 10.51
C ARG A 46 -25.30 -17.19 11.32
N GLY A 47 -26.57 -17.06 11.65
CA GLY A 47 -27.37 -18.05 12.32
C GLY A 47 -27.60 -19.31 11.54
N ARG A 48 -27.67 -19.17 10.23
CA ARG A 48 -28.07 -20.24 9.37
C ARG A 48 -27.13 -21.42 9.29
N GLU A 49 -27.75 -22.57 9.17
CA GLU A 49 -27.04 -23.82 9.02
C GLU A 49 -26.55 -23.96 7.61
N GLY A 50 -25.31 -24.34 7.45
CA GLY A 50 -24.74 -24.52 6.13
C GLY A 50 -24.20 -23.23 5.56
N ASP A 51 -23.87 -23.23 4.29
CA ASP A 51 -23.53 -22.00 3.62
C ASP A 51 -24.10 -21.95 2.22
N ASP A 52 -25.39 -21.83 2.14
CA ASP A 52 -26.00 -21.53 0.88
C ASP A 52 -26.02 -20.03 0.71
N ILE A 53 -25.73 -19.32 1.79
CA ILE A 53 -25.61 -17.90 1.74
C ILE A 53 -24.30 -17.42 2.30
N HIS A 54 -23.60 -16.60 1.55
CA HIS A 54 -22.34 -16.02 1.97
C HIS A 54 -22.49 -14.54 2.17
N LEU A 55 -21.82 -13.99 3.14
CA LEU A 55 -21.72 -12.56 3.24
C LEU A 55 -20.40 -12.12 2.67
N VAL A 56 -20.45 -11.13 1.79
CA VAL A 56 -19.27 -10.55 1.22
C VAL A 56 -19.25 -9.06 1.46
N HIS A 57 -18.16 -8.57 2.02
CA HIS A 57 -18.08 -7.18 2.38
C HIS A 57 -17.21 -6.39 1.45
N ILE A 58 -17.78 -5.35 0.89
CA ILE A 58 -17.08 -4.58 -0.09
C ILE A 58 -16.77 -3.18 0.38
N GLN A 59 -15.52 -2.79 0.37
CA GLN A 59 -15.15 -1.48 0.81
C GLN A 59 -14.40 -0.63 -0.20
N GLU A 60 -14.84 0.59 -0.39
CA GLU A 60 -14.07 1.54 -1.15
C GLU A 60 -12.76 1.75 -0.43
N ALA A 61 -11.67 1.56 -1.13
CA ALA A 61 -10.35 1.72 -0.59
C ALA A 61 -9.42 2.38 -1.60
N HIS A 62 -9.55 3.67 -1.78
CA HIS A 62 -8.74 4.37 -2.76
C HIS A 62 -7.30 4.40 -2.32
N ARG A 63 -6.38 4.46 -3.25
CA ARG A 63 -4.99 4.52 -2.87
C ARG A 63 -4.59 5.83 -2.27
N LYS A 64 -3.71 5.76 -1.30
CA LYS A 64 -3.21 6.96 -0.70
C LYS A 64 -2.46 7.71 -1.75
N ASN A 65 -2.83 8.96 -1.95
CA ASN A 65 -2.12 9.79 -2.87
C ASN A 65 -1.72 11.10 -2.22
N ASP A 66 -0.43 11.22 -1.98
CA ASP A 66 0.13 12.44 -1.43
C ASP A 66 0.11 13.64 -2.39
N ALA A 67 0.00 13.39 -3.68
CA ALA A 67 0.02 14.47 -4.65
C ALA A 67 -1.35 15.06 -4.86
N ASP A 68 -1.89 15.67 -3.84
CA ASP A 68 -3.23 16.19 -3.90
C ASP A 68 -3.25 17.45 -3.08
N PHE A 69 -3.86 18.50 -3.59
CA PHE A 69 -3.92 19.78 -2.89
C PHE A 69 -4.71 19.78 -1.58
N ARG A 70 -5.81 19.10 -1.56
CA ARG A 70 -6.63 19.03 -0.37
C ARG A 70 -6.02 18.14 0.67
N VAL A 71 -6.37 18.40 1.90
CA VAL A 71 -5.93 17.65 3.04
C VAL A 71 -6.43 16.20 2.99
N ARG A 72 -7.67 16.04 2.58
CA ARG A 72 -8.21 14.75 2.29
C ARG A 72 -9.11 14.79 1.09
N PRO A 73 -9.10 13.70 0.37
CA PRO A 73 -9.95 13.52 -0.78
C PRO A 73 -11.39 13.27 -0.36
N LEU A 74 -12.26 13.23 -1.34
CA LEU A 74 -13.66 13.11 -1.09
C LEU A 74 -14.11 11.68 -1.29
N HIS A 75 -13.21 10.79 -0.96
CA HIS A 75 -13.49 9.38 -1.00
C HIS A 75 -12.69 8.68 0.06
N ALA A 76 -13.05 7.44 0.30
CA ALA A 76 -12.44 6.65 1.32
C ALA A 76 -11.10 6.12 0.91
N VAL A 77 -10.14 6.33 1.79
CA VAL A 77 -8.77 5.99 1.51
C VAL A 77 -8.36 4.76 2.23
N LYS A 78 -7.68 3.92 1.50
CA LYS A 78 -7.29 2.65 2.00
C LYS A 78 -6.40 2.76 3.21
N GLY A 79 -6.69 1.93 4.17
CA GLY A 79 -5.90 1.85 5.38
C GLY A 79 -6.35 2.79 6.45
N THR A 80 -7.27 3.66 6.13
CA THR A 80 -7.79 4.59 7.09
C THR A 80 -9.01 4.09 7.80
N TRP A 81 -9.40 4.83 8.82
CA TRP A 81 -10.59 4.60 9.59
C TRP A 81 -11.81 4.77 8.75
N GLY A 82 -11.80 5.76 7.89
CA GLY A 82 -12.91 6.07 7.04
C GLY A 82 -13.25 4.94 6.11
N SER A 83 -12.23 4.25 5.65
CA SER A 83 -12.36 3.08 4.80
C SER A 83 -12.92 1.86 5.50
N ASP A 84 -12.69 1.77 6.79
CA ASP A 84 -13.09 0.66 7.60
C ASP A 84 -14.59 0.57 7.75
N PHE A 85 -15.07 -0.65 7.85
CA PHE A 85 -16.46 -0.92 8.07
C PHE A 85 -16.92 -0.38 9.42
N ILE A 86 -18.14 0.10 9.47
CA ILE A 86 -18.74 0.55 10.70
C ILE A 86 -18.96 -0.61 11.65
N PRO A 87 -18.82 -0.34 12.92
CA PRO A 87 -18.79 -1.36 13.95
C PRO A 87 -20.07 -2.14 13.96
N GLU A 88 -21.16 -1.49 13.64
CA GLU A 88 -22.45 -2.10 13.60
C GLU A 88 -22.52 -3.21 12.58
N LEU A 89 -21.84 -3.04 11.47
CA LEU A 89 -21.90 -4.00 10.39
C LEU A 89 -20.55 -4.57 10.09
N TYR A 90 -19.74 -4.78 11.10
CA TYR A 90 -18.41 -5.26 10.91
C TYR A 90 -18.36 -6.69 10.46
N PRO A 91 -17.39 -7.01 9.65
CA PRO A 91 -17.24 -8.34 9.14
C PRO A 91 -16.83 -9.26 10.25
N GLN A 92 -17.13 -10.53 10.09
CA GLN A 92 -16.77 -11.52 11.05
C GLN A 92 -15.82 -12.41 10.35
N GLU A 93 -15.12 -13.22 11.10
CA GLU A 93 -13.83 -13.70 10.71
C GLU A 93 -13.80 -14.44 9.41
N ASP A 94 -14.77 -15.29 9.17
CA ASP A 94 -14.72 -16.08 7.97
C ASP A 94 -15.25 -15.36 6.74
N GLU A 95 -15.69 -14.13 6.88
CA GLU A 95 -16.39 -13.46 5.81
C GLU A 95 -15.49 -12.75 4.85
N TYR A 96 -15.65 -13.02 3.57
CA TYR A 96 -14.81 -12.42 2.56
C TYR A 96 -14.93 -10.92 2.47
N ILE A 97 -13.81 -10.25 2.28
CA ILE A 97 -13.78 -8.82 2.15
C ILE A 97 -13.15 -8.46 0.84
N VAL A 98 -13.77 -7.55 0.12
CA VAL A 98 -13.26 -7.03 -1.12
C VAL A 98 -12.98 -5.54 -1.04
N GLN A 99 -11.80 -5.15 -1.46
CA GLN A 99 -11.42 -3.77 -1.61
C GLN A 99 -11.53 -3.29 -3.05
N LYS A 100 -12.17 -2.17 -3.26
CA LYS A 100 -12.37 -1.62 -4.59
C LYS A 100 -11.97 -0.15 -4.69
N ARG A 101 -11.48 0.25 -5.84
CA ARG A 101 -11.07 1.62 -6.16
C ARG A 101 -11.95 2.31 -7.17
N ARG A 102 -12.94 1.63 -7.70
CA ARG A 102 -13.86 2.20 -8.67
C ARG A 102 -15.25 1.88 -8.18
N HIS A 103 -16.28 2.25 -8.89
CA HIS A 103 -17.62 2.13 -8.37
C HIS A 103 -18.08 0.72 -8.09
N SER A 104 -17.89 -0.16 -9.04
CA SER A 104 -18.31 -1.52 -8.91
C SER A 104 -17.40 -2.39 -8.06
N GLY A 105 -18.01 -3.29 -7.31
CA GLY A 105 -17.34 -4.29 -6.55
C GLY A 105 -16.55 -5.22 -7.41
N PHE A 106 -17.00 -5.41 -8.63
CA PHE A 106 -16.31 -6.17 -9.63
C PHE A 106 -15.08 -5.58 -10.26
N ALA A 107 -15.01 -4.27 -10.39
CA ALA A 107 -14.01 -3.68 -11.23
C ALA A 107 -12.61 -3.68 -10.63
N HIS A 108 -11.74 -4.38 -11.32
CA HIS A 108 -10.37 -4.58 -10.94
C HIS A 108 -10.22 -5.30 -9.63
N THR A 109 -11.17 -6.15 -9.32
CA THR A 109 -11.14 -6.93 -8.12
C THR A 109 -11.22 -8.42 -8.38
N ASP A 110 -11.14 -9.16 -7.29
CA ASP A 110 -11.25 -10.59 -7.31
C ASP A 110 -12.62 -11.10 -6.93
N LEU A 111 -13.64 -10.27 -6.97
CA LEU A 111 -14.99 -10.69 -6.64
C LEU A 111 -15.55 -11.77 -7.54
N ASP A 112 -15.38 -11.62 -8.84
CA ASP A 112 -15.89 -12.61 -9.74
C ASP A 112 -15.21 -13.92 -9.40
N LEU A 113 -13.92 -13.90 -9.18
CA LEU A 113 -13.20 -15.10 -8.86
C LEU A 113 -13.68 -15.77 -7.57
N TYR A 114 -13.97 -14.99 -6.56
CA TYR A 114 -14.49 -15.53 -5.33
C TYR A 114 -15.80 -16.22 -5.59
N LEU A 115 -16.66 -15.57 -6.34
CA LEU A 115 -17.95 -16.06 -6.68
C LEU A 115 -17.87 -17.33 -7.48
N LYS A 116 -16.98 -17.41 -8.45
CA LYS A 116 -16.80 -18.62 -9.19
C LYS A 116 -16.34 -19.76 -8.30
N GLU A 117 -15.38 -19.50 -7.43
CA GLU A 117 -14.78 -20.50 -6.59
C GLU A 117 -15.77 -21.12 -5.68
N GLU A 118 -16.68 -20.30 -5.18
CA GLU A 118 -17.69 -20.72 -4.22
C GLU A 118 -18.95 -21.28 -4.84
N GLY A 119 -19.00 -21.33 -6.16
CA GLY A 119 -20.17 -21.77 -6.89
C GLY A 119 -21.44 -20.96 -6.77
N ILE A 120 -21.30 -19.67 -6.64
CA ILE A 120 -22.43 -18.83 -6.38
C ILE A 120 -23.18 -18.47 -7.63
N ASP A 121 -24.49 -18.59 -7.61
CA ASP A 121 -25.23 -18.24 -8.79
C ASP A 121 -26.02 -16.97 -8.71
N THR A 122 -26.27 -16.49 -7.51
CA THR A 122 -27.04 -15.28 -7.30
C THR A 122 -26.34 -14.29 -6.38
N VAL A 123 -26.31 -13.03 -6.76
CA VAL A 123 -25.84 -11.97 -5.88
C VAL A 123 -27.01 -11.15 -5.42
N VAL A 124 -27.00 -10.80 -4.16
CA VAL A 124 -28.03 -9.97 -3.60
C VAL A 124 -27.44 -8.70 -3.02
N LEU A 125 -27.97 -7.57 -3.45
CA LEU A 125 -27.35 -6.29 -3.23
C LEU A 125 -27.88 -5.52 -2.03
N THR A 126 -26.96 -5.09 -1.19
CA THR A 126 -27.24 -4.20 -0.08
C THR A 126 -26.20 -3.10 0.02
N GLY A 127 -26.57 -1.97 0.56
CA GLY A 127 -25.58 -0.96 0.75
C GLY A 127 -25.98 0.36 0.20
N VAL A 128 -24.97 1.17 -0.04
CA VAL A 128 -25.07 2.54 -0.38
C VAL A 128 -24.09 2.77 -1.53
N TRP A 129 -24.36 3.66 -2.48
CA TRP A 129 -25.62 4.29 -2.76
C TRP A 129 -26.33 3.48 -3.80
N THR A 130 -27.62 3.34 -3.65
CA THR A 130 -28.37 2.43 -4.47
C THR A 130 -28.24 2.79 -5.93
N ASN A 131 -28.21 4.06 -6.24
CA ASN A 131 -28.10 4.51 -7.59
C ASN A 131 -26.68 4.64 -8.15
N VAL A 132 -25.67 4.44 -7.33
CA VAL A 132 -24.31 4.55 -7.81
C VAL A 132 -23.52 3.27 -7.68
N CYS A 133 -22.82 3.09 -6.60
CA CYS A 133 -22.03 1.90 -6.41
C CYS A 133 -22.83 0.62 -6.31
N VAL A 134 -24.01 0.67 -5.75
CA VAL A 134 -24.87 -0.51 -5.70
C VAL A 134 -25.33 -0.96 -7.06
N ARG A 135 -25.82 -0.01 -7.83
CA ARG A 135 -26.28 -0.29 -9.15
C ARG A 135 -25.18 -0.78 -10.06
N SER A 136 -24.01 -0.20 -9.91
CA SER A 136 -22.87 -0.59 -10.69
C SER A 136 -22.44 -2.01 -10.44
N THR A 137 -22.49 -2.41 -9.19
CA THR A 137 -22.17 -3.77 -8.83
C THR A 137 -23.18 -4.73 -9.42
N ALA A 138 -24.44 -4.37 -9.38
CA ALA A 138 -25.50 -5.14 -9.97
C ALA A 138 -25.37 -5.31 -11.48
N THR A 139 -25.09 -4.25 -12.20
CA THR A 139 -24.96 -4.28 -13.56
CA THR A 139 -24.96 -4.31 -13.57
C THR A 139 -23.85 -5.27 -13.85
N ASP A 140 -22.75 -5.15 -13.13
CA ASP A 140 -21.61 -6.02 -13.34
C ASP A 140 -21.83 -7.48 -13.04
N ALA A 141 -22.58 -7.76 -12.00
CA ALA A 141 -22.96 -9.10 -11.69
C ALA A 141 -23.80 -9.73 -12.80
N LEU A 142 -24.69 -8.95 -13.37
CA LEU A 142 -25.48 -9.38 -14.49
C LEU A 142 -24.65 -9.65 -15.73
N ALA A 143 -23.71 -8.77 -15.98
CA ALA A 143 -22.80 -8.89 -17.09
C ALA A 143 -21.94 -10.14 -16.96
N ASN A 144 -21.72 -10.60 -15.76
CA ASN A 144 -20.96 -11.79 -15.49
C ASN A 144 -21.82 -13.02 -15.30
N ALA A 145 -23.05 -12.97 -15.79
CA ALA A 145 -23.96 -14.08 -15.75
C ALA A 145 -24.39 -14.56 -14.38
N TYR A 146 -24.50 -13.67 -13.43
CA TYR A 146 -25.08 -13.96 -12.17
C TYR A 146 -26.48 -13.44 -12.22
N LYS A 147 -27.34 -14.08 -11.46
CA LYS A 147 -28.62 -13.56 -11.11
C LYS A 147 -28.55 -12.50 -10.05
N VAL A 148 -29.43 -11.53 -10.12
CA VAL A 148 -29.36 -10.40 -9.22
C VAL A 148 -30.66 -10.09 -8.47
N ILE A 149 -30.53 -9.90 -7.19
CA ILE A 149 -31.61 -9.46 -6.36
C ILE A 149 -31.18 -8.20 -5.68
N THR A 150 -32.03 -7.20 -5.70
CA THR A 150 -31.80 -5.97 -4.98
C THR A 150 -32.74 -5.92 -3.82
N LEU A 151 -32.21 -5.62 -2.65
CA LEU A 151 -33.03 -5.53 -1.47
C LEU A 151 -33.39 -4.09 -1.24
N SER A 152 -34.65 -3.77 -1.48
CA SER A 152 -35.12 -2.41 -1.51
C SER A 152 -34.96 -1.68 -0.22
N ASP A 153 -35.14 -2.38 0.88
CA ASP A 153 -34.95 -1.75 2.14
C ASP A 153 -33.60 -2.08 2.72
N GLY A 154 -32.77 -2.73 1.92
CA GLY A 154 -31.41 -3.00 2.27
C GLY A 154 -30.46 -2.05 1.60
N THR A 155 -30.98 -1.09 0.88
CA THR A 155 -30.18 -0.16 0.15
C THR A 155 -30.61 1.27 0.41
N ALA A 156 -29.71 2.19 0.19
CA ALA A 156 -30.01 3.59 0.36
C ALA A 156 -29.13 4.49 -0.45
N SER A 157 -29.56 5.72 -0.62
CA SER A 157 -28.82 6.74 -1.33
C SER A 157 -28.76 8.05 -0.58
N LYS A 158 -28.12 9.02 -1.17
CA LYS A 158 -27.93 10.32 -0.56
C LYS A 158 -29.26 10.97 -0.30
N THR A 159 -30.18 10.78 -1.22
CA THR A 159 -31.52 11.26 -1.06
C THR A 159 -32.50 10.17 -1.40
N GLU A 160 -33.68 10.30 -0.83
CA GLU A 160 -34.76 9.38 -1.04
C GLU A 160 -35.20 9.37 -2.47
N GLU A 161 -35.10 10.51 -3.11
CA GLU A 161 -35.38 10.60 -4.51
C GLU A 161 -34.42 9.76 -5.34
N MSE A 162 -33.14 9.82 -5.03
CA MSE A 162 -32.13 9.05 -5.72
C MSE A 162 -32.34 7.57 -5.53
O MSE A 162 -32.13 6.81 -6.43
CB MSE A 162 -30.74 9.39 -5.21
CG MSE A 162 -30.12 10.56 -5.84
SE MSE A 162 -28.38 10.99 -5.31
CE MSE A 162 -28.26 12.55 -6.26
N HIS A 163 -32.69 7.20 -4.33
CA HIS A 163 -32.91 5.83 -4.02
C HIS A 163 -34.05 5.25 -4.80
N GLU A 164 -35.15 5.95 -4.85
CA GLU A 164 -36.29 5.49 -5.59
C GLU A 164 -36.06 5.40 -7.07
N TYR A 165 -35.44 6.39 -7.65
CA TYR A 165 -35.10 6.24 -9.05
C TYR A 165 -34.04 5.18 -9.34
N GLY A 166 -33.16 4.95 -8.40
CA GLY A 166 -32.24 3.85 -8.45
C GLY A 166 -32.89 2.48 -8.40
N LEU A 167 -33.89 2.35 -7.55
CA LEU A 167 -34.67 1.14 -7.51
C LEU A 167 -35.36 0.94 -8.83
N ASN A 168 -35.78 2.02 -9.45
CA ASN A 168 -36.45 1.89 -10.70
C ASN A 168 -35.60 1.30 -11.79
N ASP A 169 -34.36 1.76 -11.92
CA ASP A 169 -33.41 1.23 -12.85
C ASP A 169 -33.08 -0.21 -12.53
N LEU A 170 -32.94 -0.51 -11.26
CA LEU A 170 -32.64 -1.84 -10.79
C LEU A 170 -33.73 -2.85 -11.09
N SER A 171 -34.97 -2.39 -11.06
CA SER A 171 -36.13 -3.21 -11.32
C SER A 171 -36.13 -3.66 -12.74
N ILE A 172 -35.49 -2.92 -13.61
CA ILE A 172 -35.41 -3.33 -14.98
C ILE A 172 -34.66 -4.63 -15.15
N PHE A 173 -33.58 -4.82 -14.44
CA PHE A 173 -32.78 -6.01 -14.64
C PHE A 173 -32.52 -6.90 -13.46
N THR A 174 -33.05 -6.54 -12.31
CA THR A 174 -32.87 -7.33 -11.12
C THR A 174 -34.20 -7.57 -10.49
N LYS A 175 -34.23 -8.51 -9.57
CA LYS A 175 -35.42 -8.76 -8.83
C LYS A 175 -35.39 -7.99 -7.55
N VAL A 176 -36.37 -7.14 -7.36
CA VAL A 176 -36.41 -6.29 -6.19
C VAL A 176 -37.38 -6.78 -5.15
N MSE A 177 -36.86 -6.94 -3.94
CA MSE A 177 -37.65 -7.42 -2.83
C MSE A 177 -37.12 -6.87 -1.53
O MSE A 177 -36.02 -6.45 -1.46
CB MSE A 177 -37.70 -8.94 -2.84
CG MSE A 177 -36.44 -9.68 -2.46
SE MSE A 177 -36.27 -11.47 -3.15
CE MSE A 177 -37.66 -12.28 -2.27
N THR A 178 -37.94 -6.86 -0.51
CA THR A 178 -37.56 -6.38 0.81
C THR A 178 -36.75 -7.39 1.57
N VAL A 179 -36.14 -6.96 2.65
CA VAL A 179 -35.33 -7.85 3.43
C VAL A 179 -36.15 -8.98 3.98
N ASP A 180 -37.33 -8.68 4.49
CA ASP A 180 -38.16 -9.71 5.05
C ASP A 180 -38.54 -10.73 4.02
N GLN A 181 -38.87 -10.29 2.83
CA GLN A 181 -39.26 -11.22 1.80
C GLN A 181 -38.14 -12.16 1.44
N TYR A 182 -36.93 -11.65 1.36
CA TYR A 182 -35.81 -12.47 1.00
C TYR A 182 -35.59 -13.52 2.04
N ILE A 183 -35.71 -13.13 3.29
CA ILE A 183 -35.60 -14.08 4.35
C ILE A 183 -36.71 -15.12 4.31
N GLN A 184 -37.93 -14.68 4.08
CA GLN A 184 -39.05 -15.60 4.04
C GLN A 184 -38.86 -16.56 2.90
N ALA A 185 -38.30 -16.09 1.82
CA ALA A 185 -38.16 -16.93 0.65
C ALA A 185 -37.28 -18.12 0.91
N TRP A 186 -36.33 -17.96 1.80
CA TRP A 186 -35.44 -19.03 2.13
C TRP A 186 -36.08 -19.98 3.13
N GLU A 187 -36.99 -19.46 3.95
CA GLU A 187 -37.66 -20.25 4.97
C GLU A 187 -38.39 -21.45 4.39
N ASN A 188 -39.12 -21.23 3.33
CA ASN A 188 -39.77 -22.31 2.64
C ASN A 188 -39.23 -23.65 3.11
N ALA B 6 -5.01 15.22 -26.94
CA ALA B 6 -6.45 15.06 -26.86
C ALA B 6 -6.96 14.25 -28.00
N LYS B 7 -7.45 13.05 -27.70
CA LYS B 7 -8.06 12.17 -28.66
C LYS B 7 -9.32 11.58 -28.07
N HIS B 8 -10.37 11.50 -28.86
CA HIS B 8 -11.69 11.15 -28.38
C HIS B 8 -12.31 10.05 -29.18
N ALA B 9 -13.14 9.28 -28.54
CA ALA B 9 -13.96 8.32 -29.21
C ALA B 9 -15.38 8.60 -28.86
N ILE B 10 -16.22 8.72 -29.86
CA ILE B 10 -17.61 8.88 -29.63
C ILE B 10 -18.23 7.55 -29.79
N LEU B 11 -18.86 7.07 -28.75
CA LEU B 11 -19.48 5.79 -28.78
C LEU B 11 -20.94 5.93 -29.09
N VAL B 12 -21.39 5.24 -30.11
CA VAL B 12 -22.79 5.31 -30.47
C VAL B 12 -23.45 4.03 -30.09
N ILE B 13 -24.31 4.08 -29.12
CA ILE B 13 -24.83 2.89 -28.53
C ILE B 13 -26.26 2.53 -28.92
N ASP B 14 -26.40 1.38 -29.54
CA ASP B 14 -27.65 0.72 -29.81
C ASP B 14 -28.66 1.53 -30.62
N MSE B 15 -28.20 2.27 -31.61
CA MSE B 15 -29.12 2.91 -32.51
C MSE B 15 -29.49 1.89 -33.58
O MSE B 15 -29.00 1.92 -34.66
CB MSE B 15 -28.50 4.15 -33.09
CG MSE B 15 -28.26 5.23 -32.08
SE MSE B 15 -29.78 5.79 -31.20
CE MSE B 15 -29.13 6.97 -30.01
N LEU B 16 -30.34 0.97 -33.21
CA LEU B 16 -30.60 -0.21 -33.98
C LEU B 16 -32.07 -0.36 -34.34
N ASN B 17 -32.33 -1.20 -35.32
CA ASN B 17 -33.61 -1.35 -35.92
C ASN B 17 -34.61 -1.82 -34.92
N ASP B 18 -34.16 -2.70 -34.05
CA ASP B 18 -34.98 -3.21 -33.00
C ASP B 18 -35.45 -2.11 -32.07
N PHE B 19 -34.63 -1.09 -31.90
CA PHE B 19 -34.84 -0.09 -30.87
C PHE B 19 -35.33 1.28 -31.28
N VAL B 20 -34.98 1.71 -32.46
CA VAL B 20 -35.29 3.05 -32.86
C VAL B 20 -36.19 3.07 -34.05
N GLY B 21 -37.22 3.90 -33.99
CA GLY B 21 -38.20 4.03 -35.06
C GLY B 21 -39.59 3.62 -34.69
N GLU B 22 -40.55 4.01 -35.51
CA GLU B 22 -41.97 3.82 -35.23
C GLU B 22 -42.34 2.36 -35.17
N LYS B 23 -41.77 1.58 -36.06
CA LYS B 23 -42.13 0.19 -36.14
C LYS B 23 -41.17 -0.76 -35.44
N ALA B 24 -40.27 -0.22 -34.65
CA ALA B 24 -39.37 -1.06 -33.87
C ALA B 24 -40.11 -1.85 -32.80
N PRO B 25 -39.82 -3.13 -32.78
CA PRO B 25 -40.40 -4.14 -31.91
C PRO B 25 -40.12 -3.94 -30.43
N LEU B 26 -39.02 -3.26 -30.13
CA LEU B 26 -38.66 -2.95 -28.78
C LEU B 26 -38.34 -1.48 -28.76
N ARG B 27 -39.34 -0.71 -29.12
CA ARG B 27 -39.15 0.68 -29.39
C ARG B 27 -38.73 1.46 -28.17
N CYS B 28 -37.68 2.25 -28.34
CA CYS B 28 -37.34 3.23 -27.37
C CYS B 28 -37.63 4.57 -28.00
N PRO B 29 -38.67 5.21 -27.52
CA PRO B 29 -39.26 6.37 -28.15
C PRO B 29 -38.30 7.52 -28.27
N GLY B 30 -37.42 7.65 -27.30
CA GLY B 30 -36.43 8.69 -27.25
C GLY B 30 -35.45 8.64 -28.40
N GLY B 31 -35.22 7.46 -28.92
CA GLY B 31 -34.23 7.28 -29.94
C GLY B 31 -34.50 8.06 -31.19
N GLU B 32 -35.75 8.16 -31.59
CA GLU B 32 -36.11 8.88 -32.78
C GLU B 32 -35.78 10.34 -32.61
N THR B 33 -35.94 10.83 -31.41
CA THR B 33 -35.74 12.22 -31.16
C THR B 33 -34.32 12.69 -31.40
N ILE B 34 -33.35 11.83 -31.18
CA ILE B 34 -31.97 12.25 -31.24
C ILE B 34 -31.31 12.04 -32.58
N ILE B 35 -32.03 11.47 -33.52
CA ILE B 35 -31.42 11.08 -34.74
C ILE B 35 -30.82 12.24 -35.51
N PRO B 36 -31.50 13.36 -35.54
CA PRO B 36 -30.97 14.55 -36.20
C PRO B 36 -29.72 15.04 -35.53
N ASP B 37 -29.72 15.06 -34.22
CA ASP B 37 -28.55 15.48 -33.51
C ASP B 37 -27.37 14.57 -33.78
N LEU B 38 -27.59 13.28 -33.80
CA LEU B 38 -26.51 12.35 -34.07
C LEU B 38 -26.01 12.51 -35.47
N GLN B 39 -26.93 12.74 -36.39
CA GLN B 39 -26.60 12.92 -37.77
C GLN B 39 -25.70 14.09 -37.93
N LYS B 40 -25.95 15.11 -37.13
CA LYS B 40 -25.14 16.28 -37.16
C LYS B 40 -23.75 15.86 -36.77
N ILE B 41 -23.67 15.12 -35.69
CA ILE B 41 -22.41 14.70 -35.14
C ILE B 41 -21.68 13.83 -36.12
N PHE B 42 -22.37 12.95 -36.79
CA PHE B 42 -21.69 12.10 -37.72
C PHE B 42 -21.07 12.90 -38.85
N GLU B 43 -21.82 13.81 -39.44
CA GLU B 43 -21.28 14.59 -40.54
C GLU B 43 -20.13 15.42 -40.07
N TRP B 44 -20.25 16.01 -38.90
CA TRP B 44 -19.18 16.86 -38.46
C TRP B 44 -17.90 16.11 -38.29
N VAL B 45 -17.98 14.96 -37.64
CA VAL B 45 -16.81 14.15 -37.42
C VAL B 45 -16.26 13.60 -38.72
N ARG B 46 -17.14 13.10 -39.56
CA ARG B 46 -16.72 12.47 -40.79
C ARG B 46 -16.05 13.46 -41.71
N GLY B 47 -16.41 14.72 -41.55
CA GLY B 47 -15.87 15.74 -42.39
C GLY B 47 -14.68 16.41 -41.79
N ARG B 48 -14.37 16.07 -40.56
CA ARG B 48 -13.35 16.80 -39.86
C ARG B 48 -11.98 16.50 -40.40
N GLU B 49 -11.04 17.37 -40.12
CA GLU B 49 -9.70 17.16 -40.61
C GLU B 49 -8.83 16.46 -39.59
N GLY B 50 -8.28 15.32 -39.97
CA GLY B 50 -7.47 14.54 -39.04
C GLY B 50 -8.27 13.47 -38.33
N ASP B 51 -7.66 12.86 -37.32
CA ASP B 51 -8.26 11.76 -36.59
C ASP B 51 -8.25 11.99 -35.13
N ASP B 52 -8.50 13.21 -34.72
CA ASP B 52 -8.63 13.54 -33.33
C ASP B 52 -9.87 12.91 -32.71
N ILE B 53 -10.83 12.53 -33.53
CA ILE B 53 -12.04 11.95 -33.04
C ILE B 53 -12.42 10.71 -33.81
N HIS B 54 -12.78 9.66 -33.12
CA HIS B 54 -13.21 8.46 -33.78
C HIS B 54 -14.65 8.22 -33.48
N LEU B 55 -15.30 7.56 -34.41
CA LEU B 55 -16.65 7.10 -34.26
C LEU B 55 -16.64 5.60 -34.09
N VAL B 56 -17.20 5.14 -32.99
CA VAL B 56 -17.28 3.72 -32.69
C VAL B 56 -18.73 3.35 -32.54
N HIS B 57 -19.15 2.30 -33.22
CA HIS B 57 -20.52 1.91 -33.21
C HIS B 57 -20.72 0.66 -32.42
N ILE B 58 -21.62 0.69 -31.47
CA ILE B 58 -21.80 -0.43 -30.59
C ILE B 58 -23.16 -1.07 -30.76
N GLN B 59 -23.20 -2.33 -31.11
CA GLN B 59 -24.46 -3.00 -31.32
C GLN B 59 -24.70 -4.20 -30.45
N GLU B 60 -25.84 -4.25 -29.81
CA GLU B 60 -26.24 -5.41 -29.06
C GLU B 60 -26.42 -6.53 -30.04
N ALA B 61 -25.84 -7.66 -29.75
CA ALA B 61 -25.93 -8.80 -30.61
C ALA B 61 -26.00 -10.10 -29.86
N HIS B 62 -27.15 -10.45 -29.33
CA HIS B 62 -27.27 -11.64 -28.51
C HIS B 62 -27.20 -12.93 -29.30
N ARG B 63 -26.90 -14.01 -28.61
CA ARG B 63 -26.92 -15.33 -29.21
C ARG B 63 -28.35 -15.74 -29.49
N LYS B 64 -28.53 -16.64 -30.45
CA LYS B 64 -29.85 -17.11 -30.86
C LYS B 64 -30.50 -18.14 -29.96
N ASN B 65 -31.72 -18.49 -30.31
CA ASN B 65 -32.51 -19.59 -29.73
C ASN B 65 -33.01 -19.40 -28.31
N ARG B 70 -39.38 -20.70 -26.98
CA ARG B 70 -40.18 -20.17 -25.89
C ARG B 70 -39.39 -19.25 -24.98
N VAL B 71 -38.70 -18.28 -25.58
CA VAL B 71 -37.93 -17.30 -24.83
C VAL B 71 -38.38 -15.92 -25.21
N ARG B 72 -38.54 -15.05 -24.23
CA ARG B 72 -39.05 -13.74 -24.49
C ARG B 72 -38.05 -12.96 -25.26
N PRO B 73 -38.50 -12.36 -26.34
CA PRO B 73 -37.61 -11.68 -27.28
C PRO B 73 -37.30 -10.27 -26.86
N LEU B 74 -36.53 -10.13 -25.80
CA LEU B 74 -36.27 -8.84 -25.23
C LEU B 74 -34.94 -8.25 -25.66
N HIS B 75 -34.23 -8.91 -26.54
CA HIS B 75 -32.92 -8.45 -27.01
C HIS B 75 -32.71 -8.58 -28.50
N ALA B 76 -31.89 -7.72 -29.05
CA ALA B 76 -31.46 -7.82 -30.42
C ALA B 76 -30.48 -8.96 -30.67
N VAL B 77 -30.78 -9.74 -31.69
CA VAL B 77 -30.07 -10.95 -31.99
C VAL B 77 -29.06 -10.79 -33.10
N LYS B 78 -27.93 -11.43 -32.95
CA LYS B 78 -26.83 -11.30 -33.89
C LYS B 78 -27.25 -11.76 -35.26
N GLY B 79 -26.97 -10.92 -36.23
CA GLY B 79 -27.18 -11.22 -37.63
C GLY B 79 -28.57 -10.91 -38.15
N THR B 80 -29.50 -10.61 -37.27
CA THR B 80 -30.82 -10.19 -37.64
C THR B 80 -30.88 -8.74 -38.01
N TRP B 81 -31.97 -8.36 -38.63
CA TRP B 81 -32.27 -7.01 -39.01
C TRP B 81 -32.39 -6.12 -37.78
N GLY B 82 -32.97 -6.66 -36.73
CA GLY B 82 -33.14 -5.93 -35.49
C GLY B 82 -31.84 -5.50 -34.86
N SER B 83 -30.85 -6.36 -34.95
CA SER B 83 -29.50 -6.08 -34.51
C SER B 83 -28.77 -5.00 -35.28
N ASP B 84 -29.06 -4.86 -36.56
CA ASP B 84 -28.36 -3.95 -37.44
C ASP B 84 -28.62 -2.49 -37.17
N PHE B 85 -27.69 -1.65 -37.54
CA PHE B 85 -27.81 -0.24 -37.34
C PHE B 85 -28.91 0.39 -38.22
N ILE B 86 -29.56 1.45 -37.75
CA ILE B 86 -30.46 2.22 -38.58
C ILE B 86 -29.69 2.96 -39.65
N PRO B 87 -30.30 3.09 -40.81
CA PRO B 87 -29.65 3.59 -42.00
C PRO B 87 -29.20 5.02 -41.80
N GLU B 88 -29.98 5.72 -41.04
CA GLU B 88 -29.78 7.10 -40.86
C GLU B 88 -28.45 7.28 -40.22
N LEU B 89 -28.09 6.30 -39.40
CA LEU B 89 -26.88 6.37 -38.60
C LEU B 89 -25.92 5.25 -38.91
N TYR B 90 -25.97 4.74 -40.11
CA TYR B 90 -25.17 3.59 -40.48
C TYR B 90 -23.68 3.87 -40.52
N PRO B 91 -22.90 2.85 -40.16
CA PRO B 91 -21.46 2.95 -40.11
C PRO B 91 -20.78 3.03 -41.46
N GLN B 92 -19.72 3.82 -41.56
CA GLN B 92 -18.90 3.89 -42.75
C GLN B 92 -17.62 3.11 -42.55
N GLU B 93 -17.02 2.65 -43.63
CA GLU B 93 -16.11 1.52 -43.63
C GLU B 93 -14.89 1.63 -42.72
N ASP B 94 -14.44 2.84 -42.44
CA ASP B 94 -13.29 3.04 -41.58
C ASP B 94 -13.65 2.99 -40.10
N GLU B 95 -14.90 2.83 -39.78
CA GLU B 95 -15.33 3.09 -38.44
C GLU B 95 -15.57 1.79 -37.71
N TYR B 96 -14.93 1.65 -36.54
CA TYR B 96 -14.96 0.43 -35.76
C TYR B 96 -16.30 0.09 -35.19
N ILE B 97 -16.63 -1.18 -35.25
CA ILE B 97 -17.87 -1.70 -34.74
C ILE B 97 -17.66 -2.74 -33.64
N VAL B 98 -18.41 -2.62 -32.58
CA VAL B 98 -18.38 -3.58 -31.49
C VAL B 98 -19.72 -4.21 -31.23
N GLN B 99 -19.76 -5.52 -31.23
CA GLN B 99 -20.91 -6.23 -30.77
C GLN B 99 -20.76 -6.65 -29.32
N LYS B 100 -21.82 -6.50 -28.57
CA LYS B 100 -21.86 -6.78 -27.17
C LYS B 100 -23.05 -7.67 -26.85
N ARG B 101 -22.89 -8.51 -25.85
CA ARG B 101 -23.92 -9.42 -25.43
C ARG B 101 -24.47 -9.06 -24.07
N ARG B 102 -24.00 -7.98 -23.49
CA ARG B 102 -24.40 -7.55 -22.16
C ARG B 102 -24.57 -6.07 -22.22
N HIS B 103 -24.92 -5.43 -21.13
CA HIS B 103 -25.27 -4.02 -21.22
C HIS B 103 -24.16 -3.12 -21.69
N SER B 104 -23.00 -3.24 -21.08
CA SER B 104 -21.86 -2.40 -21.39
C SER B 104 -21.16 -2.69 -22.69
N GLY B 105 -20.69 -1.65 -23.31
CA GLY B 105 -19.84 -1.71 -24.48
C GLY B 105 -18.52 -2.36 -24.22
N PHE B 106 -18.10 -2.26 -22.98
CA PHE B 106 -16.90 -2.89 -22.55
C PHE B 106 -17.01 -4.33 -22.12
N ALA B 107 -18.18 -4.85 -21.85
CA ALA B 107 -18.24 -6.13 -21.22
C ALA B 107 -18.10 -7.29 -22.19
N HIS B 108 -17.02 -8.04 -21.99
CA HIS B 108 -16.60 -9.14 -22.85
C HIS B 108 -16.36 -8.74 -24.28
N THR B 109 -15.85 -7.56 -24.47
CA THR B 109 -15.60 -7.00 -25.77
C THR B 109 -14.15 -6.56 -25.89
N ASP B 110 -13.80 -6.14 -27.08
CA ASP B 110 -12.52 -5.61 -27.35
C ASP B 110 -12.49 -4.09 -27.40
N LEU B 111 -13.46 -3.45 -26.79
CA LEU B 111 -13.52 -2.01 -26.80
C LEU B 111 -12.38 -1.30 -26.10
N ASP B 112 -12.00 -1.76 -24.92
CA ASP B 112 -10.89 -1.18 -24.18
C ASP B 112 -9.63 -1.29 -24.98
N LEU B 113 -9.38 -2.43 -25.58
CA LEU B 113 -8.18 -2.65 -26.38
C LEU B 113 -8.09 -1.71 -27.58
N TYR B 114 -9.20 -1.47 -28.25
CA TYR B 114 -9.27 -0.50 -29.29
C TYR B 114 -8.98 0.90 -28.81
N LEU B 115 -9.52 1.28 -27.69
CA LEU B 115 -9.24 2.59 -27.19
C LEU B 115 -7.77 2.76 -26.81
N LYS B 116 -7.19 1.75 -26.19
CA LYS B 116 -5.80 1.74 -25.82
C LYS B 116 -4.97 1.78 -27.08
N GLU B 117 -5.38 1.02 -28.07
CA GLU B 117 -4.68 0.90 -29.32
C GLU B 117 -4.59 2.21 -30.05
N GLU B 118 -5.67 2.96 -30.02
CA GLU B 118 -5.77 4.20 -30.69
C GLU B 118 -5.33 5.35 -29.82
N GLY B 119 -4.91 5.07 -28.62
CA GLY B 119 -4.51 6.15 -27.76
C GLY B 119 -5.57 7.16 -27.45
N ILE B 120 -6.77 6.68 -27.20
CA ILE B 120 -7.90 7.51 -26.91
C ILE B 120 -8.00 7.70 -25.44
N ASP B 121 -8.16 8.93 -25.01
CA ASP B 121 -8.18 9.24 -23.61
C ASP B 121 -9.52 9.70 -23.08
N THR B 122 -10.43 10.02 -23.98
CA THR B 122 -11.75 10.45 -23.62
C THR B 122 -12.79 9.72 -24.43
N VAL B 123 -13.88 9.33 -23.80
CA VAL B 123 -14.99 8.77 -24.52
C VAL B 123 -16.21 9.64 -24.40
N VAL B 124 -16.92 9.80 -25.50
CA VAL B 124 -18.09 10.62 -25.50
C VAL B 124 -19.27 9.78 -25.90
N LEU B 125 -20.33 9.89 -25.13
CA LEU B 125 -21.39 8.94 -25.17
C LEU B 125 -22.64 9.42 -25.87
N THR B 126 -23.16 8.60 -26.74
CA THR B 126 -24.42 8.86 -27.41
C THR B 126 -25.21 7.57 -27.60
N GLY B 127 -26.50 7.66 -27.85
CA GLY B 127 -27.28 6.47 -27.99
C GLY B 127 -28.27 6.27 -26.89
N VAL B 128 -28.69 5.05 -26.73
CA VAL B 128 -29.85 4.70 -25.97
C VAL B 128 -29.59 3.41 -25.14
N TRP B 129 -30.21 3.18 -23.98
CA TRP B 129 -30.93 4.12 -23.17
C TRP B 129 -29.99 4.83 -22.26
N THR B 130 -30.34 6.03 -21.87
CA THR B 130 -29.48 6.82 -21.06
C THR B 130 -29.18 6.17 -19.72
N ASN B 131 -30.20 5.62 -19.09
CA ASN B 131 -30.07 5.07 -17.79
C ASN B 131 -29.70 3.62 -17.78
N VAL B 132 -29.55 3.02 -18.93
CA VAL B 132 -29.21 1.62 -18.94
C VAL B 132 -27.90 1.34 -19.63
N CYS B 133 -27.94 1.02 -20.90
CA CYS B 133 -26.74 0.73 -21.63
C CYS B 133 -25.79 1.87 -21.77
N VAL B 134 -26.27 3.08 -21.93
CA VAL B 134 -25.41 4.23 -21.92
C VAL B 134 -24.77 4.43 -20.55
N ARG B 135 -25.54 4.28 -19.49
CA ARG B 135 -24.96 4.43 -18.19
C ARG B 135 -23.89 3.38 -17.90
N SER B 136 -24.16 2.15 -18.27
CA SER B 136 -23.29 1.06 -18.00
C SER B 136 -21.97 1.17 -18.72
N THR B 137 -22.02 1.59 -19.97
CA THR B 137 -20.85 1.90 -20.73
C THR B 137 -20.07 3.03 -20.13
N ALA B 138 -20.76 4.05 -19.67
CA ALA B 138 -20.07 5.16 -19.05
C ALA B 138 -19.34 4.76 -17.77
N THR B 139 -19.97 3.95 -16.96
CA THR B 139 -19.37 3.52 -15.73
C THR B 139 -18.12 2.72 -15.98
N ASP B 140 -18.15 1.85 -16.95
CA ASP B 140 -17.01 1.06 -17.34
C ASP B 140 -15.85 1.87 -17.88
N ALA B 141 -16.14 2.92 -18.62
CA ALA B 141 -15.11 3.77 -19.16
C ALA B 141 -14.32 4.45 -18.07
N LEU B 142 -15.02 4.97 -17.10
CA LEU B 142 -14.44 5.58 -15.94
C LEU B 142 -13.62 4.59 -15.14
N ALA B 143 -14.12 3.37 -15.03
CA ALA B 143 -13.45 2.29 -14.35
C ALA B 143 -12.17 1.91 -15.04
N ASN B 144 -12.09 2.24 -16.31
CA ASN B 144 -10.93 1.96 -17.06
C ASN B 144 -10.10 3.20 -17.30
N ALA B 145 -10.35 4.22 -16.52
CA ALA B 145 -9.54 5.41 -16.48
C ALA B 145 -9.68 6.34 -17.67
N TYR B 146 -10.73 6.20 -18.43
CA TYR B 146 -11.05 7.14 -19.46
C TYR B 146 -11.74 8.33 -18.87
N LYS B 147 -11.56 9.48 -19.45
CA LYS B 147 -12.41 10.58 -19.15
C LYS B 147 -13.69 10.38 -19.89
N VAL B 148 -14.77 10.80 -19.29
CA VAL B 148 -16.07 10.59 -19.88
C VAL B 148 -16.92 11.85 -20.10
N ILE B 149 -17.45 11.96 -21.30
CA ILE B 149 -18.41 12.99 -21.65
C ILE B 149 -19.73 12.41 -22.07
N THR B 150 -20.82 12.96 -21.54
CA THR B 150 -22.14 12.53 -21.92
C THR B 150 -22.85 13.63 -22.66
N LEU B 151 -23.37 13.30 -23.83
CA LEU B 151 -24.03 14.28 -24.65
C LEU B 151 -25.51 14.25 -24.38
N SER B 152 -26.01 15.29 -23.74
CA SER B 152 -27.36 15.33 -23.24
C SER B 152 -28.41 15.29 -24.30
N ASP B 153 -28.16 15.92 -25.42
CA ASP B 153 -29.11 15.87 -26.48
C ASP B 153 -28.67 14.87 -27.50
N GLY B 154 -27.64 14.16 -27.17
CA GLY B 154 -27.21 13.02 -27.94
C GLY B 154 -27.63 11.69 -27.39
N THR B 155 -28.29 11.67 -26.25
CA THR B 155 -28.66 10.44 -25.58
C THR B 155 -30.14 10.47 -25.30
N ALA B 156 -30.77 9.34 -25.14
CA ALA B 156 -32.18 9.31 -24.88
C ALA B 156 -32.57 8.04 -24.21
N SER B 157 -33.78 7.99 -23.70
CA SER B 157 -34.29 6.80 -23.06
C SER B 157 -35.73 6.57 -23.40
N LYS B 158 -36.32 5.56 -22.81
CA LYS B 158 -37.66 5.15 -23.12
C LYS B 158 -38.63 6.25 -22.78
N THR B 159 -38.35 6.93 -21.69
CA THR B 159 -39.17 8.01 -21.23
C THR B 159 -38.27 9.17 -20.93
N GLU B 160 -38.83 10.36 -20.95
CA GLU B 160 -38.09 11.55 -20.65
C GLU B 160 -37.63 11.62 -19.22
N GLU B 161 -38.43 11.09 -18.32
CA GLU B 161 -38.04 11.05 -16.93
C GLU B 161 -36.82 10.17 -16.70
N MSE B 162 -36.76 9.03 -17.40
CA MSE B 162 -35.64 8.13 -17.28
C MSE B 162 -34.37 8.83 -17.76
O MSE B 162 -33.35 8.74 -17.15
CB MSE B 162 -35.87 6.89 -18.11
CG MSE B 162 -36.61 5.80 -17.43
SE MSE B 162 -36.69 4.18 -18.37
CE MSE B 162 -37.47 3.21 -17.07
N HIS B 163 -34.51 9.53 -18.86
CA HIS B 163 -33.42 10.25 -19.39
C HIS B 163 -32.96 11.31 -18.46
N GLU B 164 -33.88 12.03 -17.86
CA GLU B 164 -33.53 13.10 -16.98
C GLU B 164 -32.80 12.64 -15.76
N TYR B 165 -33.29 11.64 -15.07
CA TYR B 165 -32.58 11.11 -13.94
C TYR B 165 -31.34 10.37 -14.36
N GLY B 166 -31.35 9.89 -15.58
CA GLY B 166 -30.20 9.26 -16.15
C GLY B 166 -29.05 10.21 -16.25
N LEU B 167 -29.32 11.40 -16.73
CA LEU B 167 -28.36 12.48 -16.79
C LEU B 167 -27.90 12.90 -15.42
N ASN B 168 -28.77 12.83 -14.45
CA ASN B 168 -28.44 13.20 -13.12
C ASN B 168 -27.34 12.37 -12.54
N ASP B 169 -27.45 11.07 -12.72
CA ASP B 169 -26.43 10.16 -12.32
C ASP B 169 -25.13 10.33 -13.10
N LEU B 170 -25.25 10.52 -14.40
CA LEU B 170 -24.11 10.68 -15.24
C LEU B 170 -23.32 11.94 -14.89
N SER B 171 -24.03 12.95 -14.47
CA SER B 171 -23.41 14.18 -14.13
C SER B 171 -22.56 14.00 -12.93
N ILE B 172 -22.79 12.95 -12.18
CA ILE B 172 -21.99 12.74 -11.00
C ILE B 172 -20.53 12.51 -11.30
N PHE B 173 -20.26 11.71 -12.31
CA PHE B 173 -18.90 11.38 -12.64
C PHE B 173 -18.55 11.63 -14.09
N THR B 174 -19.33 12.44 -14.74
CA THR B 174 -19.18 12.63 -16.15
C THR B 174 -19.39 14.08 -16.49
N LYS B 175 -18.79 14.54 -17.56
CA LYS B 175 -19.08 15.87 -18.00
C LYS B 175 -20.22 15.83 -18.98
N VAL B 176 -21.31 16.49 -18.65
CA VAL B 176 -22.50 16.49 -19.46
C VAL B 176 -22.61 17.77 -20.22
N MSE B 177 -22.75 17.68 -21.52
CA MSE B 177 -22.87 18.85 -22.35
C MSE B 177 -23.67 18.52 -23.58
O MSE B 177 -23.88 17.39 -23.88
CB MSE B 177 -21.49 19.43 -22.71
CG MSE B 177 -20.77 18.71 -23.80
SE MSE B 177 -18.86 18.86 -23.79
CE MSE B 177 -18.66 20.07 -22.44
N THR B 178 -24.14 19.54 -24.26
CA THR B 178 -24.90 19.37 -25.47
C THR B 178 -24.01 19.10 -26.62
N VAL B 179 -24.60 18.69 -27.72
CA VAL B 179 -23.86 18.38 -28.92
C VAL B 179 -23.16 19.57 -29.49
N ASP B 180 -23.84 20.70 -29.53
CA ASP B 180 -23.23 21.91 -30.02
C ASP B 180 -22.09 22.36 -29.17
N GLN B 181 -22.23 22.22 -27.87
CA GLN B 181 -21.17 22.63 -27.01
C GLN B 181 -19.93 21.82 -27.26
N TYR B 182 -20.08 20.54 -27.48
CA TYR B 182 -18.97 19.66 -27.73
C TYR B 182 -18.27 19.99 -29.01
N ILE B 183 -19.03 20.14 -30.08
CA ILE B 183 -18.45 20.52 -31.34
C ILE B 183 -17.82 21.89 -31.22
N GLN B 184 -18.54 22.77 -30.59
CA GLN B 184 -18.07 24.12 -30.44
C GLN B 184 -16.78 24.06 -29.68
N ALA B 185 -16.69 23.17 -28.72
CA ALA B 185 -15.49 23.12 -27.92
C ALA B 185 -14.30 22.63 -28.69
N TRP B 186 -14.50 22.05 -29.84
CA TRP B 186 -13.37 21.65 -30.63
C TRP B 186 -12.93 22.79 -31.55
N GLU B 187 -13.15 24.02 -31.11
CA GLU B 187 -12.68 25.22 -31.80
C GLU B 187 -12.14 26.23 -30.81
N TYR C 1 11.43 2.62 -26.98
CA TYR C 1 11.18 1.88 -25.77
C TYR C 1 11.67 2.73 -24.64
N PHE C 2 12.76 3.43 -24.90
CA PHE C 2 13.35 4.32 -23.94
C PHE C 2 13.21 5.75 -24.45
N GLN C 3 12.32 5.91 -25.41
CA GLN C 3 12.19 7.11 -26.18
C GLN C 3 11.34 8.19 -25.58
N GLY C 4 11.94 9.07 -24.79
CA GLY C 4 11.44 10.41 -24.56
C GLY C 4 10.16 10.54 -23.79
N MSE C 5 9.12 9.98 -24.36
CA MSE C 5 7.81 9.96 -23.74
C MSE C 5 7.58 8.72 -22.89
O MSE C 5 6.60 8.60 -22.21
CB MSE C 5 6.74 10.01 -24.83
N ALA C 6 8.51 7.78 -22.95
CA ALA C 6 8.35 6.53 -22.26
C ALA C 6 8.31 6.66 -20.75
N LYS C 7 7.40 5.92 -20.15
CA LYS C 7 7.30 5.79 -18.74
C LYS C 7 7.25 4.33 -18.51
N HIS C 8 7.99 3.84 -17.53
CA HIS C 8 8.18 2.42 -17.34
C HIS C 8 7.77 1.97 -15.98
N ALA C 9 7.29 0.74 -15.89
CA ALA C 9 7.13 0.08 -14.62
C ALA C 9 7.88 -1.21 -14.59
N ILE C 10 8.62 -1.42 -13.52
CA ILE C 10 9.31 -2.66 -13.33
C ILE C 10 8.49 -3.47 -12.41
N LEU C 11 8.12 -4.65 -12.85
CA LEU C 11 7.35 -5.52 -12.04
C LEU C 11 8.23 -6.58 -11.41
N VAL C 12 8.15 -6.70 -10.10
CA VAL C 12 8.90 -7.67 -9.35
C VAL C 12 7.95 -8.71 -8.81
N ILE C 13 8.03 -9.93 -9.29
CA ILE C 13 7.31 -10.90 -9.19
CA ILE C 13 7.32 -10.92 -9.21
C ILE C 13 7.93 -11.95 -8.19
N ASP C 14 7.13 -12.05 -7.15
CA ASP C 14 7.14 -13.10 -6.18
C ASP C 14 8.44 -13.34 -5.47
N MSE C 15 9.13 -12.28 -5.13
CA MSE C 15 10.35 -12.40 -4.36
C MSE C 15 10.01 -12.42 -2.86
O MSE C 15 10.23 -11.49 -2.17
CB MSE C 15 11.34 -11.31 -4.73
CG MSE C 15 11.84 -11.35 -6.16
SE MSE C 15 12.72 -12.86 -6.80
CE MSE C 15 14.27 -12.69 -5.85
N LEU C 16 9.48 -13.53 -2.43
CA LEU C 16 8.85 -13.67 -1.17
C LEU C 16 9.57 -14.68 -0.30
N ASN C 17 9.32 -14.64 0.99
CA ASN C 17 10.03 -15.48 1.92
C ASN C 17 9.82 -16.94 1.60
N ASP C 18 8.64 -17.30 1.17
CA ASP C 18 8.36 -18.67 0.86
C ASP C 18 9.19 -19.23 -0.27
N PHE C 19 9.56 -18.38 -1.20
CA PHE C 19 10.20 -18.78 -2.42
C PHE C 19 11.69 -18.57 -2.53
N VAL C 20 12.22 -17.59 -1.83
CA VAL C 20 13.58 -17.25 -2.01
C VAL C 20 14.48 -17.49 -0.81
N GLY C 21 15.47 -18.35 -0.99
CA GLY C 21 16.44 -18.62 0.05
C GLY C 21 16.77 -20.06 0.18
N GLU C 22 17.89 -20.36 0.80
CA GLU C 22 18.39 -21.72 0.89
C GLU C 22 17.37 -22.57 1.59
N LYS C 23 16.75 -21.97 2.59
CA LYS C 23 15.85 -22.70 3.44
C LYS C 23 14.40 -22.41 3.27
N ALA C 24 14.01 -21.73 2.19
CA ALA C 24 12.63 -21.47 1.93
C ALA C 24 11.87 -22.75 1.69
N PRO C 25 10.69 -22.82 2.27
CA PRO C 25 9.84 -23.98 2.24
C PRO C 25 9.41 -24.33 0.84
N LEU C 26 9.22 -23.32 0.01
CA LEU C 26 8.85 -23.49 -1.37
C LEU C 26 9.94 -22.95 -2.25
N ARG C 27 11.16 -23.27 -1.93
CA ARG C 27 12.27 -22.61 -2.56
C ARG C 27 12.32 -22.78 -4.06
N CYS C 28 12.59 -21.68 -4.73
CA CYS C 28 12.96 -21.71 -6.11
C CYS C 28 14.42 -21.30 -6.12
N PRO C 29 15.28 -22.23 -6.43
CA PRO C 29 16.71 -22.09 -6.23
C PRO C 29 17.27 -20.93 -6.99
N GLY C 30 16.64 -20.64 -8.11
CA GLY C 30 17.02 -19.54 -8.95
C GLY C 30 16.90 -18.20 -8.29
N GLY C 31 15.95 -18.05 -7.39
CA GLY C 31 15.62 -16.75 -6.84
C GLY C 31 16.73 -16.08 -6.09
N GLU C 32 17.47 -16.86 -5.33
CA GLU C 32 18.61 -16.35 -4.59
C GLU C 32 19.70 -15.78 -5.49
N THR C 33 19.90 -16.37 -6.65
CA THR C 33 20.89 -15.89 -7.59
C THR C 33 20.68 -14.49 -8.15
N ILE C 34 19.45 -14.06 -8.30
CA ILE C 34 19.20 -12.75 -8.85
C ILE C 34 19.12 -11.64 -7.83
N ILE C 35 19.28 -11.93 -6.56
CA ILE C 35 19.05 -10.90 -5.57
C ILE C 35 19.96 -9.70 -5.70
N PRO C 36 21.24 -9.89 -5.95
CA PRO C 36 22.13 -8.75 -6.10
C PRO C 36 21.80 -7.88 -7.29
N ASP C 37 21.49 -8.46 -8.43
CA ASP C 37 21.13 -7.67 -9.59
C ASP C 37 19.88 -6.84 -9.36
N LEU C 38 18.87 -7.43 -8.74
CA LEU C 38 17.66 -6.70 -8.42
C LEU C 38 17.93 -5.58 -7.43
N GLN C 39 18.79 -5.83 -6.47
CA GLN C 39 19.16 -4.80 -5.54
C GLN C 39 19.82 -3.65 -6.28
N LYS C 40 20.65 -3.95 -7.26
CA LYS C 40 21.26 -2.91 -8.03
C LYS C 40 20.20 -2.11 -8.75
N ILE C 41 19.25 -2.78 -9.34
CA ILE C 41 18.17 -2.10 -9.99
C ILE C 41 17.29 -1.30 -9.03
N PHE C 42 17.01 -1.82 -7.84
CA PHE C 42 16.20 -1.10 -6.88
C PHE C 42 16.92 0.18 -6.48
N GLU C 43 18.21 0.08 -6.24
CA GLU C 43 19.01 1.24 -5.85
C GLU C 43 19.01 2.28 -6.93
N TRP C 44 19.15 1.85 -8.16
CA TRP C 44 19.21 2.76 -9.26
C TRP C 44 17.92 3.51 -9.45
N VAL C 45 16.81 2.79 -9.46
CA VAL C 45 15.53 3.42 -9.63
C VAL C 45 15.20 4.39 -8.52
N ARG C 46 15.42 3.96 -7.30
CA ARG C 46 15.10 4.78 -6.16
C ARG C 46 15.92 6.04 -6.20
N GLY C 47 17.14 5.90 -6.69
CA GLY C 47 18.09 6.97 -6.92
C GLY C 47 17.76 7.99 -7.97
N ARG C 48 17.10 7.56 -9.02
CA ARG C 48 16.88 8.40 -10.16
C ARG C 48 16.06 9.62 -9.87
N GLU C 49 16.43 10.73 -10.46
CA GLU C 49 15.63 11.93 -10.41
C GLU C 49 14.48 11.73 -11.32
N GLY C 50 13.32 12.27 -10.99
CA GLY C 50 12.19 12.11 -11.87
C GLY C 50 11.37 10.88 -11.64
N ASP C 51 10.36 10.71 -12.48
CA ASP C 51 9.41 9.66 -12.32
C ASP C 51 9.21 8.77 -13.51
N ASP C 52 10.21 8.63 -14.34
CA ASP C 52 10.11 7.81 -15.52
C ASP C 52 9.97 6.32 -15.28
N ILE C 53 10.43 5.84 -14.15
CA ILE C 53 10.36 4.43 -13.86
C ILE C 53 9.79 4.17 -12.51
N HIS C 54 8.84 3.25 -12.44
CA HIS C 54 8.19 2.91 -11.20
C HIS C 54 8.53 1.52 -10.81
N LEU C 55 8.59 1.27 -9.52
CA LEU C 55 8.75 -0.07 -9.03
C LEU C 55 7.41 -0.56 -8.55
N VAL C 56 6.96 -1.68 -9.06
CA VAL C 56 5.74 -2.28 -8.61
C VAL C 56 6.00 -3.68 -8.10
N HIS C 57 5.62 -3.94 -6.87
CA HIS C 57 5.87 -5.20 -6.22
C HIS C 57 4.66 -6.11 -6.20
N ILE C 58 4.84 -7.32 -6.71
CA ILE C 58 3.74 -8.25 -6.87
C ILE C 58 3.93 -9.51 -6.03
N GLN C 59 2.97 -9.80 -5.17
CA GLN C 59 3.02 -10.95 -4.28
C GLN C 59 1.84 -11.89 -4.41
N GLU C 60 2.13 -13.16 -4.50
CA GLU C 60 1.11 -14.16 -4.37
C GLU C 60 0.52 -14.10 -2.98
N ALA C 61 -0.79 -14.03 -2.92
CA ALA C 61 -1.49 -13.97 -1.67
C ALA C 61 -2.77 -14.77 -1.68
N HIS C 62 -2.67 -16.08 -1.61
CA HIS C 62 -3.82 -16.94 -1.71
C HIS C 62 -4.72 -16.85 -0.53
N ARG C 63 -5.98 -17.12 -0.71
CA ARG C 63 -6.85 -17.05 0.42
C ARG C 63 -6.87 -18.34 1.19
N LYS C 64 -7.23 -18.27 2.45
CA LYS C 64 -7.28 -19.45 3.28
C LYS C 64 -8.37 -20.44 2.85
N PRO C 73 -0.02 -28.43 -3.43
CA PRO C 73 -0.99 -27.37 -3.26
C PRO C 73 -0.46 -26.38 -2.25
N LEU C 74 0.81 -26.48 -1.95
CA LEU C 74 1.36 -25.64 -0.93
C LEU C 74 1.61 -24.31 -1.62
N HIS C 75 1.11 -23.25 -1.01
CA HIS C 75 1.18 -21.96 -1.64
C HIS C 75 1.24 -20.88 -0.60
N ALA C 76 1.52 -19.66 -0.99
CA ALA C 76 1.71 -18.59 -0.06
C ALA C 76 0.42 -17.85 0.24
N VAL C 77 -0.04 -18.04 1.45
CA VAL C 77 -1.27 -17.50 1.93
C VAL C 77 -1.14 -16.08 2.33
N LYS C 78 -2.16 -15.33 2.05
CA LYS C 78 -2.19 -13.95 2.40
C LYS C 78 -2.07 -13.70 3.90
N GLY C 79 -1.25 -12.73 4.25
CA GLY C 79 -1.04 -12.35 5.61
C GLY C 79 0.00 -13.13 6.39
N THR C 80 0.53 -14.18 5.80
CA THR C 80 1.56 -14.94 6.45
C THR C 80 2.94 -14.37 6.24
N TRP C 81 3.87 -14.80 7.04
CA TRP C 81 5.24 -14.36 6.94
C TRP C 81 5.80 -14.76 5.60
N GLY C 82 5.44 -15.95 5.15
CA GLY C 82 5.90 -16.51 3.91
C GLY C 82 5.51 -15.74 2.69
N SER C 83 4.34 -15.14 2.73
CA SER C 83 3.80 -14.30 1.70
C SER C 83 4.51 -12.95 1.52
N ASP C 84 5.13 -12.46 2.57
CA ASP C 84 5.82 -11.21 2.57
C ASP C 84 7.06 -11.19 1.74
N PHE C 85 7.37 -10.02 1.23
CA PHE C 85 8.53 -9.79 0.43
C PHE C 85 9.78 -9.95 1.24
N ILE C 86 10.81 -10.51 0.66
CA ILE C 86 12.08 -10.61 1.34
C ILE C 86 12.65 -9.25 1.64
N PRO C 87 13.37 -9.15 2.74
CA PRO C 87 13.89 -7.90 3.27
C PRO C 87 14.83 -7.23 2.30
N GLU C 88 15.57 -8.01 1.56
CA GLU C 88 16.50 -7.51 0.59
C GLU C 88 15.79 -6.70 -0.45
N LEU C 89 14.59 -7.09 -0.78
CA LEU C 89 13.83 -6.43 -1.80
C LEU C 89 12.54 -5.85 -1.32
N TYR C 90 12.50 -5.37 -0.10
CA TYR C 90 11.30 -4.85 0.47
C TYR C 90 10.87 -3.54 -0.15
N PRO C 91 9.58 -3.37 -0.28
CA PRO C 91 9.01 -2.18 -0.87
C PRO C 91 9.25 -0.98 -0.02
N GLN C 92 9.52 0.13 -0.66
CA GLN C 92 9.57 1.40 0.00
C GLN C 92 8.23 2.09 -0.03
N GLU C 93 8.10 3.17 0.70
CA GLU C 93 6.80 3.68 1.07
C GLU C 93 5.90 4.03 -0.09
N ASP C 94 6.46 4.58 -1.14
CA ASP C 94 5.65 5.02 -2.25
C ASP C 94 5.46 4.00 -3.35
N GLU C 95 5.90 2.79 -3.15
CA GLU C 95 5.92 1.82 -4.21
C GLU C 95 4.72 0.93 -4.16
N TYR C 96 4.03 0.84 -5.27
CA TYR C 96 2.83 0.06 -5.37
C TYR C 96 3.06 -1.41 -5.16
N ILE C 97 2.12 -2.01 -4.47
CA ILE C 97 2.11 -3.40 -4.16
C ILE C 97 0.86 -4.01 -4.69
N VAL C 98 0.97 -5.13 -5.35
CA VAL C 98 -0.18 -5.82 -5.88
C VAL C 98 -0.19 -7.20 -5.35
N GLN C 99 -1.32 -7.62 -4.84
CA GLN C 99 -1.47 -8.98 -4.38
C GLN C 99 -2.31 -9.78 -5.34
N LYS C 100 -1.88 -10.98 -5.66
CA LYS C 100 -2.54 -11.84 -6.62
C LYS C 100 -2.82 -13.24 -6.09
N ARG C 101 -3.82 -13.89 -6.65
CA ARG C 101 -4.24 -15.23 -6.30
C ARG C 101 -4.10 -16.26 -7.41
N ARG C 102 -3.64 -15.81 -8.56
CA ARG C 102 -3.44 -16.63 -9.73
C ARG C 102 -2.09 -16.29 -10.33
N HIS C 103 -1.71 -16.93 -11.42
CA HIS C 103 -0.35 -16.77 -11.90
C HIS C 103 0.03 -15.37 -12.29
N SER C 104 -0.80 -14.70 -13.07
CA SER C 104 -0.49 -13.39 -13.55
C SER C 104 -0.71 -12.27 -12.56
N GLY C 105 0.16 -11.29 -12.60
CA GLY C 105 0.05 -10.08 -11.86
C GLY C 105 -1.17 -9.30 -12.22
N PHE C 106 -1.60 -9.44 -13.45
CA PHE C 106 -2.87 -8.93 -13.98
C PHE C 106 -4.19 -9.56 -13.55
N ALA C 107 -4.22 -10.84 -13.29
CA ALA C 107 -5.49 -11.51 -13.21
C ALA C 107 -6.21 -11.27 -11.91
N HIS C 108 -7.37 -10.66 -12.03
CA HIS C 108 -8.26 -10.25 -10.96
C HIS C 108 -7.66 -9.23 -9.99
N THR C 109 -6.74 -8.44 -10.50
CA THR C 109 -6.05 -7.43 -9.73
C THR C 109 -6.29 -6.06 -10.29
N ASP C 110 -5.69 -5.07 -9.68
CA ASP C 110 -5.78 -3.70 -10.11
C ASP C 110 -4.53 -3.20 -10.79
N LEU C 111 -3.70 -4.10 -11.30
CA LEU C 111 -2.47 -3.71 -11.95
C LEU C 111 -2.70 -2.90 -13.21
N ASP C 112 -3.60 -3.33 -14.06
CA ASP C 112 -3.83 -2.65 -15.31
C ASP C 112 -4.27 -1.24 -15.03
N LEU C 113 -5.16 -1.07 -14.07
CA LEU C 113 -5.63 0.23 -13.70
C LEU C 113 -4.50 1.10 -13.17
N TYR C 114 -3.64 0.54 -12.36
CA TYR C 114 -2.56 1.33 -11.83
C TYR C 114 -1.70 1.84 -12.96
N LEU C 115 -1.39 0.95 -13.88
CA LEU C 115 -0.57 1.26 -15.01
C LEU C 115 -1.27 2.31 -15.86
N LYS C 116 -2.57 2.15 -16.06
CA LYS C 116 -3.33 3.11 -16.83
C LYS C 116 -3.31 4.49 -16.24
N GLU C 117 -3.50 4.57 -14.94
CA GLU C 117 -3.56 5.82 -14.20
C GLU C 117 -2.28 6.60 -14.27
N GLU C 118 -1.17 5.90 -14.25
CA GLU C 118 0.12 6.51 -14.22
C GLU C 118 0.73 6.75 -15.59
N GLY C 119 -0.01 6.44 -16.64
CA GLY C 119 0.51 6.60 -17.97
C GLY C 119 1.76 5.85 -18.35
N ILE C 120 1.83 4.59 -17.97
CA ILE C 120 2.95 3.76 -18.22
C ILE C 120 2.71 2.97 -19.48
N ASP C 121 3.67 2.99 -20.38
CA ASP C 121 3.53 2.29 -21.65
C ASP C 121 4.30 1.01 -21.76
N THR C 122 5.25 0.81 -20.88
CA THR C 122 6.10 -0.35 -20.95
C THR C 122 6.22 -1.01 -19.61
N VAL C 123 6.22 -2.33 -19.59
CA VAL C 123 6.46 -3.06 -18.39
C VAL C 123 7.71 -3.86 -18.50
N VAL C 124 8.49 -3.86 -17.44
CA VAL C 124 9.72 -4.58 -17.44
C VAL C 124 9.74 -5.61 -16.34
N LEU C 125 10.04 -6.82 -16.72
CA LEU C 125 9.78 -7.95 -15.90
C LEU C 125 11.00 -8.44 -15.10
N THR C 126 10.78 -8.78 -13.84
CA THR C 126 11.75 -9.39 -12.95
C THR C 126 11.11 -10.37 -11.99
N GLY C 127 11.90 -11.22 -11.37
CA GLY C 127 11.35 -12.12 -10.39
C GLY C 127 11.31 -13.54 -10.86
N VAL C 128 10.47 -14.35 -10.26
CA VAL C 128 10.43 -15.77 -10.49
C VAL C 128 9.01 -16.21 -10.63
N TRP C 129 8.75 -17.39 -11.17
CA TRP C 129 9.61 -18.14 -12.06
C TRP C 129 9.47 -17.60 -13.45
N THR C 130 10.54 -17.67 -14.20
CA THR C 130 10.62 -17.06 -15.49
C THR C 130 9.55 -17.63 -16.38
N ASN C 131 9.43 -18.93 -16.35
CA ASN C 131 8.53 -19.61 -17.24
C ASN C 131 7.13 -19.78 -16.72
N VAL C 132 6.85 -19.32 -15.52
CA VAL C 132 5.50 -19.41 -15.02
C VAL C 132 4.86 -18.07 -14.73
N CYS C 133 4.96 -17.59 -13.53
CA CYS C 133 4.33 -16.36 -13.15
C CYS C 133 4.87 -15.15 -13.88
N VAL C 134 6.15 -15.13 -14.17
CA VAL C 134 6.72 -14.08 -14.96
C VAL C 134 6.21 -14.03 -16.39
N ARG C 135 6.16 -15.19 -17.03
CA ARG C 135 5.71 -15.29 -18.38
C ARG C 135 4.26 -14.88 -18.53
N SER C 136 3.44 -15.31 -17.58
CA SER C 136 2.05 -14.99 -17.55
C SER C 136 1.78 -13.53 -17.37
N THR C 137 2.54 -12.88 -16.52
CA THR C 137 2.40 -11.47 -16.37
C THR C 137 2.76 -10.78 -17.65
N ALA C 138 3.81 -11.25 -18.30
CA ALA C 138 4.29 -10.69 -19.53
C ALA C 138 3.28 -10.80 -20.64
N THR C 139 2.66 -11.95 -20.74
CA THR C 139 1.64 -12.23 -21.71
C THR C 139 0.41 -11.35 -21.55
N ASP C 140 -0.03 -11.18 -20.33
CA ASP C 140 -1.11 -10.27 -20.02
C ASP C 140 -0.79 -8.81 -20.25
N ALA C 141 0.43 -8.41 -20.00
CA ALA C 141 0.83 -7.07 -20.28
C ALA C 141 0.75 -6.76 -21.76
N LEU C 142 1.18 -7.68 -22.59
CA LEU C 142 1.05 -7.58 -24.01
C LEU C 142 -0.40 -7.56 -24.45
N ALA C 143 -1.22 -8.37 -23.85
CA ALA C 143 -2.61 -8.46 -24.18
C ALA C 143 -3.32 -7.17 -23.88
N ASN C 144 -2.76 -6.41 -22.99
CA ASN C 144 -3.34 -5.18 -22.57
C ASN C 144 -2.64 -4.01 -23.21
N ALA C 145 -1.94 -4.33 -24.27
CA ALA C 145 -1.21 -3.41 -25.11
C ALA C 145 -0.13 -2.60 -24.44
N TYR C 146 0.59 -3.21 -23.53
CA TYR C 146 1.78 -2.62 -23.01
C TYR C 146 2.94 -3.22 -23.75
N LYS C 147 3.96 -2.43 -23.97
CA LYS C 147 5.24 -2.97 -24.32
C LYS C 147 5.89 -3.69 -23.15
N VAL C 148 6.60 -4.75 -23.45
CA VAL C 148 7.22 -5.59 -22.48
C VAL C 148 8.70 -5.80 -22.69
N ILE C 149 9.47 -5.54 -21.66
CA ILE C 149 10.85 -5.89 -21.62
C ILE C 149 11.00 -6.98 -20.57
N THR C 150 11.82 -7.97 -20.87
CA THR C 150 12.13 -9.02 -19.92
C THR C 150 13.59 -8.85 -19.56
N LEU C 151 13.94 -8.95 -18.29
CA LEU C 151 15.33 -8.85 -17.90
C LEU C 151 15.86 -10.22 -17.63
N SER C 152 16.78 -10.65 -18.45
CA SER C 152 17.31 -12.00 -18.48
C SER C 152 18.05 -12.42 -17.21
N ASP C 153 18.78 -11.52 -16.61
CA ASP C 153 19.48 -11.82 -15.40
C ASP C 153 18.77 -11.22 -14.19
N GLY C 154 17.60 -10.67 -14.46
CA GLY C 154 16.71 -10.16 -13.46
C GLY C 154 15.57 -11.12 -13.16
N THR C 155 15.63 -12.29 -13.73
CA THR C 155 14.62 -13.28 -13.60
C THR C 155 15.28 -14.60 -13.39
N ALA C 156 14.55 -15.55 -12.83
CA ALA C 156 15.03 -16.89 -12.58
C ALA C 156 13.92 -17.91 -12.43
N SER C 157 14.27 -19.18 -12.49
CA SER C 157 13.31 -20.25 -12.32
C SER C 157 13.83 -21.35 -11.42
N LYS C 158 13.07 -22.40 -11.29
CA LYS C 158 13.42 -23.48 -10.42
C LYS C 158 14.72 -24.14 -10.84
N THR C 159 14.88 -24.31 -12.14
CA THR C 159 16.07 -24.86 -12.70
C THR C 159 16.52 -23.98 -13.82
N GLU C 160 17.78 -24.07 -14.16
CA GLU C 160 18.38 -23.25 -15.18
C GLU C 160 17.76 -23.59 -16.50
N GLU C 161 17.46 -24.85 -16.71
CA GLU C 161 16.86 -25.23 -17.94
C GLU C 161 15.49 -24.62 -18.13
N MSE C 162 14.70 -24.55 -17.08
CA MSE C 162 13.41 -23.90 -17.15
C MSE C 162 13.55 -22.44 -17.45
O MSE C 162 12.79 -21.90 -18.20
CB MSE C 162 12.63 -24.05 -15.85
CG MSE C 162 11.92 -25.32 -15.73
SE MSE C 162 10.88 -25.43 -14.20
CE MSE C 162 12.20 -25.62 -12.93
N HIS C 163 14.53 -21.80 -16.85
CA HIS C 163 14.75 -20.39 -17.04
C HIS C 163 15.08 -20.10 -18.47
N GLU C 164 15.91 -20.93 -19.06
CA GLU C 164 16.35 -20.73 -20.42
C GLU C 164 15.27 -20.86 -21.46
N TYR C 165 14.48 -21.90 -21.38
CA TYR C 165 13.36 -22.01 -22.26
C TYR C 165 12.25 -21.00 -22.03
N GLY C 166 12.08 -20.56 -20.81
CA GLY C 166 11.20 -19.47 -20.53
C GLY C 166 11.63 -18.18 -21.18
N LEU C 167 12.92 -17.90 -21.17
CA LEU C 167 13.48 -16.77 -21.86
C LEU C 167 13.28 -16.88 -23.35
N ASN C 168 13.33 -18.09 -23.85
CA ASN C 168 13.08 -18.35 -25.23
C ASN C 168 11.66 -18.01 -25.67
N ASP C 169 10.69 -18.40 -24.87
CA ASP C 169 9.32 -18.08 -25.13
C ASP C 169 9.17 -16.60 -25.03
N LEU C 170 9.79 -16.02 -24.04
CA LEU C 170 9.70 -14.62 -23.80
C LEU C 170 10.31 -13.77 -24.87
N SER C 171 11.29 -14.29 -25.55
CA SER C 171 11.96 -13.65 -26.66
C SER C 171 11.07 -13.54 -27.89
N ILE C 172 10.07 -14.38 -27.96
CA ILE C 172 9.12 -14.31 -29.02
C ILE C 172 8.33 -13.03 -29.03
N PHE C 173 7.90 -12.57 -27.86
CA PHE C 173 7.03 -11.43 -27.77
C PHE C 173 7.51 -10.26 -26.95
N THR C 174 8.70 -10.36 -26.40
CA THR C 174 9.21 -9.28 -25.60
C THR C 174 10.64 -8.91 -25.98
N LYS C 175 11.05 -7.74 -25.58
CA LYS C 175 12.41 -7.35 -25.73
C LYS C 175 13.23 -7.74 -24.52
N VAL C 176 14.14 -8.68 -24.72
CA VAL C 176 14.96 -9.26 -23.67
C VAL C 176 16.33 -8.61 -23.54
N MSE C 177 16.65 -8.17 -22.34
CA MSE C 177 17.84 -7.42 -22.01
C MSE C 177 18.39 -7.83 -20.67
O MSE C 177 17.69 -8.34 -19.85
CB MSE C 177 17.51 -5.94 -21.83
CG MSE C 177 17.03 -5.19 -23.00
SE MSE C 177 16.39 -3.53 -22.43
CE MSE C 177 17.93 -2.54 -22.41
N THR C 178 19.66 -7.53 -20.44
CA THR C 178 20.27 -7.63 -19.14
C THR C 178 19.94 -6.43 -18.32
N VAL C 179 20.15 -6.54 -17.04
CA VAL C 179 19.90 -5.45 -16.15
C VAL C 179 20.80 -4.29 -16.48
N ASP C 180 22.07 -4.56 -16.71
CA ASP C 180 23.02 -3.52 -17.03
C ASP C 180 22.65 -2.84 -18.31
N GLN C 181 22.26 -3.62 -19.29
CA GLN C 181 21.84 -3.04 -20.54
C GLN C 181 20.65 -2.13 -20.39
N TYR C 182 19.68 -2.54 -19.59
CA TYR C 182 18.52 -1.73 -19.34
C TYR C 182 18.82 -0.42 -18.63
N ILE C 183 19.68 -0.47 -17.65
CA ILE C 183 20.07 0.71 -16.95
C ILE C 183 20.80 1.68 -17.86
N GLN C 184 21.67 1.15 -18.70
CA GLN C 184 22.43 1.96 -19.62
C GLN C 184 21.54 2.65 -20.61
N ALA C 185 20.52 1.97 -21.08
CA ALA C 185 19.65 2.57 -22.07
C ALA C 185 18.91 3.78 -21.56
N TRP C 186 18.86 3.96 -20.25
CA TRP C 186 18.18 5.10 -19.71
C TRP C 186 19.17 6.24 -19.45
N GLU C 187 20.45 5.96 -19.65
CA GLU C 187 21.48 6.94 -19.36
C GLU C 187 21.93 7.68 -20.59
N GLY D 4 -18.69 -36.71 -13.37
CA GLY D 4 -20.04 -36.74 -12.83
C GLY D 4 -21.07 -35.93 -13.62
N MSE D 5 -21.19 -34.67 -13.24
CA MSE D 5 -22.06 -33.71 -13.88
C MSE D 5 -21.25 -32.83 -14.80
O MSE D 5 -21.67 -31.75 -15.18
CB MSE D 5 -22.71 -32.84 -12.83
N ALA D 6 -20.06 -33.32 -15.16
CA ALA D 6 -19.06 -32.57 -15.88
C ALA D 6 -19.44 -32.19 -17.28
N LYS D 7 -19.06 -30.99 -17.65
CA LYS D 7 -19.31 -30.47 -18.97
C LYS D 7 -17.98 -29.92 -19.38
N HIS D 8 -17.59 -30.15 -20.61
CA HIS D 8 -16.27 -29.81 -21.06
C HIS D 8 -16.37 -28.97 -22.29
N ALA D 9 -15.42 -28.10 -22.49
CA ALA D 9 -15.31 -27.40 -23.73
C ALA D 9 -13.96 -27.67 -24.31
N ILE D 10 -13.94 -28.01 -25.58
CA ILE D 10 -12.71 -28.27 -26.23
C ILE D 10 -12.43 -27.07 -27.04
N LEU D 11 -11.27 -26.50 -26.82
CA LEU D 11 -10.89 -25.33 -27.52
C LEU D 11 -9.92 -25.69 -28.60
N VAL D 12 -10.27 -25.34 -29.81
CA VAL D 12 -9.44 -25.61 -30.93
C VAL D 12 -8.83 -24.31 -31.29
N ILE D 13 -7.53 -24.24 -31.20
CA ILE D 13 -6.89 -22.96 -31.28
C ILE D 13 -6.07 -22.79 -32.53
N ASP D 14 -6.45 -21.83 -33.33
CA ASP D 14 -5.69 -21.35 -34.44
C ASP D 14 -5.33 -22.38 -35.53
N MSE D 15 -6.18 -23.33 -35.81
CA MSE D 15 -5.93 -24.23 -36.92
C MSE D 15 -6.40 -23.56 -38.21
O MSE D 15 -7.44 -23.86 -38.74
CB MSE D 15 -6.63 -25.55 -36.71
CG MSE D 15 -6.12 -26.35 -35.54
SE MSE D 15 -4.31 -26.77 -35.48
CE MSE D 15 -4.40 -28.32 -36.46
N LEU D 16 -5.60 -22.63 -38.69
CA LEU D 16 -6.01 -21.70 -39.69
C LEU D 16 -5.12 -21.83 -40.90
N ASN D 17 -5.62 -21.33 -42.01
CA ASN D 17 -4.98 -21.45 -43.29
C ASN D 17 -3.62 -20.81 -43.26
N ASP D 18 -3.52 -19.74 -42.52
CA ASP D 18 -2.28 -19.05 -42.37
C ASP D 18 -1.24 -19.91 -41.70
N PHE D 19 -1.65 -20.85 -40.87
CA PHE D 19 -0.70 -21.51 -40.02
C PHE D 19 -0.44 -22.96 -40.32
N VAL D 20 -1.43 -23.65 -40.82
CA VAL D 20 -1.35 -25.09 -40.98
C VAL D 20 -1.31 -25.51 -42.45
N GLY D 21 -0.24 -26.18 -42.83
CA GLY D 21 -0.07 -26.71 -44.18
C GLY D 21 1.24 -26.34 -44.83
N GLU D 22 1.65 -27.07 -45.86
CA GLU D 22 2.96 -26.90 -46.48
C GLU D 22 3.09 -25.52 -47.03
N LYS D 23 2.01 -25.03 -47.61
CA LYS D 23 1.99 -23.77 -48.31
C LYS D 23 1.66 -22.54 -47.48
N ALA D 24 1.38 -22.72 -46.19
CA ALA D 24 0.95 -21.63 -45.34
C ALA D 24 2.00 -20.55 -45.18
N PRO D 25 1.56 -19.33 -45.25
CA PRO D 25 2.41 -18.14 -45.25
C PRO D 25 3.20 -17.99 -43.97
N LEU D 26 2.59 -18.39 -42.87
CA LEU D 26 3.23 -18.37 -41.57
C LEU D 26 3.06 -19.75 -41.00
N ARG D 27 3.68 -20.72 -41.65
CA ARG D 27 3.53 -22.12 -41.33
C ARG D 27 4.04 -22.46 -39.96
N CYS D 28 3.21 -23.20 -39.24
CA CYS D 28 3.64 -23.91 -38.08
C CYS D 28 3.58 -25.40 -38.38
N PRO D 29 4.74 -25.99 -38.52
CA PRO D 29 4.93 -27.35 -39.04
C PRO D 29 4.25 -28.40 -38.21
N GLY D 30 4.21 -28.19 -36.92
CA GLY D 30 3.58 -29.13 -36.02
C GLY D 30 2.12 -29.28 -36.30
N GLY D 31 1.50 -28.25 -36.82
CA GLY D 31 0.07 -28.24 -37.01
C GLY D 31 -0.44 -29.32 -37.93
N GLU D 32 0.29 -29.59 -38.99
CA GLU D 32 -0.11 -30.64 -39.91
C GLU D 32 -0.12 -31.98 -39.21
N THR D 33 0.83 -32.18 -38.31
CA THR D 33 0.95 -33.44 -37.62
C THR D 33 -0.25 -33.85 -36.78
N ILE D 34 -0.98 -32.89 -36.27
CA ILE D 34 -2.11 -33.19 -35.42
C ILE D 34 -3.44 -33.22 -36.11
N ILE D 35 -3.48 -32.95 -37.38
CA ILE D 35 -4.77 -32.85 -38.02
C ILE D 35 -5.56 -34.14 -37.91
N PRO D 36 -4.93 -35.28 -38.07
CA PRO D 36 -5.68 -36.52 -38.05
C PRO D 36 -6.33 -36.76 -36.72
N ASP D 37 -5.59 -36.47 -35.67
CA ASP D 37 -6.07 -36.62 -34.32
C ASP D 37 -7.22 -35.71 -33.96
N LEU D 38 -7.16 -34.47 -34.38
CA LEU D 38 -8.26 -33.56 -34.15
C LEU D 38 -9.49 -34.00 -34.92
N GLN D 39 -9.24 -34.51 -36.12
CA GLN D 39 -10.31 -34.96 -36.97
C GLN D 39 -10.99 -36.08 -36.26
N LYS D 40 -10.21 -36.92 -35.63
CA LYS D 40 -10.76 -38.00 -34.86
C LYS D 40 -11.61 -37.48 -33.73
N ILE D 41 -11.10 -36.49 -33.03
CA ILE D 41 -11.80 -35.89 -31.94
C ILE D 41 -13.06 -35.21 -32.39
N PHE D 42 -13.01 -34.53 -33.52
CA PHE D 42 -14.17 -33.79 -33.97
C PHE D 42 -15.27 -34.75 -34.19
N GLU D 43 -14.95 -35.83 -34.89
CA GLU D 43 -15.93 -36.82 -35.27
C GLU D 43 -16.54 -37.47 -34.10
N TRP D 44 -15.73 -37.84 -33.13
CA TRP D 44 -16.21 -38.43 -31.91
C TRP D 44 -17.06 -37.50 -31.08
N VAL D 45 -16.65 -36.27 -30.93
CA VAL D 45 -17.50 -35.34 -30.25
C VAL D 45 -18.74 -35.07 -31.06
N ARG D 46 -18.56 -34.84 -32.34
CA ARG D 46 -19.68 -34.54 -33.18
C ARG D 46 -20.61 -35.74 -33.16
N GLY D 47 -20.03 -36.92 -33.16
CA GLY D 47 -20.75 -38.16 -33.02
C GLY D 47 -21.46 -38.41 -31.71
N ARG D 48 -20.85 -38.03 -30.63
CA ARG D 48 -21.31 -38.45 -29.34
C ARG D 48 -22.70 -37.91 -29.09
N GLU D 49 -23.48 -38.66 -28.36
CA GLU D 49 -24.82 -38.23 -28.08
C GLU D 49 -24.86 -37.58 -26.72
N GLY D 50 -25.67 -36.56 -26.58
CA GLY D 50 -25.67 -35.78 -25.36
C GLY D 50 -24.98 -34.45 -25.57
N ASP D 51 -24.90 -33.64 -24.54
CA ASP D 51 -24.20 -32.38 -24.69
C ASP D 51 -23.11 -32.08 -23.69
N ASP D 52 -22.46 -33.12 -23.22
CA ASP D 52 -21.40 -33.00 -22.25
C ASP D 52 -20.22 -32.20 -22.79
N ILE D 53 -19.97 -32.31 -24.07
CA ILE D 53 -18.81 -31.73 -24.64
C ILE D 53 -19.16 -30.81 -25.80
N HIS D 54 -18.56 -29.64 -25.80
CA HIS D 54 -18.76 -28.66 -26.84
C HIS D 54 -17.46 -28.50 -27.57
N LEU D 55 -17.53 -28.03 -28.80
CA LEU D 55 -16.37 -27.71 -29.57
C LEU D 55 -16.40 -26.23 -29.72
N VAL D 56 -15.30 -25.58 -29.41
CA VAL D 56 -15.21 -24.15 -29.55
C VAL D 56 -14.02 -23.81 -30.40
N HIS D 57 -14.23 -23.03 -31.43
CA HIS D 57 -13.18 -22.74 -32.38
C HIS D 57 -12.68 -21.35 -32.16
N ILE D 58 -11.38 -21.21 -32.01
CA ILE D 58 -10.77 -19.92 -31.75
C ILE D 58 -9.82 -19.51 -32.86
N GLN D 59 -10.07 -18.35 -33.44
CA GLN D 59 -9.27 -17.92 -34.56
C GLN D 59 -8.66 -16.57 -34.37
N GLU D 60 -7.38 -16.45 -34.62
CA GLU D 60 -6.79 -15.16 -34.62
C GLU D 60 -7.42 -14.35 -35.75
N ALA D 61 -7.85 -13.15 -35.42
CA ALA D 61 -8.44 -12.24 -36.36
C ALA D 61 -8.00 -10.81 -36.14
N HIS D 62 -6.79 -10.47 -36.49
CA HIS D 62 -6.30 -9.12 -36.26
C HIS D 62 -6.97 -8.12 -37.18
N ARG D 63 -6.98 -6.88 -36.75
CA ARG D 63 -7.53 -5.81 -37.53
C ARG D 63 -6.74 -5.59 -38.79
N LYS D 64 -7.39 -5.02 -39.80
CA LYS D 64 -6.71 -4.68 -41.04
C LYS D 64 -5.69 -3.62 -40.82
N ASN D 65 -4.54 -3.77 -41.45
CA ASN D 65 -3.41 -2.88 -41.24
C ASN D 65 -3.54 -1.47 -41.82
N VAL D 71 4.30 -2.65 -42.04
CA VAL D 71 4.06 -3.40 -40.83
C VAL D 71 4.12 -4.88 -41.12
N ARG D 72 4.93 -5.60 -40.37
CA ARG D 72 5.21 -6.97 -40.70
C ARG D 72 3.99 -7.83 -40.64
N PRO D 73 3.81 -8.68 -41.62
CA PRO D 73 2.59 -9.47 -41.73
C PRO D 73 2.65 -10.69 -40.85
N LEU D 74 2.68 -10.47 -39.56
CA LEU D 74 2.92 -11.56 -38.63
C LEU D 74 1.72 -12.23 -38.04
N HIS D 75 0.53 -11.76 -38.36
CA HIS D 75 -0.67 -12.35 -37.83
C HIS D 75 -1.75 -12.53 -38.87
N ALA D 76 -2.60 -13.51 -38.65
CA ALA D 76 -3.75 -13.70 -39.47
C ALA D 76 -4.72 -12.53 -39.34
N VAL D 77 -5.29 -12.11 -40.45
CA VAL D 77 -6.05 -10.90 -40.49
C VAL D 77 -7.50 -11.17 -40.66
N LYS D 78 -8.30 -10.37 -40.00
CA LYS D 78 -9.71 -10.59 -39.96
C LYS D 78 -10.33 -10.47 -41.32
N GLY D 79 -11.12 -11.47 -41.67
CA GLY D 79 -11.84 -11.56 -42.90
C GLY D 79 -11.10 -12.18 -44.04
N THR D 80 -9.80 -12.38 -43.89
CA THR D 80 -8.97 -12.99 -44.91
C THR D 80 -9.03 -14.51 -44.98
N TRP D 81 -8.44 -15.05 -46.03
CA TRP D 81 -8.31 -16.47 -46.20
C TRP D 81 -7.44 -17.04 -45.11
N GLY D 82 -6.38 -16.33 -44.78
CA GLY D 82 -5.44 -16.85 -43.80
C GLY D 82 -6.06 -17.08 -42.43
N SER D 83 -6.92 -16.16 -42.03
CA SER D 83 -7.60 -16.21 -40.76
C SER D 83 -8.64 -17.28 -40.64
N ASP D 84 -9.14 -17.78 -41.76
CA ASP D 84 -10.16 -18.81 -41.76
C ASP D 84 -9.65 -20.18 -41.39
N PHE D 85 -10.53 -20.99 -40.82
CA PHE D 85 -10.21 -22.33 -40.39
C PHE D 85 -9.90 -23.26 -41.55
N ILE D 86 -9.00 -24.19 -41.35
CA ILE D 86 -8.71 -25.14 -42.40
C ILE D 86 -9.85 -26.09 -42.57
N PRO D 87 -10.03 -26.50 -43.81
CA PRO D 87 -11.17 -27.28 -44.24
C PRO D 87 -11.27 -28.60 -43.53
N GLU D 88 -10.16 -29.23 -43.20
CA GLU D 88 -10.24 -30.50 -42.53
C GLU D 88 -10.79 -30.38 -41.15
N LEU D 89 -10.73 -29.18 -40.61
CA LEU D 89 -11.19 -28.94 -39.28
C LEU D 89 -12.17 -27.81 -39.25
N TYR D 90 -12.99 -27.68 -40.27
CA TYR D 90 -13.93 -26.59 -40.32
C TYR D 90 -15.05 -26.75 -39.33
N PRO D 91 -15.48 -25.63 -38.78
CA PRO D 91 -16.52 -25.60 -37.77
C PRO D 91 -17.84 -26.04 -38.33
N GLN D 92 -18.68 -26.63 -37.51
CA GLN D 92 -20.03 -26.91 -37.92
C GLN D 92 -20.95 -25.82 -37.42
N GLU D 93 -22.18 -25.82 -37.89
CA GLU D 93 -23.04 -24.68 -37.76
C GLU D 93 -23.37 -24.29 -36.33
N ASP D 94 -23.50 -25.26 -35.47
CA ASP D 94 -23.86 -24.98 -34.10
C ASP D 94 -22.64 -24.88 -33.18
N GLU D 95 -21.46 -24.79 -33.73
CA GLU D 95 -20.28 -24.74 -32.90
C GLU D 95 -19.78 -23.32 -32.75
N TYR D 96 -19.63 -22.89 -31.51
CA TYR D 96 -19.23 -21.52 -31.23
C TYR D 96 -17.86 -21.14 -31.73
N ILE D 97 -17.79 -19.96 -32.29
CA ILE D 97 -16.57 -19.43 -32.78
C ILE D 97 -16.22 -18.16 -32.04
N VAL D 98 -14.98 -18.06 -31.63
CA VAL D 98 -14.46 -16.87 -30.99
C VAL D 98 -13.32 -16.31 -31.79
N GLN D 99 -13.32 -15.03 -32.05
CA GLN D 99 -12.18 -14.43 -32.66
C GLN D 99 -11.38 -13.59 -31.69
N LYS D 100 -10.07 -13.72 -31.76
CA LYS D 100 -9.20 -13.06 -30.82
C LYS D 100 -8.19 -12.21 -31.51
N ARG D 101 -7.78 -11.15 -30.85
CA ARG D 101 -6.80 -10.23 -31.36
C ARG D 101 -5.47 -10.25 -30.59
N ARG D 102 -5.39 -11.10 -29.59
CA ARG D 102 -4.24 -11.27 -28.72
C ARG D 102 -4.07 -12.76 -28.52
N HIS D 103 -3.03 -13.19 -27.82
CA HIS D 103 -2.73 -14.61 -27.74
C HIS D 103 -3.82 -15.47 -27.14
N SER D 104 -4.34 -15.09 -26.01
CA SER D 104 -5.36 -15.88 -25.35
C SER D 104 -6.73 -15.83 -26.02
N GLY D 105 -7.39 -16.97 -26.02
CA GLY D 105 -8.76 -17.08 -26.43
C GLY D 105 -9.67 -16.26 -25.57
N PHE D 106 -9.28 -16.07 -24.33
CA PHE D 106 -9.93 -15.23 -23.35
C PHE D 106 -9.80 -13.73 -23.47
N ALA D 107 -8.72 -13.23 -24.00
CA ALA D 107 -8.42 -11.83 -23.83
C ALA D 107 -9.25 -10.94 -24.74
N HIS D 108 -10.08 -10.11 -24.13
CA HIS D 108 -11.02 -9.25 -24.79
C HIS D 108 -12.06 -9.96 -25.63
N THR D 109 -12.39 -11.16 -25.24
CA THR D 109 -13.34 -11.96 -25.96
C THR D 109 -14.44 -12.33 -25.03
N ASP D 110 -15.42 -12.99 -25.59
CA ASP D 110 -16.60 -13.37 -24.89
C ASP D 110 -16.54 -14.83 -24.50
N LEU D 111 -15.36 -15.41 -24.54
CA LEU D 111 -15.20 -16.81 -24.25
C LEU D 111 -15.57 -17.22 -22.83
N ASP D 112 -15.18 -16.43 -21.85
CA ASP D 112 -15.52 -16.77 -20.50
C ASP D 112 -17.03 -16.76 -20.36
N LEU D 113 -17.67 -15.78 -20.95
CA LEU D 113 -19.12 -15.67 -20.85
C LEU D 113 -19.83 -16.86 -21.45
N TYR D 114 -19.36 -17.30 -22.59
CA TYR D 114 -19.92 -18.45 -23.20
C TYR D 114 -19.72 -19.65 -22.32
N LEU D 115 -18.53 -19.80 -21.78
CA LEU D 115 -18.29 -20.90 -20.91
C LEU D 115 -19.16 -20.86 -19.65
N LYS D 116 -19.37 -19.70 -19.07
CA LYS D 116 -20.23 -19.59 -17.92
C LYS D 116 -21.62 -19.97 -18.29
N GLU D 117 -22.08 -19.48 -19.43
CA GLU D 117 -23.43 -19.63 -19.90
C GLU D 117 -23.80 -21.07 -20.12
N GLU D 118 -22.86 -21.83 -20.63
CA GLU D 118 -23.10 -23.21 -20.93
C GLU D 118 -22.79 -24.13 -19.76
N GLY D 119 -22.43 -23.57 -18.63
CA GLY D 119 -22.08 -24.36 -17.46
C GLY D 119 -20.89 -25.29 -17.55
N ILE D 120 -19.86 -24.87 -18.24
CA ILE D 120 -18.67 -25.65 -18.43
C ILE D 120 -17.73 -25.51 -17.26
N ASP D 121 -17.22 -26.62 -16.77
CA ASP D 121 -16.28 -26.55 -15.67
C ASP D 121 -14.88 -26.93 -16.11
N THR D 122 -14.75 -27.55 -17.26
CA THR D 122 -13.47 -28.01 -17.72
C THR D 122 -13.21 -27.63 -19.16
N VAL D 123 -12.01 -27.17 -19.45
CA VAL D 123 -11.64 -26.85 -20.81
C VAL D 123 -10.49 -27.73 -21.20
N VAL D 124 -10.53 -28.26 -22.40
CA VAL D 124 -9.46 -29.09 -22.87
C VAL D 124 -8.86 -28.46 -24.09
N LEU D 125 -7.55 -28.40 -24.13
CA LEU D 125 -6.89 -27.58 -25.11
C LEU D 125 -6.36 -28.32 -26.31
N THR D 126 -6.62 -27.80 -27.50
CA THR D 126 -6.12 -28.30 -28.76
C THR D 126 -5.63 -27.18 -29.63
N GLY D 127 -4.82 -27.48 -30.62
CA GLY D 127 -4.33 -26.43 -31.46
C GLY D 127 -2.87 -26.10 -31.34
N VAL D 128 -2.53 -24.91 -31.78
CA VAL D 128 -1.17 -24.48 -31.96
C VAL D 128 -1.02 -23.01 -31.56
N TRP D 129 0.15 -22.53 -31.11
CA TRP D 129 1.31 -23.25 -30.66
C TRP D 129 1.24 -23.62 -29.19
N THR D 130 1.84 -24.73 -28.85
CA THR D 130 1.71 -25.28 -27.53
C THR D 130 2.21 -24.29 -26.52
N ASN D 131 3.34 -23.70 -26.81
CA ASN D 131 4.00 -22.81 -25.89
C ASN D 131 3.62 -21.33 -26.02
N VAL D 132 2.73 -21.00 -26.92
CA VAL D 132 2.32 -19.62 -27.06
C VAL D 132 0.83 -19.42 -26.84
N CYS D 133 0.07 -19.45 -27.91
CA CYS D 133 -1.33 -19.25 -27.83
C CYS D 133 -2.08 -20.31 -27.04
N VAL D 134 -1.67 -21.55 -27.14
CA VAL D 134 -2.27 -22.58 -26.32
C VAL D 134 -1.98 -22.35 -24.85
N ARG D 135 -0.76 -22.02 -24.55
CA ARG D 135 -0.33 -21.77 -23.20
C ARG D 135 -1.01 -20.60 -22.55
N SER D 136 -1.15 -19.51 -23.27
CA SER D 136 -1.83 -18.36 -22.77
C SER D 136 -3.28 -18.61 -22.49
N THR D 137 -3.92 -19.35 -23.37
CA THR D 137 -5.26 -19.77 -23.19
C THR D 137 -5.42 -20.69 -22.00
N ALA D 138 -4.49 -21.58 -21.81
CA ALA D 138 -4.54 -22.48 -20.68
C ALA D 138 -4.44 -21.75 -19.37
N THR D 139 -3.53 -20.80 -19.32
CA THR D 139 -3.33 -20.00 -18.16
C THR D 139 -4.52 -19.14 -17.80
N ASP D 140 -5.09 -18.52 -18.80
CA ASP D 140 -6.28 -17.73 -18.62
C ASP D 140 -7.45 -18.56 -18.16
N ALA D 141 -7.53 -19.79 -18.62
CA ALA D 141 -8.55 -20.70 -18.15
C ALA D 141 -8.41 -21.04 -16.69
N LEU D 142 -7.21 -21.32 -16.23
CA LEU D 142 -6.97 -21.56 -14.84
C LEU D 142 -7.32 -20.34 -14.01
N ALA D 143 -7.00 -19.18 -14.53
CA ALA D 143 -7.22 -17.93 -13.84
C ALA D 143 -8.67 -17.68 -13.60
N ASN D 144 -9.50 -18.20 -14.47
CA ASN D 144 -10.93 -18.04 -14.39
C ASN D 144 -11.60 -19.21 -13.71
N ALA D 145 -10.81 -20.08 -13.12
CA ALA D 145 -11.27 -21.14 -12.29
C ALA D 145 -11.85 -22.35 -13.02
N TYR D 146 -11.57 -22.47 -14.29
CA TYR D 146 -11.84 -23.66 -15.01
C TYR D 146 -10.76 -24.67 -14.72
N LYS D 147 -11.14 -25.92 -14.69
CA LYS D 147 -10.19 -27.00 -14.75
C LYS D 147 -9.66 -27.11 -16.16
N VAL D 148 -8.41 -27.47 -16.28
CA VAL D 148 -7.73 -27.51 -17.55
C VAL D 148 -7.10 -28.85 -17.92
N ILE D 149 -7.41 -29.30 -19.12
CA ILE D 149 -6.80 -30.46 -19.69
C ILE D 149 -6.11 -30.07 -20.96
N THR D 150 -4.91 -30.60 -21.14
CA THR D 150 -4.15 -30.36 -22.34
C THR D 150 -3.96 -31.67 -23.09
N LEU D 151 -4.21 -31.65 -24.39
CA LEU D 151 -4.11 -32.85 -25.17
C LEU D 151 -2.78 -32.92 -25.87
N SER D 152 -1.91 -33.80 -25.41
CA SER D 152 -0.52 -33.79 -25.81
C SER D 152 -0.28 -34.00 -27.27
N ASP D 153 -0.97 -34.96 -27.84
CA ASP D 153 -0.87 -35.20 -29.24
C ASP D 153 -1.95 -34.47 -30.00
N GLY D 154 -2.72 -33.67 -29.29
CA GLY D 154 -3.70 -32.79 -29.89
C GLY D 154 -3.26 -31.35 -30.00
N THR D 155 -2.03 -31.09 -29.61
CA THR D 155 -1.46 -29.76 -29.63
C THR D 155 -0.11 -29.87 -30.29
N ALA D 156 0.41 -28.75 -30.75
CA ALA D 156 1.68 -28.73 -31.42
C ALA D 156 2.26 -27.33 -31.50
N SER D 157 3.51 -27.24 -31.86
CA SER D 157 4.19 -25.98 -31.97
C SER D 157 5.12 -26.02 -33.15
N LYS D 158 5.84 -24.93 -33.34
CA LYS D 158 6.68 -24.74 -34.47
C LYS D 158 7.77 -25.78 -34.55
N THR D 159 8.24 -26.22 -33.42
CA THR D 159 9.23 -27.25 -33.37
C THR D 159 8.86 -28.22 -32.30
N GLU D 160 9.44 -29.40 -32.38
CA GLU D 160 9.30 -30.41 -31.36
C GLU D 160 9.88 -30.04 -30.01
N GLU D 161 10.97 -29.31 -30.00
CA GLU D 161 11.52 -28.81 -28.77
C GLU D 161 10.58 -27.86 -28.07
N MSE D 162 9.96 -26.96 -28.81
CA MSE D 162 9.00 -26.05 -28.23
C MSE D 162 7.80 -26.78 -27.68
O MSE D 162 7.31 -26.44 -26.65
CB MSE D 162 8.53 -25.03 -29.23
CG MSE D 162 9.50 -23.98 -29.51
SE MSE D 162 8.88 -22.62 -30.63
CE MSE D 162 10.25 -21.43 -30.42
N HIS D 163 7.32 -27.76 -28.39
CA HIS D 163 6.18 -28.50 -27.93
C HIS D 163 6.49 -29.23 -26.64
N GLU D 164 7.68 -29.82 -26.56
CA GLU D 164 8.08 -30.60 -25.42
C GLU D 164 8.18 -29.77 -24.16
N TYR D 165 8.86 -28.65 -24.23
CA TYR D 165 8.91 -27.76 -23.10
C TYR D 165 7.60 -27.07 -22.77
N GLY D 166 6.81 -26.77 -23.78
CA GLY D 166 5.52 -26.18 -23.56
C GLY D 166 4.64 -27.12 -22.77
N LEU D 167 4.67 -28.38 -23.13
CA LEU D 167 3.93 -29.38 -22.42
C LEU D 167 4.43 -29.49 -21.01
N ASN D 168 5.70 -29.29 -20.81
CA ASN D 168 6.23 -29.31 -19.47
C ASN D 168 5.73 -28.23 -18.55
N ASP D 169 5.62 -27.01 -19.05
CA ASP D 169 5.01 -25.96 -18.30
C ASP D 169 3.54 -26.28 -18.05
N LEU D 170 2.84 -26.78 -19.05
CA LEU D 170 1.43 -27.09 -18.94
C LEU D 170 1.11 -28.17 -17.93
N SER D 171 1.99 -29.13 -17.80
CA SER D 171 1.82 -30.19 -16.86
C SER D 171 1.97 -29.73 -15.43
N ILE D 172 2.51 -28.55 -15.22
CA ILE D 172 2.56 -27.98 -13.91
C ILE D 172 1.19 -27.67 -13.36
N PHE D 173 0.35 -27.02 -14.15
CA PHE D 173 -0.95 -26.61 -13.69
C PHE D 173 -2.12 -27.21 -14.44
N THR D 174 -1.86 -28.16 -15.28
CA THR D 174 -2.82 -28.71 -16.19
C THR D 174 -2.75 -30.20 -16.20
N LYS D 175 -3.81 -30.85 -16.61
CA LYS D 175 -3.78 -32.27 -16.76
C LYS D 175 -3.48 -32.59 -18.20
N VAL D 176 -2.41 -33.34 -18.41
CA VAL D 176 -1.96 -33.66 -19.75
C VAL D 176 -2.22 -35.11 -20.11
N MSE D 177 -2.86 -35.33 -21.24
CA MSE D 177 -3.21 -36.65 -21.72
C MSE D 177 -3.28 -36.73 -23.24
O MSE D 177 -3.34 -35.74 -23.91
CB MSE D 177 -4.50 -37.15 -21.09
CG MSE D 177 -5.59 -36.18 -21.14
SE MSE D 177 -7.07 -36.77 -20.13
CE MSE D 177 -6.57 -36.22 -18.46
N THR D 178 -3.24 -37.94 -23.76
CA THR D 178 -3.38 -38.14 -25.18
C THR D 178 -4.81 -38.05 -25.57
N VAL D 179 -5.04 -37.88 -26.85
CA VAL D 179 -6.37 -37.76 -27.33
C VAL D 179 -7.13 -39.00 -27.05
N ASP D 180 -6.50 -40.14 -27.24
CA ASP D 180 -7.12 -41.42 -27.01
C ASP D 180 -7.46 -41.59 -25.56
N GLN D 181 -6.62 -41.10 -24.69
CA GLN D 181 -6.90 -41.21 -23.28
C GLN D 181 -8.12 -40.43 -22.91
N TYR D 182 -8.26 -39.25 -23.48
CA TYR D 182 -9.38 -38.41 -23.17
C TYR D 182 -10.67 -39.06 -23.62
N ILE D 183 -10.66 -39.58 -24.83
CA ILE D 183 -11.81 -40.26 -25.33
C ILE D 183 -12.12 -41.47 -24.49
N GLN D 184 -11.10 -42.22 -24.18
CA GLN D 184 -11.28 -43.40 -23.35
C GLN D 184 -11.80 -43.02 -21.99
N ALA D 185 -11.42 -41.86 -21.50
CA ALA D 185 -11.83 -41.47 -20.18
C ALA D 185 -13.31 -41.21 -20.10
N TRP D 186 -13.96 -41.06 -21.24
CA TRP D 186 -15.39 -40.85 -21.19
C TRP D 186 -16.18 -42.14 -21.12
N GLU D 187 -15.50 -43.28 -21.24
CA GLU D 187 -16.14 -44.57 -21.03
C GLU D 187 -15.62 -45.27 -19.80
N ALA E 6 37.38 -8.94 39.69
CA ALA E 6 36.66 -8.81 38.44
C ALA E 6 37.58 -9.01 37.26
N LYS E 7 37.33 -10.05 36.48
CA LYS E 7 38.13 -10.36 35.32
C LYS E 7 37.24 -10.55 34.12
N HIS E 8 37.68 -10.02 33.00
CA HIS E 8 36.88 -9.96 31.80
C HIS E 8 37.57 -10.59 30.63
N ALA E 9 36.77 -11.20 29.78
CA ALA E 9 37.23 -11.67 28.49
C ALA E 9 36.46 -10.96 27.41
N ILE E 10 37.17 -10.50 26.41
CA ILE E 10 36.54 -9.83 25.33
C ILE E 10 36.65 -10.72 24.15
N LEU E 11 35.51 -11.09 23.60
CA LEU E 11 35.48 -12.02 22.50
C LEU E 11 35.37 -11.30 21.20
N VAL E 12 36.31 -11.52 20.31
CA VAL E 12 36.28 -10.84 19.07
C VAL E 12 35.88 -11.85 18.05
N ILE E 13 34.71 -11.64 17.47
CA ILE E 13 34.06 -12.66 16.72
C ILE E 13 34.04 -12.44 15.25
N ASP E 14 34.77 -13.29 14.57
CA ASP E 14 34.76 -13.41 13.15
C ASP E 14 35.19 -12.21 12.31
N MSE E 15 36.11 -11.42 12.81
CA MSE E 15 36.61 -10.34 12.02
C MSE E 15 37.67 -10.94 11.16
O MSE E 15 38.82 -10.88 11.45
CB MSE E 15 37.18 -9.27 12.92
CG MSE E 15 36.18 -8.65 13.88
SE MSE E 15 34.72 -7.73 13.12
CE MSE E 15 35.67 -6.29 12.39
N LEU E 16 37.22 -11.51 10.05
CA LEU E 16 38.01 -12.36 9.21
C LEU E 16 38.07 -11.86 7.78
N ASN E 17 39.00 -12.40 7.03
CA ASN E 17 39.33 -11.92 5.71
C ASN E 17 38.16 -12.08 4.81
N ASP E 18 37.43 -13.16 4.98
CA ASP E 18 36.25 -13.44 4.21
C ASP E 18 35.10 -12.47 4.42
N PHE E 19 34.94 -11.99 5.63
CA PHE E 19 33.78 -11.21 5.94
C PHE E 19 34.01 -9.72 6.08
N VAL E 20 35.23 -9.31 6.32
CA VAL E 20 35.48 -7.92 6.60
C VAL E 20 36.23 -7.25 5.49
N GLY E 21 35.69 -6.12 5.07
CA GLY E 21 36.30 -5.31 4.05
C GLY E 21 35.58 -5.24 2.72
N GLU E 22 35.85 -4.18 2.01
CA GLU E 22 35.14 -3.86 0.81
C GLU E 22 35.31 -4.95 -0.20
N LYS E 23 36.49 -5.54 -0.27
CA LYS E 23 36.73 -6.57 -1.24
C LYS E 23 36.56 -8.00 -0.72
N ALA E 24 36.07 -8.15 0.50
CA ALA E 24 35.85 -9.48 1.06
C ALA E 24 34.79 -10.22 0.30
N PRO E 25 35.05 -11.49 0.05
CA PRO E 25 34.20 -12.34 -0.76
C PRO E 25 32.82 -12.53 -0.18
N LEU E 26 32.73 -12.58 1.13
CA LEU E 26 31.49 -12.80 1.82
C LEU E 26 31.20 -11.59 2.63
N ARG E 27 31.32 -10.44 2.00
CA ARG E 27 31.49 -9.23 2.73
C ARG E 27 30.34 -9.06 3.69
N CYS E 28 30.64 -8.67 4.91
CA CYS E 28 29.63 -8.18 5.80
C CYS E 28 29.84 -6.69 5.90
N PRO E 29 28.93 -5.94 5.30
CA PRO E 29 29.14 -4.53 5.05
C PRO E 29 29.40 -3.80 6.31
N GLY E 30 28.73 -4.18 7.38
CA GLY E 30 28.88 -3.53 8.65
C GLY E 30 30.25 -3.66 9.24
N GLY E 31 30.97 -4.69 8.86
CA GLY E 31 32.16 -5.05 9.56
C GLY E 31 33.25 -4.02 9.55
N GLU E 32 33.50 -3.45 8.39
CA GLU E 32 34.56 -2.49 8.17
C GLU E 32 34.36 -1.27 9.05
N THR E 33 33.13 -0.91 9.26
CA THR E 33 32.82 0.28 10.03
C THR E 33 33.23 0.25 11.47
N ILE E 34 33.43 -0.93 12.01
CA ILE E 34 33.71 -1.00 13.42
C ILE E 34 35.18 -1.21 13.69
N ILE E 35 35.97 -1.26 12.65
CA ILE E 35 37.35 -1.59 12.83
C ILE E 35 38.05 -0.60 13.73
N PRO E 36 37.82 0.67 13.51
CA PRO E 36 38.54 1.67 14.25
C PRO E 36 38.25 1.55 15.73
N ASP E 37 37.00 1.33 16.07
CA ASP E 37 36.61 1.12 17.44
C ASP E 37 37.21 -0.12 18.06
N LEU E 38 37.31 -1.20 17.31
CA LEU E 38 37.93 -2.41 17.83
C LEU E 38 39.43 -2.24 18.08
N GLN E 39 40.09 -1.59 17.16
CA GLN E 39 41.51 -1.31 17.29
C GLN E 39 41.73 -0.46 18.52
N LYS E 40 40.83 0.44 18.75
CA LYS E 40 40.98 1.29 19.89
C LYS E 40 40.98 0.43 21.13
N ILE E 41 40.00 -0.45 21.25
CA ILE E 41 39.89 -1.31 22.40
C ILE E 41 41.09 -2.25 22.47
N PHE E 42 41.56 -2.71 21.33
CA PHE E 42 42.65 -3.64 21.36
C PHE E 42 43.82 -2.96 22.03
N GLU E 43 44.16 -1.78 21.53
CA GLU E 43 45.32 -1.06 22.02
C GLU E 43 45.13 -0.73 23.48
N TRP E 44 43.93 -0.34 23.86
CA TRP E 44 43.72 -0.01 25.23
C TRP E 44 43.94 -1.19 26.12
N VAL E 45 43.40 -2.32 25.75
CA VAL E 45 43.60 -3.52 26.55
C VAL E 45 45.04 -3.99 26.59
N ARG E 46 45.69 -3.97 25.44
CA ARG E 46 47.05 -4.42 25.34
C ARG E 46 47.94 -3.51 26.15
N GLY E 47 47.61 -2.24 26.11
CA GLY E 47 48.28 -1.23 26.88
C GLY E 47 48.13 -1.45 28.36
N ARG E 48 47.02 -2.03 28.77
CA ARG E 48 46.69 -2.06 30.17
C ARG E 48 47.70 -2.83 30.97
N GLU E 49 48.16 -2.25 32.06
CA GLU E 49 48.97 -2.99 32.98
C GLU E 49 48.07 -3.96 33.62
N GLY E 50 48.60 -5.12 33.96
CA GLY E 50 47.83 -6.14 34.62
C GLY E 50 47.14 -7.12 33.70
N ASP E 51 46.48 -8.09 34.30
CA ASP E 51 45.83 -9.13 33.55
C ASP E 51 44.32 -9.21 33.72
N ASP E 52 43.71 -8.08 34.06
CA ASP E 52 42.29 -8.05 34.31
C ASP E 52 41.44 -8.36 33.09
N ILE E 53 41.90 -7.94 31.93
CA ILE E 53 41.16 -8.12 30.71
C ILE E 53 41.87 -8.86 29.60
N HIS E 54 41.28 -9.97 29.16
CA HIS E 54 41.85 -10.81 28.14
C HIS E 54 41.20 -10.60 26.80
N LEU E 55 41.95 -10.83 25.75
CA LEU E 55 41.43 -10.81 24.42
C LEU E 55 41.36 -12.24 23.92
N VAL E 56 40.21 -12.64 23.40
CA VAL E 56 40.00 -13.95 22.82
C VAL E 56 39.52 -13.76 21.40
N HIS E 57 40.16 -14.39 20.46
CA HIS E 57 39.78 -14.23 19.07
C HIS E 57 39.11 -15.47 18.54
N ILE E 58 37.94 -15.30 17.99
CA ILE E 58 37.16 -16.42 17.55
C ILE E 58 36.94 -16.41 16.07
N GLN E 59 37.35 -17.48 15.42
CA GLN E 59 37.25 -17.58 13.99
C GLN E 59 36.49 -18.80 13.56
N GLU E 60 35.58 -18.59 12.62
CA GLU E 60 34.86 -19.66 12.00
C GLU E 60 35.83 -20.40 11.13
N ALA E 61 35.84 -21.72 11.27
CA ALA E 61 36.74 -22.58 10.56
C ALA E 61 36.12 -23.90 10.15
N HIS E 62 35.30 -23.91 9.13
CA HIS E 62 34.59 -25.11 8.75
C HIS E 62 35.48 -26.12 8.14
N ARG E 63 35.04 -27.36 8.13
CA ARG E 63 35.70 -28.43 7.41
C ARG E 63 35.58 -28.22 5.94
N LYS E 64 36.61 -28.57 5.19
CA LYS E 64 36.57 -28.43 3.74
C LYS E 64 35.35 -29.04 3.07
N LEU E 74 30.13 -20.87 1.11
CA LEU E 74 29.52 -19.66 1.66
C LEU E 74 29.85 -19.50 3.11
N HIS E 75 30.99 -20.07 3.48
CA HIS E 75 31.52 -19.93 4.81
C HIS E 75 33.05 -20.05 4.77
N ALA E 76 33.69 -19.56 5.80
CA ALA E 76 35.11 -19.62 5.93
C ALA E 76 35.64 -21.00 6.25
N VAL E 77 36.65 -21.43 5.54
CA VAL E 77 37.15 -22.77 5.67
C VAL E 77 38.45 -22.86 6.40
N LYS E 78 38.60 -23.90 7.20
CA LYS E 78 39.76 -24.04 8.03
C LYS E 78 41.02 -24.07 7.19
N GLY E 79 42.01 -23.31 7.60
CA GLY E 79 43.30 -23.29 6.95
C GLY E 79 43.44 -22.40 5.73
N THR E 80 42.39 -21.69 5.39
CA THR E 80 42.38 -20.83 4.25
C THR E 80 42.52 -19.39 4.66
N TRP E 81 42.81 -18.54 3.69
CA TRP E 81 42.99 -17.14 3.89
C TRP E 81 41.73 -16.49 4.42
N GLY E 82 40.60 -16.95 3.94
CA GLY E 82 39.33 -16.39 4.33
C GLY E 82 39.05 -16.55 5.80
N SER E 83 39.48 -17.66 6.35
CA SER E 83 39.35 -17.97 7.76
C SER E 83 40.13 -17.06 8.67
N ASP E 84 41.23 -16.55 8.16
CA ASP E 84 42.17 -15.77 8.99
C ASP E 84 41.70 -14.42 9.38
N PHE E 85 42.24 -13.94 10.49
CA PHE E 85 41.92 -12.62 10.96
C PHE E 85 42.46 -11.56 10.01
N ILE E 86 41.76 -10.46 9.90
CA ILE E 86 42.24 -9.37 9.15
C ILE E 86 43.38 -8.78 9.94
N PRO E 87 44.35 -8.22 9.23
CA PRO E 87 45.57 -7.74 9.83
C PRO E 87 45.30 -6.68 10.84
N GLU E 88 44.31 -5.86 10.57
CA GLU E 88 44.00 -4.74 11.43
C GLU E 88 43.67 -5.24 12.80
N LEU E 89 43.09 -6.42 12.88
CA LEU E 89 42.70 -6.95 14.16
C LEU E 89 43.38 -8.27 14.52
N TYR E 90 44.54 -8.53 13.97
CA TYR E 90 45.25 -9.76 14.22
C TYR E 90 45.65 -9.96 15.66
N PRO E 91 45.62 -11.20 16.09
CA PRO E 91 45.91 -11.55 17.47
C PRO E 91 47.36 -11.38 17.78
N GLN E 92 47.65 -11.11 19.02
CA GLN E 92 49.02 -10.93 19.40
C GLN E 92 49.52 -12.03 20.27
N GLU E 93 50.53 -12.74 19.84
CA GLU E 93 51.32 -13.43 20.82
C GLU E 93 50.50 -14.38 21.62
N ASP E 94 50.36 -14.03 22.88
CA ASP E 94 49.69 -14.80 23.90
C ASP E 94 48.19 -14.96 23.80
N GLU E 95 47.52 -14.09 23.09
CA GLU E 95 46.08 -14.06 23.13
C GLU E 95 45.44 -15.33 22.55
N TYR E 96 44.49 -15.86 23.31
CA TYR E 96 43.85 -17.12 22.97
C TYR E 96 43.02 -17.07 21.71
N ILE E 97 43.06 -18.17 20.99
CA ILE E 97 42.27 -18.30 19.79
C ILE E 97 41.33 -19.49 19.88
N VAL E 98 40.09 -19.29 19.46
CA VAL E 98 39.14 -20.36 19.39
C VAL E 98 38.63 -20.54 17.98
N GLN E 99 38.61 -21.76 17.52
CA GLN E 99 38.03 -22.05 16.23
C GLN E 99 36.71 -22.78 16.37
N LYS E 100 35.72 -22.27 15.67
CA LYS E 100 34.37 -22.77 15.75
C LYS E 100 33.84 -23.14 14.38
N ARG E 101 33.04 -24.18 14.32
CA ARG E 101 32.37 -24.63 13.11
C ARG E 101 30.86 -24.35 13.04
N ARG E 102 30.31 -23.72 14.06
CA ARG E 102 28.89 -23.41 14.17
C ARG E 102 28.74 -22.00 14.67
N HIS E 103 27.54 -21.54 14.93
CA HIS E 103 27.37 -20.14 15.22
C HIS E 103 28.04 -19.63 16.48
N SER E 104 27.80 -20.29 17.58
CA SER E 104 28.33 -19.90 18.85
C SER E 104 29.82 -20.11 19.00
N GLY E 105 30.44 -19.19 19.68
CA GLY E 105 31.79 -19.30 20.10
C GLY E 105 31.97 -20.46 21.05
N PHE E 106 30.95 -20.79 21.80
CA PHE E 106 31.00 -21.87 22.75
C PHE E 106 30.70 -23.25 22.18
N ALA E 107 30.14 -23.35 21.00
CA ALA E 107 29.57 -24.60 20.59
C ALA E 107 30.64 -25.53 20.06
N HIS E 108 30.86 -26.62 20.77
CA HIS E 108 31.87 -27.61 20.47
C HIS E 108 33.27 -27.10 20.57
N THR E 109 33.48 -26.10 21.37
CA THR E 109 34.78 -25.53 21.56
C THR E 109 35.18 -25.59 23.00
N ASP E 110 36.39 -25.15 23.26
CA ASP E 110 36.91 -25.08 24.60
C ASP E 110 36.85 -23.68 25.21
N LEU E 111 36.01 -22.82 24.65
CA LEU E 111 35.92 -21.47 25.13
C LEU E 111 35.49 -21.39 26.58
N ASP E 112 34.52 -22.17 27.00
CA ASP E 112 34.10 -22.18 28.37
C ASP E 112 35.22 -22.65 29.29
N LEU E 113 35.96 -23.66 28.86
CA LEU E 113 37.05 -24.15 29.67
C LEU E 113 38.10 -23.09 29.87
N TYR E 114 38.45 -22.36 28.84
CA TYR E 114 39.42 -21.32 28.98
C TYR E 114 38.94 -20.25 29.93
N LEU E 115 37.68 -19.89 29.84
CA LEU E 115 37.12 -18.91 30.70
C LEU E 115 37.15 -19.40 32.12
N LYS E 116 36.85 -20.66 32.32
CA LYS E 116 36.89 -21.24 33.64
C LYS E 116 38.29 -21.24 34.21
N GLU E 117 39.26 -21.54 33.38
CA GLU E 117 40.64 -21.63 33.78
C GLU E 117 41.13 -20.28 34.28
N GLU E 118 40.71 -19.22 33.62
CA GLU E 118 41.19 -17.90 33.93
C GLU E 118 40.35 -17.14 34.92
N GLY E 119 39.41 -17.80 35.55
CA GLY E 119 38.60 -17.18 36.55
C GLY E 119 37.84 -15.96 36.09
N ILE E 120 37.46 -15.97 34.83
CA ILE E 120 36.78 -14.87 34.22
C ILE E 120 35.31 -14.91 34.48
N ASP E 121 34.77 -13.79 34.92
CA ASP E 121 33.36 -13.73 35.22
C ASP E 121 32.50 -12.97 34.24
N THR E 122 33.12 -12.29 33.30
CA THR E 122 32.38 -11.49 32.40
C THR E 122 32.89 -11.61 31.01
N VAL E 123 32.00 -11.72 30.05
CA VAL E 123 32.42 -11.73 28.68
C VAL E 123 31.83 -10.54 27.98
N VAL E 124 32.59 -9.91 27.13
CA VAL E 124 32.10 -8.78 26.40
C VAL E 124 32.25 -8.96 24.91
N LEU E 125 31.23 -8.59 24.17
CA LEU E 125 31.07 -9.05 22.80
C LEU E 125 31.40 -8.04 21.74
N THR E 126 32.19 -8.46 20.78
CA THR E 126 32.59 -7.63 19.69
C THR E 126 32.62 -8.41 18.42
N GLY E 127 32.49 -7.75 17.30
CA GLY E 127 32.44 -8.48 16.08
C GLY E 127 31.10 -8.49 15.42
N VAL E 128 30.93 -9.50 14.60
CA VAL E 128 29.95 -9.57 13.58
C VAL E 128 29.42 -11.00 13.45
N TRP E 129 28.17 -11.23 13.05
CA TRP E 129 27.10 -10.27 12.97
C TRP E 129 26.41 -10.17 14.28
N THR E 130 25.86 -9.01 14.55
CA THR E 130 25.28 -8.71 15.80
C THR E 130 24.16 -9.66 16.10
N ASN E 131 23.34 -9.94 15.11
CA ASN E 131 22.16 -10.75 15.30
C ASN E 131 22.38 -12.21 15.06
N VAL E 132 23.56 -12.59 14.64
CA VAL E 132 23.83 -13.97 14.40
C VAL E 132 24.83 -14.57 15.34
N CYS E 133 26.06 -14.69 14.91
CA CYS E 133 27.10 -15.31 15.71
C CYS E 133 27.38 -14.57 17.00
N VAL E 134 27.33 -13.26 16.97
CA VAL E 134 27.47 -12.51 18.18
C VAL E 134 26.36 -12.79 19.17
N ARG E 135 25.13 -12.78 18.71
CA ARG E 135 24.02 -13.07 19.58
C ARG E 135 24.09 -14.46 20.15
N SER E 136 24.51 -15.41 19.34
CA SER E 136 24.62 -16.78 19.76
C SER E 136 25.62 -17.00 20.86
N THR E 137 26.76 -16.36 20.73
CA THR E 137 27.80 -16.41 21.73
C THR E 137 27.36 -15.79 23.03
N ALA E 138 26.61 -14.71 22.96
CA ALA E 138 26.02 -14.10 24.12
C ALA E 138 25.04 -14.98 24.85
N THR E 139 24.19 -15.68 24.13
CA THR E 139 23.26 -16.58 24.73
C THR E 139 23.96 -17.72 25.43
N ASP E 140 24.99 -18.25 24.82
CA ASP E 140 25.75 -19.30 25.43
C ASP E 140 26.48 -18.88 26.69
N ALA E 141 27.00 -17.67 26.71
CA ALA E 141 27.65 -17.12 27.87
C ALA E 141 26.68 -17.00 29.03
N LEU E 142 25.51 -16.49 28.75
CA LEU E 142 24.46 -16.41 29.73
C LEU E 142 24.10 -17.79 30.21
N ALA E 143 24.08 -18.74 29.31
CA ALA E 143 23.73 -20.11 29.65
C ALA E 143 24.74 -20.75 30.58
N ASN E 144 25.96 -20.23 30.58
CA ASN E 144 27.01 -20.69 31.43
C ASN E 144 27.26 -19.80 32.63
N ALA E 145 26.32 -18.93 32.93
CA ALA E 145 26.34 -18.10 34.11
C ALA E 145 27.34 -16.97 34.08
N TYR E 146 27.95 -16.71 32.95
CA TYR E 146 28.80 -15.56 32.80
C TYR E 146 27.95 -14.33 32.75
N LYS E 147 28.56 -13.20 33.03
CA LYS E 147 27.93 -11.91 32.89
C LYS E 147 28.30 -11.44 31.53
N VAL E 148 27.37 -10.83 30.82
CA VAL E 148 27.57 -10.49 29.44
C VAL E 148 27.43 -9.02 29.13
N ILE E 149 28.39 -8.48 28.40
CA ILE E 149 28.34 -7.13 27.96
C ILE E 149 28.43 -7.10 26.47
N THR E 150 27.62 -6.27 25.83
CA THR E 150 27.62 -6.13 24.39
C THR E 150 28.01 -4.73 24.02
N LEU E 151 28.99 -4.61 23.16
CA LEU E 151 29.47 -3.30 22.79
C LEU E 151 28.80 -2.83 21.53
N SER E 152 27.94 -1.84 21.68
CA SER E 152 27.08 -1.37 20.62
C SER E 152 27.82 -0.83 19.44
N ASP E 153 28.89 -0.09 19.64
CA ASP E 153 29.67 0.33 18.51
C ASP E 153 30.80 -0.63 18.25
N GLY E 154 30.88 -1.67 19.06
CA GLY E 154 31.79 -2.76 18.81
C GLY E 154 31.26 -3.88 17.95
N THR E 155 29.97 -3.86 17.66
CA THR E 155 29.37 -4.94 16.90
C THR E 155 28.70 -4.41 15.67
N ALA E 156 28.56 -5.25 14.66
CA ALA E 156 28.01 -4.82 13.42
C ALA E 156 27.28 -5.98 12.80
N SER E 157 26.54 -5.70 11.76
CA SER E 157 25.83 -6.72 11.03
C SER E 157 25.76 -6.32 9.59
N LYS E 158 25.13 -7.15 8.79
CA LYS E 158 25.00 -6.95 7.37
C LYS E 158 24.24 -5.68 7.06
N THR E 159 23.24 -5.35 7.86
CA THR E 159 22.54 -4.11 7.68
C THR E 159 22.33 -3.44 9.00
N GLU E 160 22.13 -2.13 8.96
CA GLU E 160 21.93 -1.35 10.15
C GLU E 160 20.67 -1.80 10.88
N GLU E 161 19.67 -2.22 10.12
CA GLU E 161 18.47 -2.69 10.74
C GLU E 161 18.71 -3.94 11.54
N MSE E 162 19.44 -4.89 10.98
CA MSE E 162 19.72 -6.15 11.65
C MSE E 162 20.50 -5.88 12.90
O MSE E 162 20.23 -6.44 13.93
CB MSE E 162 20.49 -7.10 10.76
CG MSE E 162 19.69 -7.89 9.82
SE MSE E 162 20.70 -9.10 8.84
CE MSE E 162 19.40 -9.97 7.86
N HIS E 163 21.48 -5.00 12.81
CA HIS E 163 22.26 -4.67 13.98
C HIS E 163 21.39 -4.05 15.03
N GLU E 164 20.51 -3.17 14.62
CA GLU E 164 19.65 -2.48 15.54
C GLU E 164 18.70 -3.39 16.27
N TYR E 165 18.06 -4.30 15.56
CA TYR E 165 17.21 -5.26 16.24
C TYR E 165 17.97 -6.29 17.04
N GLY E 166 19.19 -6.57 16.61
CA GLY E 166 20.07 -7.44 17.35
C GLY E 166 20.43 -6.90 18.71
N LEU E 167 20.71 -5.61 18.77
CA LEU E 167 20.96 -4.93 20.02
C LEU E 167 19.77 -4.98 20.92
N ASN E 168 18.60 -4.83 20.34
CA ASN E 168 17.40 -4.85 21.12
C ASN E 168 17.18 -6.17 21.79
N ASP E 169 17.40 -7.24 21.06
CA ASP E 169 17.35 -8.55 21.65
C ASP E 169 18.42 -8.67 22.69
N LEU E 170 19.60 -8.17 22.39
CA LEU E 170 20.73 -8.33 23.27
C LEU E 170 20.50 -7.64 24.59
N SER E 171 19.72 -6.58 24.56
CA SER E 171 19.45 -5.79 25.73
C SER E 171 18.54 -6.48 26.72
N ILE E 172 17.93 -7.55 26.31
CA ILE E 172 17.12 -8.33 27.19
C ILE E 172 17.92 -9.03 28.28
N PHE E 173 19.09 -9.52 27.94
CA PHE E 173 19.87 -10.27 28.90
C PHE E 173 21.29 -9.79 29.08
N THR E 174 21.69 -8.73 28.40
CA THR E 174 23.04 -8.19 28.53
C THR E 174 23.08 -6.70 28.80
N LYS E 175 24.21 -6.22 29.26
CA LYS E 175 24.41 -4.81 29.38
C LYS E 175 25.00 -4.31 28.09
N VAL E 176 24.30 -3.41 27.42
CA VAL E 176 24.74 -2.88 26.17
C VAL E 176 25.32 -1.51 26.42
N MSE E 177 26.51 -1.27 25.92
CA MSE E 177 27.20 -0.03 26.14
C MSE E 177 28.22 0.20 25.07
O MSE E 177 28.58 -0.69 24.38
CB MSE E 177 27.84 0.01 27.51
CG MSE E 177 29.08 -0.80 27.69
SE MSE E 177 29.41 -1.12 29.51
CE MSE E 177 27.84 -1.99 30.05
N THR E 178 28.65 1.43 24.95
CA THR E 178 29.61 1.80 23.93
C THR E 178 31.01 1.42 24.35
N VAL E 179 31.93 1.42 23.40
CA VAL E 179 33.30 1.09 23.66
C VAL E 179 33.87 2.06 24.65
N ASP E 180 33.60 3.33 24.46
CA ASP E 180 34.09 4.34 25.37
C ASP E 180 33.51 4.20 26.73
N GLN E 181 32.22 3.93 26.79
CA GLN E 181 31.61 3.80 28.07
C GLN E 181 32.30 2.67 28.77
N TYR E 182 32.59 1.61 28.05
CA TYR E 182 33.20 0.45 28.67
C TYR E 182 34.56 0.77 29.21
N ILE E 183 35.36 1.45 28.42
CA ILE E 183 36.67 1.82 28.88
C ILE E 183 36.57 2.75 30.09
N GLN E 184 35.73 3.76 30.00
CA GLN E 184 35.61 4.72 31.07
C GLN E 184 35.13 4.13 32.37
N ALA E 185 34.32 3.10 32.29
CA ALA E 185 33.84 2.48 33.49
C ALA E 185 34.95 1.83 34.29
N TRP E 186 35.87 1.21 33.60
CA TRP E 186 37.01 0.59 34.25
C TRP E 186 37.89 1.63 34.90
N GLU E 187 38.06 2.76 34.23
CA GLU E 187 38.93 3.81 34.69
C GLU E 187 38.42 4.31 36.00
N ASN E 188 37.10 4.34 36.08
CA ASN E 188 36.39 4.83 37.23
C ASN E 188 36.24 3.82 38.33
N ASP E 189 36.81 2.65 38.15
CA ASP E 189 36.64 1.63 39.16
C ASP E 189 35.16 1.36 39.43
N GLU E 190 34.34 1.43 38.40
CA GLU E 190 32.95 1.02 38.56
C GLU E 190 32.74 -0.20 37.70
N ASP E 191 31.96 -1.16 38.18
CA ASP E 191 31.67 -2.34 37.40
C ASP E 191 30.86 -1.95 36.19
N PRO E 192 31.38 -2.26 35.01
CA PRO E 192 30.80 -1.85 33.73
C PRO E 192 29.45 -2.50 33.46
N TRP E 193 29.28 -3.67 34.04
CA TRP E 193 28.14 -4.49 33.80
C TRP E 193 26.84 -3.98 34.41
N VAL E 194 26.93 -3.05 35.34
CA VAL E 194 25.82 -2.74 36.23
C VAL E 194 24.55 -2.20 35.58
N GLY E 195 23.43 -2.76 35.99
CA GLY E 195 22.15 -2.38 35.41
C GLY E 195 21.86 -3.02 34.08
N GLY E 196 22.54 -4.11 33.77
CA GLY E 196 22.33 -4.84 32.54
C GLY E 196 21.07 -5.67 32.45
N GLY E 197 20.64 -5.98 31.24
CA GLY E 197 19.48 -6.83 31.09
C GLY E 197 18.19 -6.07 31.33
N ASP E 198 17.10 -6.81 31.43
CA ASP E 198 15.77 -6.24 31.48
C ASP E 198 14.91 -6.94 32.50
N ALA E 199 15.33 -6.94 33.75
CA ALA E 199 14.65 -7.71 34.77
C ALA E 199 13.28 -7.16 35.05
N GLN E 200 12.98 -5.98 34.56
CA GLN E 200 11.65 -5.45 34.71
C GLN E 200 10.82 -5.51 33.44
N ASN E 201 11.34 -6.16 32.41
CA ASN E 201 10.62 -6.35 31.16
C ASN E 201 10.09 -5.08 30.50
N LYS E 202 11.00 -4.26 30.01
CA LYS E 202 10.64 -3.04 29.35
C LYS E 202 10.92 -3.11 27.86
N VAL E 203 11.19 -4.30 27.36
CA VAL E 203 11.34 -4.49 25.93
C VAL E 203 9.98 -4.44 25.27
N MSE F 5 10.60 -40.89 4.99
CA MSE F 5 11.75 -41.36 5.74
C MSE F 5 11.89 -40.67 7.08
O MSE F 5 12.30 -41.28 8.06
CB MSE F 5 13.02 -41.15 4.93
N ALA F 6 11.54 -39.40 7.12
CA ALA F 6 11.84 -38.51 8.23
C ALA F 6 11.11 -38.75 9.53
N LYS F 7 11.71 -38.32 10.60
CA LYS F 7 11.13 -38.35 11.91
C LYS F 7 11.25 -36.98 12.53
N HIS F 8 10.16 -36.41 12.99
CA HIS F 8 10.15 -35.04 13.46
C HIS F 8 9.74 -34.96 14.90
N ALA F 9 10.26 -33.98 15.60
CA ALA F 9 9.76 -33.64 16.89
C ALA F 9 9.32 -32.22 16.90
N ILE F 10 8.11 -31.99 17.36
CA ILE F 10 7.59 -30.67 17.50
C ILE F 10 7.86 -30.29 18.90
N LEU F 11 8.59 -29.22 19.08
CA LEU F 11 8.91 -28.76 20.39
C LEU F 11 7.98 -27.63 20.73
N VAL F 12 7.28 -27.74 21.83
CA VAL F 12 6.38 -26.71 22.26
C VAL F 12 7.04 -26.00 23.39
N ILE F 13 7.37 -24.75 23.18
CA ILE F 13 8.20 -24.03 24.11
C ILE F 13 7.49 -22.96 24.91
N ASP F 14 7.49 -23.13 26.22
CA ASP F 14 7.07 -22.14 27.17
C ASP F 14 5.66 -21.62 27.02
N MSE F 15 4.75 -22.50 26.66
CA MSE F 15 3.35 -22.19 26.68
C MSE F 15 2.89 -22.42 28.11
O MSE F 15 2.24 -23.38 28.43
CB MSE F 15 2.61 -23.06 25.71
CG MSE F 15 2.83 -22.73 24.24
SE MSE F 15 2.85 -20.92 23.74
CE MSE F 15 1.06 -20.69 23.45
N LEU F 16 3.27 -21.49 28.96
CA LEU F 16 3.14 -21.59 30.38
C LEU F 16 2.42 -20.39 30.96
N ASN F 17 1.99 -20.52 32.19
CA ASN F 17 1.21 -19.50 32.84
C ASN F 17 1.89 -18.17 32.99
N ASP F 18 3.20 -18.16 33.09
CA ASP F 18 3.90 -16.92 33.24
C ASP F 18 4.21 -16.28 31.90
N PHE F 19 3.82 -16.93 30.82
CA PHE F 19 4.01 -16.38 29.50
C PHE F 19 2.73 -16.03 28.80
N VAL F 20 1.64 -16.69 29.17
CA VAL F 20 0.39 -16.54 28.49
C VAL F 20 -0.69 -16.03 29.42
N GLY F 21 -1.41 -15.03 29.00
CA GLY F 21 -2.45 -14.43 29.81
C GLY F 21 -2.12 -13.09 30.39
N GLU F 22 -3.16 -12.37 30.79
CA GLU F 22 -3.05 -11.03 31.30
C GLU F 22 -2.26 -10.93 32.58
N LYS F 23 -2.31 -11.95 33.39
CA LYS F 23 -1.54 -12.00 34.63
C LYS F 23 -0.03 -12.19 34.47
N ALA F 24 0.38 -12.78 33.38
CA ALA F 24 1.74 -13.25 33.19
C ALA F 24 2.79 -12.18 33.20
N PRO F 25 3.88 -12.48 33.85
CA PRO F 25 5.08 -11.65 33.85
C PRO F 25 5.75 -11.51 32.48
N LEU F 26 5.67 -12.52 31.65
CA LEU F 26 6.38 -12.50 30.39
C LEU F 26 5.40 -12.64 29.28
N ARG F 27 4.34 -11.88 29.40
CA ARG F 27 3.19 -12.05 28.57
C ARG F 27 3.46 -11.86 27.12
N CYS F 28 2.89 -12.73 26.32
CA CYS F 28 2.89 -12.54 24.92
C CYS F 28 1.48 -12.52 24.48
N PRO F 29 0.98 -11.38 24.06
CA PRO F 29 -0.40 -11.32 23.63
C PRO F 29 -0.51 -12.27 22.50
N GLY F 30 0.54 -12.37 21.72
CA GLY F 30 0.58 -13.26 20.60
C GLY F 30 0.40 -14.69 21.00
N GLY F 31 0.89 -15.04 22.16
CA GLY F 31 0.84 -16.40 22.61
C GLY F 31 -0.59 -16.83 22.73
N GLU F 32 -1.41 -15.91 23.18
CA GLU F 32 -2.80 -16.15 23.34
C GLU F 32 -3.44 -16.43 22.03
N THR F 33 -3.09 -15.63 21.05
CA THR F 33 -3.64 -15.76 19.72
C THR F 33 -3.24 -17.00 18.94
N ILE F 34 -2.07 -17.55 19.21
CA ILE F 34 -1.64 -18.73 18.49
C ILE F 34 -2.24 -20.02 18.98
N ILE F 35 -2.94 -19.99 20.10
CA ILE F 35 -3.31 -21.21 20.78
C ILE F 35 -4.18 -22.12 19.97
N PRO F 36 -5.11 -21.59 19.24
CA PRO F 36 -5.97 -22.43 18.45
C PRO F 36 -5.22 -23.19 17.38
N ASP F 37 -4.26 -22.56 16.74
CA ASP F 37 -3.41 -23.26 15.80
C ASP F 37 -2.54 -24.33 16.46
N LEU F 38 -2.02 -24.05 17.63
CA LEU F 38 -1.28 -25.04 18.35
C LEU F 38 -2.15 -26.24 18.74
N GLN F 39 -3.38 -25.99 19.14
CA GLN F 39 -4.33 -27.05 19.46
C GLN F 39 -4.60 -27.88 18.26
N LYS F 40 -4.69 -27.22 17.12
CA LYS F 40 -4.95 -27.91 15.91
C LYS F 40 -3.81 -28.85 15.63
N ILE F 41 -2.61 -28.36 15.82
CA ILE F 41 -1.42 -29.15 15.68
C ILE F 41 -1.37 -30.29 16.68
N PHE F 42 -1.76 -30.03 17.91
CA PHE F 42 -1.81 -31.08 18.89
C PHE F 42 -2.80 -32.16 18.52
N GLU F 43 -3.99 -31.78 18.11
CA GLU F 43 -4.98 -32.77 17.82
C GLU F 43 -4.52 -33.63 16.69
N TRP F 44 -3.91 -33.01 15.70
CA TRP F 44 -3.47 -33.73 14.54
C TRP F 44 -2.39 -34.74 14.85
N VAL F 45 -1.40 -34.33 15.61
CA VAL F 45 -0.30 -35.20 15.93
C VAL F 45 -0.81 -36.36 16.74
N ARG F 46 -1.64 -36.07 17.72
CA ARG F 46 -2.17 -37.09 18.60
C ARG F 46 -2.99 -38.08 17.82
N GLY F 47 -3.70 -37.59 16.84
CA GLY F 47 -4.47 -38.41 15.94
C GLY F 47 -3.69 -39.33 15.02
N ARG F 48 -2.48 -38.96 14.73
CA ARG F 48 -1.78 -39.60 13.66
C ARG F 48 -1.47 -41.05 13.89
N GLU F 49 -1.57 -41.83 12.84
CA GLU F 49 -1.13 -43.19 12.91
C GLU F 49 0.35 -43.22 12.90
N GLY F 50 0.93 -43.95 13.83
CA GLY F 50 2.37 -44.09 13.85
C GLY F 50 3.16 -43.11 14.67
N ASP F 51 4.46 -43.22 14.52
CA ASP F 51 5.41 -42.54 15.36
C ASP F 51 6.29 -41.54 14.69
N ASP F 52 5.93 -41.10 13.50
CA ASP F 52 6.77 -40.18 12.78
C ASP F 52 6.93 -38.83 13.48
N ILE F 53 5.97 -38.42 14.27
CA ILE F 53 6.05 -37.11 14.88
C ILE F 53 5.83 -37.18 16.36
N HIS F 54 6.65 -36.46 17.10
CA HIS F 54 6.58 -36.42 18.54
C HIS F 54 6.29 -35.03 19.01
N LEU F 55 5.52 -34.93 20.08
CA LEU F 55 5.31 -33.67 20.72
C LEU F 55 6.22 -33.72 21.89
N VAL F 56 7.06 -32.72 22.03
CA VAL F 56 7.94 -32.62 23.14
C VAL F 56 7.71 -31.27 23.73
N HIS F 57 7.44 -31.22 25.01
CA HIS F 57 7.16 -29.98 25.69
C HIS F 57 8.34 -29.49 26.44
N ILE F 58 8.67 -28.24 26.23
CA ILE F 58 9.79 -27.66 26.91
C ILE F 58 9.25 -26.62 27.83
N GLN F 59 9.48 -26.82 29.12
CA GLN F 59 8.97 -25.92 30.10
C GLN F 59 10.04 -25.30 30.93
N GLU F 60 10.00 -24.00 31.04
CA GLU F 60 10.88 -23.31 31.91
C GLU F 60 10.62 -23.67 33.37
N ALA F 61 11.66 -24.00 34.10
CA ALA F 61 11.60 -24.39 35.48
C ALA F 61 12.77 -23.87 36.25
N HIS F 62 12.79 -22.59 36.50
CA HIS F 62 13.90 -21.99 37.15
C HIS F 62 13.99 -22.42 38.59
N ARG F 63 15.18 -22.40 39.15
CA ARG F 63 15.29 -22.58 40.57
C ARG F 63 15.01 -21.28 41.24
N LYS F 64 14.64 -21.33 42.51
CA LYS F 64 14.18 -20.14 43.18
C LYS F 64 15.27 -19.11 43.18
N ASN F 65 16.49 -19.57 43.26
CA ASN F 65 17.65 -18.70 43.27
C ASN F 65 18.37 -18.68 41.94
N ASP F 66 17.62 -18.82 40.87
CA ASP F 66 18.23 -18.94 39.55
C ASP F 66 18.97 -17.68 39.28
N ALA F 67 20.17 -17.81 38.74
CA ALA F 67 20.98 -16.68 38.34
C ALA F 67 20.37 -15.86 37.22
N ASP F 68 19.48 -16.44 36.46
CA ASP F 68 18.86 -15.73 35.36
C ASP F 68 18.05 -14.54 35.84
N PHE F 69 17.62 -14.61 37.10
CA PHE F 69 16.80 -13.60 37.74
C PHE F 69 17.55 -12.31 37.98
N ARG F 70 18.86 -12.36 37.86
CA ARG F 70 19.66 -11.16 37.92
C ARG F 70 19.31 -10.24 36.77
N VAL F 71 18.99 -10.82 35.62
CA VAL F 71 18.72 -10.04 34.45
C VAL F 71 17.33 -10.22 33.91
N ARG F 72 16.60 -11.15 34.48
CA ARG F 72 15.23 -11.34 34.11
C ARG F 72 14.35 -11.30 35.35
N PRO F 73 13.12 -10.92 35.19
CA PRO F 73 12.16 -11.00 36.28
C PRO F 73 11.89 -12.43 36.65
N LEU F 74 11.58 -12.68 37.92
CA LEU F 74 11.33 -14.02 38.38
C LEU F 74 10.15 -14.58 37.65
N HIS F 75 10.30 -15.77 37.12
CA HIS F 75 9.22 -16.39 36.42
C HIS F 75 9.43 -17.86 36.41
N ALA F 76 8.34 -18.58 36.35
CA ALA F 76 8.37 -19.97 36.07
C ALA F 76 9.36 -20.73 36.96
N VAL F 77 9.37 -20.40 38.23
CA VAL F 77 10.16 -21.12 39.18
C VAL F 77 9.65 -22.52 39.27
N LYS F 78 10.53 -23.47 39.41
CA LYS F 78 10.14 -24.85 39.30
C LYS F 78 9.11 -25.29 40.32
N GLY F 79 8.10 -25.97 39.85
CA GLY F 79 7.04 -26.50 40.66
C GLY F 79 5.89 -25.57 40.91
N THR F 80 6.06 -24.29 40.58
CA THR F 80 5.03 -23.28 40.72
C THR F 80 4.01 -23.25 39.60
N TRP F 81 2.94 -22.52 39.86
CA TRP F 81 1.83 -22.33 38.95
C TRP F 81 2.30 -21.64 37.70
N GLY F 82 3.21 -20.72 37.87
CA GLY F 82 3.75 -19.94 36.81
C GLY F 82 4.46 -20.79 35.77
N SER F 83 5.07 -21.87 36.20
CA SER F 83 5.80 -22.71 35.30
C SER F 83 4.97 -23.81 34.69
N ASP F 84 3.78 -24.04 35.20
CA ASP F 84 2.94 -25.06 34.65
C ASP F 84 2.39 -24.72 33.26
N PHE F 85 2.15 -25.74 32.45
CA PHE F 85 1.59 -25.59 31.13
C PHE F 85 0.17 -25.08 31.17
N ILE F 86 -0.17 -24.25 30.22
CA ILE F 86 -1.52 -23.78 30.13
C ILE F 86 -2.40 -24.94 29.74
N PRO F 87 -3.62 -24.91 30.20
CA PRO F 87 -4.54 -26.03 30.06
C PRO F 87 -4.86 -26.39 28.64
N GLU F 88 -4.96 -25.38 27.80
CA GLU F 88 -5.32 -25.59 26.43
C GLU F 88 -4.27 -26.42 25.73
N LEU F 89 -3.06 -26.40 26.25
CA LEU F 89 -1.95 -27.09 25.62
C LEU F 89 -1.32 -28.08 26.55
N TYR F 90 -2.11 -28.67 27.40
CA TYR F 90 -1.54 -29.53 28.40
C TYR F 90 -1.02 -30.82 27.82
N PRO F 91 0.09 -31.28 28.35
CA PRO F 91 0.76 -32.49 27.91
C PRO F 91 -0.04 -33.71 28.25
N GLN F 92 -0.11 -34.67 27.34
CA GLN F 92 -0.67 -35.99 27.58
C GLN F 92 0.39 -36.99 28.03
N GLU F 93 -0.04 -38.17 28.41
CA GLU F 93 0.71 -39.01 29.33
C GLU F 93 2.10 -39.38 28.88
N ASP F 94 2.27 -39.78 27.65
CA ASP F 94 3.59 -40.15 27.23
C ASP F 94 4.23 -39.19 26.23
N GLU F 95 4.06 -37.91 26.47
CA GLU F 95 4.69 -36.91 25.68
C GLU F 95 5.76 -36.37 26.56
N TYR F 96 6.97 -36.42 26.07
CA TYR F 96 8.13 -36.09 26.84
C TYR F 96 8.16 -34.66 27.25
N ILE F 97 8.65 -34.42 28.45
CA ILE F 97 8.78 -33.11 28.99
C ILE F 97 10.21 -32.85 29.31
N VAL F 98 10.69 -31.68 28.94
CA VAL F 98 12.01 -31.25 29.26
C VAL F 98 11.94 -29.99 30.07
N GLN F 99 12.57 -29.96 31.22
CA GLN F 99 12.59 -28.79 32.07
C GLN F 99 13.90 -28.09 31.92
N LYS F 100 13.89 -26.79 31.73
CA LYS F 100 15.07 -26.03 31.44
C LYS F 100 15.16 -24.80 32.28
N ARG F 101 16.36 -24.30 32.48
CA ARG F 101 16.63 -23.14 33.29
C ARG F 101 17.29 -22.03 32.51
N ARG F 102 17.52 -22.23 31.23
CA ARG F 102 18.17 -21.26 30.38
C ARG F 102 17.38 -21.11 29.09
N HIS F 103 17.75 -20.19 28.22
CA HIS F 103 16.92 -19.92 27.06
C HIS F 103 16.76 -21.08 26.13
N SER F 104 17.83 -21.75 25.79
CA SER F 104 17.69 -22.88 24.92
C SER F 104 17.14 -24.12 25.58
N GLY F 105 16.36 -24.84 24.83
CA GLY F 105 15.87 -26.12 25.22
C GLY F 105 16.96 -27.14 25.44
N PHE F 106 18.09 -26.91 24.80
CA PHE F 106 19.21 -27.79 24.82
C PHE F 106 20.19 -27.55 25.94
N ALA F 107 20.19 -26.38 26.53
CA ALA F 107 21.22 -26.05 27.47
C ALA F 107 20.99 -26.70 28.83
N HIS F 108 21.88 -27.60 29.18
CA HIS F 108 21.89 -28.33 30.42
C HIS F 108 20.69 -29.21 30.59
N THR F 109 20.16 -29.72 29.49
CA THR F 109 19.03 -30.61 29.49
C THR F 109 19.36 -31.90 28.78
N ASP F 110 18.40 -32.78 28.73
CA ASP F 110 18.51 -34.03 28.05
C ASP F 110 17.78 -34.06 26.73
N LEU F 111 17.48 -32.89 26.18
CA LEU F 111 16.75 -32.86 24.92
C LEU F 111 17.50 -33.53 23.81
N ASP F 112 18.77 -33.27 23.67
CA ASP F 112 19.57 -33.88 22.61
C ASP F 112 19.58 -35.39 22.74
N LEU F 113 19.74 -35.89 23.95
CA LEU F 113 19.69 -37.30 24.18
C LEU F 113 18.35 -37.89 23.85
N TYR F 114 17.27 -37.22 24.19
CA TYR F 114 15.98 -37.74 23.82
C TYR F 114 15.86 -37.80 22.33
N LEU F 115 16.29 -36.76 21.64
CA LEU F 115 16.26 -36.72 20.20
C LEU F 115 17.12 -37.80 19.54
N LYS F 116 18.30 -38.08 20.06
CA LYS F 116 19.10 -39.17 19.55
C LYS F 116 18.45 -40.49 19.75
N GLU F 117 17.83 -40.66 20.90
CA GLU F 117 17.20 -41.90 21.28
C GLU F 117 16.06 -42.26 20.39
N GLU F 118 15.29 -41.27 20.01
CA GLU F 118 14.11 -41.51 19.25
C GLU F 118 14.37 -41.50 17.76
N GLY F 119 15.61 -41.26 17.39
CA GLY F 119 15.98 -41.12 16.00
C GLY F 119 15.36 -40.00 15.22
N ILE F 120 15.33 -38.82 15.82
CA ILE F 120 14.70 -37.69 15.21
C ILE F 120 15.72 -36.87 14.49
N ASP F 121 15.44 -36.53 13.25
CA ASP F 121 16.36 -35.72 12.49
C ASP F 121 15.99 -34.26 12.41
N THR F 122 14.75 -33.94 12.72
CA THR F 122 14.24 -32.62 12.53
C THR F 122 13.50 -32.08 13.74
N VAL F 123 13.77 -30.85 14.13
CA VAL F 123 12.96 -30.26 15.15
C VAL F 123 12.11 -29.16 14.59
N VAL F 124 10.86 -29.17 15.00
CA VAL F 124 9.96 -28.14 14.57
C VAL F 124 9.45 -27.33 15.73
N LEU F 125 9.69 -26.06 15.60
CA LEU F 125 9.57 -25.14 16.67
C LEU F 125 8.23 -24.42 16.72
N THR F 126 7.65 -24.39 17.91
CA THR F 126 6.46 -23.65 18.24
C THR F 126 6.64 -23.02 19.59
N GLY F 127 5.80 -22.06 19.93
CA GLY F 127 5.87 -21.45 21.22
C GLY F 127 6.49 -20.09 21.26
N VAL F 128 7.04 -19.73 22.39
CA VAL F 128 7.33 -18.36 22.75
C VAL F 128 8.64 -18.24 23.51
N TRP F 129 9.31 -17.09 23.55
CA TRP F 129 9.30 -16.01 22.59
C TRP F 129 10.11 -16.32 21.34
N THR F 130 9.65 -15.81 20.21
CA THR F 130 10.24 -16.08 18.93
C THR F 130 11.67 -15.66 18.88
N ASN F 131 11.96 -14.48 19.37
CA ASN F 131 13.30 -13.97 19.32
C ASN F 131 14.19 -14.36 20.50
N VAL F 132 13.66 -15.08 21.46
CA VAL F 132 14.45 -15.45 22.60
C VAL F 132 14.60 -16.94 22.75
N CYS F 133 13.70 -17.58 23.45
CA CYS F 133 13.83 -18.99 23.68
C CYS F 133 13.70 -19.87 22.46
N VAL F 134 12.81 -19.51 21.57
CA VAL F 134 12.61 -20.24 20.35
C VAL F 134 13.85 -20.13 19.50
N ARG F 135 14.35 -18.92 19.43
CA ARG F 135 15.50 -18.58 18.68
C ARG F 135 16.72 -19.33 19.20
N SER F 136 16.88 -19.37 20.50
CA SER F 136 17.96 -20.08 21.10
C SER F 136 17.90 -21.56 20.91
N THR F 137 16.72 -22.12 20.98
CA THR F 137 16.56 -23.52 20.76
C THR F 137 16.93 -23.86 19.34
N ALA F 138 16.58 -23.01 18.40
CA ALA F 138 16.89 -23.29 17.03
C ALA F 138 18.36 -23.32 16.76
N THR F 139 19.06 -22.36 17.32
CA THR F 139 20.47 -22.25 17.13
C THR F 139 21.21 -23.45 17.67
N ASP F 140 20.82 -23.89 18.85
CA ASP F 140 21.36 -25.09 19.46
C ASP F 140 21.05 -26.37 18.71
N ALA F 141 19.87 -26.44 18.15
CA ALA F 141 19.50 -27.57 17.35
C ALA F 141 20.38 -27.68 16.13
N LEU F 142 20.64 -26.56 15.49
CA LEU F 142 21.50 -26.50 14.34
C LEU F 142 22.90 -26.93 14.73
N ALA F 143 23.36 -26.43 15.84
CA ALA F 143 24.68 -26.73 16.34
C ALA F 143 24.78 -28.20 16.65
N ASN F 144 23.66 -28.84 16.89
CA ASN F 144 23.65 -30.26 17.11
C ASN F 144 23.29 -31.09 15.90
N ALA F 145 23.29 -30.47 14.74
CA ALA F 145 23.13 -31.16 13.49
C ALA F 145 21.76 -31.69 13.18
N TYR F 146 20.76 -31.08 13.78
CA TYR F 146 19.36 -31.32 13.49
C TYR F 146 18.88 -30.34 12.47
N LYS F 147 17.99 -30.78 11.61
CA LYS F 147 17.26 -29.86 10.77
C LYS F 147 16.24 -29.06 11.55
N VAL F 148 16.02 -27.83 11.14
CA VAL F 148 15.09 -26.97 11.84
C VAL F 148 13.98 -26.32 11.01
N ILE F 149 12.78 -26.45 11.52
CA ILE F 149 11.60 -25.80 11.03
C ILE F 149 11.02 -24.95 12.12
N THR F 150 10.59 -23.75 11.76
CA THR F 150 9.94 -22.84 12.64
C THR F 150 8.56 -22.59 12.08
N LEU F 151 7.56 -22.68 12.92
CA LEU F 151 6.22 -22.45 12.50
C LEU F 151 5.86 -21.00 12.77
N SER F 152 5.67 -20.24 11.70
CA SER F 152 5.46 -18.82 11.75
C SER F 152 4.23 -18.42 12.50
N ASP F 153 3.17 -19.17 12.35
CA ASP F 153 1.97 -18.86 13.05
C ASP F 153 1.80 -19.76 14.25
N GLY F 154 2.88 -20.41 14.65
CA GLY F 154 2.94 -21.19 15.84
C GLY F 154 3.86 -20.66 16.90
N THR F 155 4.39 -19.49 16.66
CA THR F 155 5.33 -18.87 17.54
C THR F 155 4.84 -17.47 17.73
N ALA F 156 5.26 -16.83 18.77
CA ALA F 156 4.79 -15.50 19.06
C ALA F 156 5.78 -14.89 19.99
N SER F 157 5.72 -13.59 20.11
CA SER F 157 6.61 -12.87 20.98
C SER F 157 5.88 -11.82 21.77
N LYS F 158 6.61 -11.07 22.55
CA LYS F 158 6.01 -10.05 23.35
C LYS F 158 5.37 -9.01 22.45
N THR F 159 6.04 -8.63 21.38
CA THR F 159 5.44 -7.73 20.42
C THR F 159 5.51 -8.29 19.04
N GLU F 160 4.64 -7.80 18.19
CA GLU F 160 4.58 -8.19 16.81
C GLU F 160 5.85 -7.86 16.08
N GLU F 161 6.43 -6.72 16.39
CA GLU F 161 7.70 -6.35 15.83
C GLU F 161 8.83 -7.31 16.18
N MSE F 162 8.90 -7.72 17.42
CA MSE F 162 9.93 -8.67 17.84
C MSE F 162 9.73 -9.97 17.13
O MSE F 162 10.68 -10.60 16.76
CB MSE F 162 9.93 -8.89 19.33
CG MSE F 162 10.71 -7.87 20.09
SE MSE F 162 10.68 -8.04 21.95
CE MSE F 162 12.07 -6.89 22.22
N HIS F 163 8.49 -10.37 16.96
CA HIS F 163 8.18 -11.62 16.34
C HIS F 163 8.64 -11.69 14.90
N GLU F 164 8.38 -10.63 14.15
CA GLU F 164 8.79 -10.56 12.78
C GLU F 164 10.29 -10.55 12.56
N TYR F 165 11.00 -9.75 13.32
CA TYR F 165 12.43 -9.77 13.23
C TYR F 165 13.03 -11.05 13.78
N GLY F 166 12.30 -11.69 14.67
CA GLY F 166 12.63 -13.02 15.09
C GLY F 166 12.55 -14.02 13.97
N LEU F 167 11.50 -13.94 13.19
CA LEU F 167 11.33 -14.78 12.02
C LEU F 167 12.39 -14.51 11.00
N ASN F 168 12.80 -13.28 10.91
CA ASN F 168 13.82 -12.89 9.98
C ASN F 168 15.11 -13.59 10.23
N ASP F 169 15.56 -13.58 11.46
CA ASP F 169 16.73 -14.32 11.87
C ASP F 169 16.57 -15.81 11.72
N LEU F 170 15.43 -16.33 12.10
CA LEU F 170 15.17 -17.72 11.96
C LEU F 170 15.21 -18.20 10.53
N SER F 171 14.75 -17.38 9.61
CA SER F 171 14.71 -17.70 8.20
C SER F 171 16.07 -17.90 7.57
N ILE F 172 17.09 -17.30 8.13
CA ILE F 172 18.44 -17.51 7.67
C ILE F 172 18.92 -18.91 7.86
N PHE F 173 18.65 -19.52 9.00
CA PHE F 173 19.11 -20.87 9.19
C PHE F 173 18.07 -21.92 9.37
N THR F 174 16.83 -21.58 9.14
CA THR F 174 15.73 -22.41 9.47
C THR F 174 14.69 -22.38 8.37
N LYS F 175 13.97 -23.45 8.16
CA LYS F 175 12.87 -23.40 7.27
C LYS F 175 11.63 -22.89 7.98
N VAL F 176 11.11 -21.77 7.53
CA VAL F 176 9.97 -21.18 8.17
C VAL F 176 8.72 -21.40 7.34
N MSE F 177 7.74 -22.03 7.94
CA MSE F 177 6.47 -22.32 7.32
C MSE F 177 5.30 -22.17 8.29
O MSE F 177 5.50 -22.05 9.45
CB MSE F 177 6.48 -23.70 6.66
CG MSE F 177 6.53 -24.90 7.55
SE MSE F 177 7.31 -26.44 6.75
CE MSE F 177 5.94 -26.92 5.66
N THR F 178 4.09 -22.11 7.78
CA THR F 178 2.90 -22.03 8.60
C THR F 178 2.51 -23.37 9.13
N VAL F 179 1.62 -23.39 10.08
CA VAL F 179 1.14 -24.61 10.63
C VAL F 179 0.44 -25.46 9.62
N ASP F 180 -0.37 -24.85 8.77
CA ASP F 180 -1.04 -25.59 7.71
C ASP F 180 -0.13 -26.20 6.66
N GLN F 181 0.90 -25.48 6.25
CA GLN F 181 1.83 -25.99 5.29
C GLN F 181 2.52 -27.19 5.86
N TYR F 182 2.85 -27.12 7.14
CA TYR F 182 3.54 -28.21 7.75
C TYR F 182 2.67 -29.44 7.74
N ILE F 183 1.43 -29.27 8.15
CA ILE F 183 0.50 -30.36 8.11
C ILE F 183 0.23 -30.85 6.70
N GLN F 184 0.03 -29.94 5.77
CA GLN F 184 -0.23 -30.31 4.41
C GLN F 184 0.96 -31.07 3.85
N ALA F 185 2.14 -30.73 4.30
CA ALA F 185 3.30 -31.41 3.79
C ALA F 185 3.37 -32.85 4.24
N TRP F 186 2.77 -33.16 5.37
CA TRP F 186 2.75 -34.54 5.83
C TRP F 186 1.67 -35.36 5.13
N GLU F 187 0.45 -34.85 5.02
CA GLU F 187 -0.57 -35.50 4.22
C GLU F 187 -0.55 -35.02 2.77
N ALA G 6 -8.60 27.22 -10.92
CA ALA G 6 -7.54 26.79 -10.02
C ALA G 6 -6.24 27.49 -10.31
N LYS G 7 -5.86 28.42 -9.45
CA LYS G 7 -4.67 29.24 -9.61
C LYS G 7 -3.86 29.40 -8.32
N HIS G 8 -2.56 29.22 -8.37
CA HIS G 8 -1.75 29.27 -7.19
C HIS G 8 -0.67 30.29 -7.30
N ALA G 9 -0.24 30.79 -6.17
CA ALA G 9 0.98 31.54 -6.10
C ALA G 9 1.92 30.89 -5.13
N ILE G 10 3.12 30.63 -5.58
CA ILE G 10 4.16 30.19 -4.72
C ILE G 10 4.86 31.41 -4.18
N LEU G 11 5.04 31.47 -2.89
CA LEU G 11 5.61 32.62 -2.28
C LEU G 11 6.97 32.24 -1.77
N VAL G 12 7.98 32.99 -2.16
CA VAL G 12 9.31 32.69 -1.75
C VAL G 12 9.73 33.72 -0.78
N ILE G 13 9.99 33.31 0.43
CA ILE G 13 10.12 34.23 1.51
C ILE G 13 11.52 34.36 2.04
N ASP G 14 12.10 35.53 1.83
CA ASP G 14 13.35 35.91 2.41
C ASP G 14 14.53 35.01 2.13
N MSE G 15 14.65 34.54 0.92
CA MSE G 15 15.83 33.84 0.51
C MSE G 15 16.85 34.89 0.08
O MSE G 15 17.07 35.11 -1.08
CB MSE G 15 15.50 32.89 -0.63
CG MSE G 15 14.69 31.67 -0.24
SE MSE G 15 15.17 30.76 1.30
CE MSE G 15 16.48 29.75 0.51
N LEU G 16 17.47 35.50 1.05
CA LEU G 16 18.22 36.70 0.88
C LEU G 16 19.61 36.54 1.40
N ASN G 17 20.50 37.40 0.95
CA ASN G 17 21.90 37.31 1.28
C ASN G 17 22.09 37.44 2.76
N ASP G 18 21.33 38.28 3.39
CA ASP G 18 21.39 38.41 4.82
C ASP G 18 20.93 37.18 5.60
N PHE G 19 20.16 36.31 4.99
CA PHE G 19 19.66 35.14 5.68
C PHE G 19 20.32 33.84 5.24
N VAL G 20 20.94 33.84 4.08
CA VAL G 20 21.53 32.62 3.57
C VAL G 20 23.01 32.74 3.33
N GLY G 21 23.76 31.81 3.87
CA GLY G 21 25.17 31.73 3.64
C GLY G 21 25.97 31.88 4.90
N GLU G 22 27.23 31.55 4.80
CA GLU G 22 28.16 31.56 5.90
C GLU G 22 28.39 32.92 6.52
N LYS G 23 28.38 33.98 5.74
CA LYS G 23 28.62 35.28 6.32
C LYS G 23 27.37 36.08 6.66
N ALA G 24 26.21 35.49 6.47
CA ALA G 24 24.98 36.17 6.74
C ALA G 24 24.89 36.52 8.20
N PRO G 25 24.50 37.76 8.44
CA PRO G 25 24.32 38.35 9.75
C PRO G 25 23.23 37.67 10.54
N LEU G 26 22.24 37.14 9.86
CA LEU G 26 21.21 36.39 10.52
C LEU G 26 21.03 35.08 9.78
N ARG G 27 22.06 34.25 9.83
CA ARG G 27 22.10 33.01 9.06
C ARG G 27 21.03 31.97 9.39
N CYS G 28 20.48 31.36 8.36
CA CYS G 28 19.63 30.22 8.50
C CYS G 28 20.25 29.05 7.78
N PRO G 29 20.88 28.15 8.51
CA PRO G 29 21.64 27.06 7.88
C PRO G 29 20.77 26.14 7.06
N GLY G 30 19.57 25.90 7.53
CA GLY G 30 18.66 25.08 6.79
C GLY G 30 18.43 25.73 5.46
N GLY G 31 18.49 27.04 5.46
CA GLY G 31 18.12 27.80 4.30
C GLY G 31 18.99 27.33 3.19
N GLU G 32 20.21 27.02 3.51
CA GLU G 32 21.12 26.57 2.50
C GLU G 32 20.71 25.27 1.86
N THR G 33 20.24 24.36 2.66
CA THR G 33 19.89 23.06 2.15
C THR G 33 18.74 23.03 1.15
N ILE G 34 17.78 23.90 1.30
CA ILE G 34 16.61 23.83 0.43
C ILE G 34 16.79 24.46 -0.92
N ILE G 35 17.94 25.05 -1.16
CA ILE G 35 18.10 25.81 -2.36
C ILE G 35 17.94 24.99 -3.60
N PRO G 36 18.52 23.81 -3.63
CA PRO G 36 18.35 22.97 -4.81
C PRO G 36 16.91 22.55 -5.02
N ASP G 37 16.19 22.23 -3.97
CA ASP G 37 14.77 21.95 -4.10
C ASP G 37 14.02 23.16 -4.63
N LEU G 38 14.33 24.32 -4.08
CA LEU G 38 13.72 25.53 -4.57
C LEU G 38 14.13 25.82 -5.99
N GLN G 39 15.37 25.54 -6.33
CA GLN G 39 15.81 25.80 -7.66
C GLN G 39 14.98 24.95 -8.57
N LYS G 40 14.73 23.74 -8.13
CA LYS G 40 14.00 22.81 -8.94
C LYS G 40 12.64 23.35 -9.20
N ILE G 41 12.03 23.85 -8.15
CA ILE G 41 10.71 24.37 -8.28
C ILE G 41 10.65 25.56 -9.20
N PHE G 42 11.65 26.44 -9.16
CA PHE G 42 11.62 27.56 -10.06
C PHE G 42 11.66 27.11 -11.49
N GLU G 43 12.50 26.14 -11.78
CA GLU G 43 12.64 25.71 -13.14
C GLU G 43 11.35 25.16 -13.65
N TRP G 44 10.69 24.34 -12.86
CA TRP G 44 9.45 23.73 -13.26
C TRP G 44 8.35 24.74 -13.54
N VAL G 45 8.20 25.71 -12.67
CA VAL G 45 7.17 26.71 -12.86
C VAL G 45 7.42 27.52 -14.08
N ARG G 46 8.67 27.91 -14.26
CA ARG G 46 9.04 28.70 -15.40
C ARG G 46 8.86 27.94 -16.68
N GLY G 47 9.16 26.67 -16.62
CA GLY G 47 9.00 25.78 -17.75
C GLY G 47 7.57 25.63 -18.16
N ARG G 48 6.71 25.69 -17.18
CA ARG G 48 5.35 25.31 -17.38
C ARG G 48 4.63 26.22 -18.34
N GLU G 49 3.78 25.62 -19.15
CA GLU G 49 2.91 26.37 -20.03
C GLU G 49 1.73 26.92 -19.27
N GLY G 50 1.34 28.16 -19.58
CA GLY G 50 0.20 28.78 -18.95
C GLY G 50 0.51 29.64 -17.75
N ASP G 51 -0.53 30.18 -17.12
CA ASP G 51 -0.39 31.03 -15.95
C ASP G 51 -1.09 30.53 -14.70
N ASP G 52 -1.17 29.23 -14.57
CA ASP G 52 -1.74 28.57 -13.44
C ASP G 52 -1.00 28.85 -12.15
N ILE G 53 0.30 28.99 -12.25
CA ILE G 53 1.13 29.16 -11.11
C ILE G 53 2.00 30.37 -11.26
N HIS G 54 2.06 31.20 -10.23
CA HIS G 54 2.84 32.41 -10.22
C HIS G 54 3.89 32.27 -9.18
N LEU G 55 5.08 32.76 -9.47
CA LEU G 55 6.13 32.86 -8.49
C LEU G 55 6.12 34.28 -8.01
N VAL G 56 6.12 34.43 -6.71
CA VAL G 56 6.11 35.72 -6.10
C VAL G 56 7.19 35.79 -5.09
N HIS G 57 7.99 36.83 -5.16
CA HIS G 57 9.15 36.94 -4.32
C HIS G 57 8.96 37.99 -3.28
N ILE G 58 9.24 37.62 -2.05
CA ILE G 58 9.06 38.47 -0.91
C ILE G 58 10.36 38.73 -0.21
N GLN G 59 10.72 39.99 -0.04
CA GLN G 59 11.94 40.36 0.63
C GLN G 59 11.81 41.37 1.74
N GLU G 60 12.42 41.11 2.86
CA GLU G 60 12.55 42.13 3.86
C GLU G 60 13.37 43.22 3.24
N ALA G 61 12.85 44.43 3.32
CA ALA G 61 13.51 45.60 2.88
C ALA G 61 13.31 46.66 3.92
N HIS G 62 14.04 46.56 5.00
CA HIS G 62 13.85 47.49 6.07
C HIS G 62 14.37 48.85 5.70
N ARG G 63 13.93 49.85 6.42
CA ARG G 63 14.37 51.20 6.16
C ARG G 63 15.41 51.59 7.15
N LYS G 64 16.19 52.60 6.81
CA LYS G 64 17.40 52.90 7.55
C LYS G 64 17.06 53.18 8.98
N ASN G 65 15.97 53.88 9.19
CA ASN G 65 15.54 54.20 10.54
C ASN G 65 14.42 53.31 11.01
N ASP G 66 14.45 52.05 10.60
CA ASP G 66 13.42 51.09 10.95
C ASP G 66 13.36 50.84 12.43
N ALA G 67 12.16 50.76 12.96
CA ALA G 67 11.96 50.58 14.37
C ALA G 67 12.01 49.14 14.73
N ASP G 68 12.16 48.31 13.73
CA ASP G 68 12.34 46.91 13.96
C ASP G 68 13.64 46.59 14.65
N PHE G 69 14.65 47.36 14.31
CA PHE G 69 15.98 46.99 14.63
C PHE G 69 16.04 46.92 16.12
N ARG G 70 15.06 47.53 16.77
CA ARG G 70 14.96 47.49 18.20
C ARG G 70 14.80 46.03 18.55
N VAL G 71 13.98 45.34 17.77
CA VAL G 71 13.75 43.90 17.86
C VAL G 71 14.91 43.00 17.45
N ARG G 72 15.62 43.38 16.41
CA ARG G 72 16.59 42.51 15.79
C ARG G 72 17.79 43.27 15.32
N PRO G 73 18.76 42.53 14.81
CA PRO G 73 19.95 43.15 14.26
C PRO G 73 19.62 43.90 12.99
N LEU G 74 20.30 44.99 12.75
CA LEU G 74 20.04 45.67 11.52
C LEU G 74 20.37 44.65 10.45
N HIS G 75 19.49 44.49 9.49
CA HIS G 75 19.73 43.60 8.39
C HIS G 75 18.74 43.93 7.31
N ALA G 76 19.00 43.50 6.10
CA ALA G 76 18.03 43.60 5.06
C ALA G 76 17.50 44.99 4.92
N VAL G 77 18.40 45.94 4.84
CA VAL G 77 18.02 47.28 4.61
C VAL G 77 17.75 47.39 3.15
N LYS G 78 16.71 48.12 2.80
CA LYS G 78 16.30 48.20 1.45
C LYS G 78 17.38 48.74 0.57
N GLY G 79 17.59 48.09 -0.56
CA GLY G 79 18.52 48.53 -1.56
C GLY G 79 19.91 48.00 -1.35
N THR G 80 20.18 47.49 -0.16
CA THR G 80 21.43 46.87 0.14
C THR G 80 21.54 45.46 -0.37
N TRP G 81 22.75 44.96 -0.42
CA TRP G 81 23.05 43.63 -0.86
C TRP G 81 22.43 42.60 0.05
N GLY G 82 22.45 42.87 1.33
CA GLY G 82 21.94 41.93 2.29
C GLY G 82 20.47 41.68 2.08
N SER G 83 19.76 42.72 1.73
CA SER G 83 18.36 42.64 1.42
C SER G 83 18.02 41.90 0.15
N ASP G 84 18.94 41.84 -0.79
CA ASP G 84 18.72 41.27 -2.09
C ASP G 84 18.62 39.75 -2.12
N PHE G 85 17.89 39.22 -3.09
CA PHE G 85 17.72 37.79 -3.27
C PHE G 85 18.99 37.10 -3.64
N ILE G 86 19.20 35.91 -3.14
CA ILE G 86 20.36 35.16 -3.50
C ILE G 86 20.28 34.83 -4.95
N PRO G 87 21.43 34.64 -5.57
CA PRO G 87 21.60 34.44 -6.99
C PRO G 87 20.97 33.19 -7.57
N GLU G 88 21.03 32.12 -6.83
CA GLU G 88 20.47 30.85 -7.23
C GLU G 88 18.99 30.98 -7.42
N LEU G 89 18.39 31.87 -6.65
CA LEU G 89 16.96 32.07 -6.66
C LEU G 89 16.54 33.45 -7.11
N TYR G 90 17.24 34.00 -8.07
CA TYR G 90 16.95 35.34 -8.53
C TYR G 90 15.74 35.40 -9.42
N PRO G 91 14.95 36.43 -9.23
CA PRO G 91 13.69 36.62 -9.91
C PRO G 91 13.91 36.90 -11.34
N GLN G 92 12.90 36.75 -12.15
CA GLN G 92 13.02 37.00 -13.55
C GLN G 92 11.98 38.01 -13.97
N GLU G 93 12.37 38.83 -14.90
CA GLU G 93 11.51 39.80 -15.52
C GLU G 93 10.16 39.97 -14.89
N ASP G 94 9.20 39.17 -15.29
CA ASP G 94 7.84 39.48 -14.90
C ASP G 94 7.36 38.89 -13.58
N GLU G 95 8.23 38.27 -12.82
CA GLU G 95 7.82 37.73 -11.54
C GLU G 95 7.69 38.83 -10.51
N TYR G 96 6.54 38.90 -9.86
CA TYR G 96 6.25 39.95 -8.92
C TYR G 96 7.10 39.89 -7.68
N ILE G 97 7.51 41.05 -7.21
CA ILE G 97 8.29 41.20 -6.02
C ILE G 97 7.52 42.01 -5.01
N VAL G 98 7.50 41.57 -3.78
CA VAL G 98 6.90 42.31 -2.70
C VAL G 98 7.93 42.62 -1.66
N GLN G 99 8.02 43.86 -1.25
CA GLN G 99 8.95 44.28 -0.23
C GLN G 99 8.26 44.47 1.08
N LYS G 100 8.81 43.92 2.13
CA LYS G 100 8.14 43.92 3.40
C LYS G 100 9.04 44.42 4.49
N ARG G 101 8.47 45.09 5.48
CA ARG G 101 9.23 45.56 6.62
C ARG G 101 8.94 44.84 7.93
N ARG G 102 7.97 43.96 7.94
CA ARG G 102 7.58 43.19 9.11
C ARG G 102 7.48 41.74 8.72
N HIS G 103 7.15 40.86 9.64
CA HIS G 103 7.27 39.43 9.38
C HIS G 103 6.45 38.88 8.25
N SER G 104 5.18 39.26 8.23
CA SER G 104 4.27 38.80 7.22
C SER G 104 4.40 39.47 5.87
N GLY G 105 4.26 38.67 4.84
CA GLY G 105 4.23 39.10 3.47
C GLY G 105 3.10 40.02 3.17
N PHE G 106 2.01 39.83 3.88
CA PHE G 106 0.85 40.70 3.91
C PHE G 106 0.95 42.02 4.66
N ALA G 107 1.78 42.12 5.66
CA ALA G 107 1.64 43.25 6.54
C ALA G 107 2.19 44.53 5.93
N HIS G 108 1.29 45.45 5.64
CA HIS G 108 1.60 46.73 5.07
C HIS G 108 2.11 46.65 3.65
N THR G 109 1.72 45.62 2.94
CA THR G 109 2.14 45.38 1.58
C THR G 109 0.96 45.35 0.62
N ASP G 110 1.25 45.18 -0.65
CA ASP G 110 0.28 45.02 -1.70
C ASP G 110 0.06 43.58 -2.15
N LEU G 111 0.49 42.63 -1.35
CA LEU G 111 0.40 41.23 -1.72
C LEU G 111 -1.02 40.76 -1.89
N ASP G 112 -1.88 41.13 -0.97
CA ASP G 112 -3.26 40.73 -1.04
C ASP G 112 -3.90 41.29 -2.31
N LEU G 113 -3.60 42.52 -2.65
CA LEU G 113 -4.11 43.11 -3.86
C LEU G 113 -3.62 42.39 -5.09
N TYR G 114 -2.37 42.00 -5.10
CA TYR G 114 -1.83 41.26 -6.21
C TYR G 114 -2.52 39.93 -6.39
N LEU G 115 -2.72 39.20 -5.32
CA LEU G 115 -3.38 37.93 -5.36
C LEU G 115 -4.81 38.10 -5.85
N LYS G 116 -5.49 39.14 -5.39
CA LYS G 116 -6.80 39.42 -5.88
C LYS G 116 -6.82 39.76 -7.36
N GLU G 117 -5.94 40.62 -7.82
CA GLU G 117 -5.96 41.08 -9.18
C GLU G 117 -5.79 39.90 -10.06
N GLU G 118 -4.97 38.98 -9.60
CA GLU G 118 -4.60 37.85 -10.39
C GLU G 118 -5.51 36.66 -10.20
N GLY G 119 -6.59 36.79 -9.45
CA GLY G 119 -7.48 35.69 -9.24
C GLY G 119 -6.87 34.45 -8.62
N ILE G 120 -5.97 34.62 -7.67
CA ILE G 120 -5.34 33.50 -7.03
C ILE G 120 -6.11 32.99 -5.81
N ASP G 121 -6.28 31.68 -5.69
CA ASP G 121 -7.00 31.12 -4.58
C ASP G 121 -6.15 30.43 -3.55
N THR G 122 -4.93 30.11 -3.91
CA THR G 122 -4.05 29.35 -3.07
C THR G 122 -2.67 29.98 -3.00
N VAL G 123 -2.09 30.00 -1.84
CA VAL G 123 -0.72 30.40 -1.70
C VAL G 123 0.05 29.24 -1.17
N VAL G 124 1.20 28.99 -1.74
CA VAL G 124 2.04 27.95 -1.24
C VAL G 124 3.38 28.49 -0.77
N LEU G 125 3.76 28.06 0.40
CA LEU G 125 4.81 28.70 1.14
C LEU G 125 6.21 28.07 1.02
N THR G 126 7.20 28.89 0.76
CA THR G 126 8.59 28.50 0.68
C THR G 126 9.45 29.52 1.36
N GLY G 127 10.66 29.14 1.73
CA GLY G 127 11.55 30.08 2.35
C GLY G 127 11.76 29.88 3.81
N VAL G 128 12.19 30.93 4.47
CA VAL G 128 12.61 30.90 5.85
C VAL G 128 12.09 32.13 6.55
N TRP G 129 12.02 32.14 7.86
CA TRP G 129 12.14 30.97 8.70
C TRP G 129 10.78 30.37 8.85
N THR G 130 10.74 29.07 8.98
CA THR G 130 9.52 28.34 8.96
C THR G 130 8.63 28.81 10.04
N ASN G 131 9.19 29.10 11.18
CA ASN G 131 8.41 29.41 12.35
C ASN G 131 8.25 30.89 12.60
N VAL G 132 8.79 31.72 11.75
CA VAL G 132 8.64 33.12 11.93
C VAL G 132 7.97 33.77 10.74
N CYS G 133 8.72 34.27 9.79
CA CYS G 133 8.09 34.93 8.69
C CYS G 133 7.21 34.03 7.85
N VAL G 134 7.60 32.79 7.65
CA VAL G 134 6.80 31.88 6.86
C VAL G 134 5.47 31.61 7.52
N ARG G 135 5.53 31.38 8.80
CA ARG G 135 4.34 31.10 9.54
C ARG G 135 3.41 32.28 9.56
N SER G 136 3.96 33.47 9.72
CA SER G 136 3.15 34.66 9.77
C SER G 136 2.45 34.89 8.46
N THR G 137 3.13 34.63 7.37
CA THR G 137 2.56 34.83 6.08
C THR G 137 1.39 33.89 5.91
N ALA G 138 1.53 32.68 6.41
CA ALA G 138 0.48 31.70 6.39
C ALA G 138 -0.75 32.10 7.18
N THR G 139 -0.54 32.59 8.37
CA THR G 139 -1.62 33.00 9.21
C THR G 139 -2.39 34.12 8.54
N ASP G 140 -1.69 35.08 8.02
CA ASP G 140 -2.30 36.17 7.31
C ASP G 140 -3.04 35.72 6.07
N ALA G 141 -2.52 34.74 5.36
CA ALA G 141 -3.17 34.24 4.18
C ALA G 141 -4.51 33.60 4.45
N LEU G 142 -4.56 32.82 5.51
CA LEU G 142 -5.76 32.22 5.98
C LEU G 142 -6.75 33.27 6.40
N ALA G 143 -6.28 34.29 7.07
CA ALA G 143 -7.14 35.34 7.56
C ALA G 143 -7.81 36.05 6.41
N ASN G 144 -7.17 36.03 5.27
CA ASN G 144 -7.67 36.66 4.10
C ASN G 144 -8.30 35.70 3.17
N ALA G 145 -8.60 34.51 3.66
CA ALA G 145 -9.44 33.59 2.95
C ALA G 145 -8.78 32.87 1.79
N TYR G 146 -7.48 32.84 1.76
CA TYR G 146 -6.72 31.98 0.85
C TYR G 146 -6.53 30.58 1.41
N LYS G 147 -6.50 29.61 0.53
CA LYS G 147 -6.01 28.31 0.91
C LYS G 147 -4.51 28.37 1.03
N VAL G 148 -3.94 27.61 1.96
CA VAL G 148 -2.54 27.65 2.19
C VAL G 148 -1.92 26.28 2.11
N ILE G 149 -0.87 26.19 1.34
CA ILE G 149 -0.06 25.01 1.24
C ILE G 149 1.32 25.37 1.66
N THR G 150 1.91 24.55 2.50
CA THR G 150 3.24 24.73 2.99
C THR G 150 4.10 23.61 2.49
N LEU G 151 5.23 23.95 1.93
CA LEU G 151 6.15 22.96 1.42
C LEU G 151 7.20 22.61 2.48
N SER G 152 7.13 21.38 2.97
CA SER G 152 7.96 20.95 4.06
C SER G 152 9.45 20.96 3.77
N ASP G 153 9.84 20.62 2.57
CA ASP G 153 11.24 20.59 2.26
C ASP G 153 11.57 21.79 1.42
N GLY G 154 10.60 22.69 1.32
CA GLY G 154 10.77 23.99 0.71
C GLY G 154 10.87 25.10 1.71
N THR G 155 10.90 24.76 2.98
CA THR G 155 11.03 25.73 4.03
C THR G 155 12.07 25.29 5.03
N ALA G 156 12.61 26.24 5.79
CA ALA G 156 13.64 25.94 6.74
C ALA G 156 13.74 27.01 7.81
N SER G 157 14.47 26.73 8.86
CA SER G 157 14.59 27.63 9.98
C SER G 157 16.02 27.63 10.48
N LYS G 158 16.29 28.34 11.55
CA LYS G 158 17.63 28.41 12.09
C LYS G 158 18.11 27.05 12.53
N THR G 159 17.26 26.34 13.22
CA THR G 159 17.59 25.04 13.67
C THR G 159 16.52 24.09 13.18
N GLU G 160 16.88 22.84 13.03
CA GLU G 160 15.97 21.82 12.58
C GLU G 160 14.85 21.61 13.56
N GLU G 161 15.13 21.81 14.83
CA GLU G 161 14.10 21.71 15.83
C GLU G 161 13.06 22.76 15.59
N MSE G 162 13.53 23.94 15.25
CA MSE G 162 12.63 25.05 15.03
C MSE G 162 11.76 24.77 13.85
O MSE G 162 10.60 25.05 13.87
CB MSE G 162 13.40 26.36 14.86
CG MSE G 162 13.28 27.26 16.04
SE MSE G 162 14.41 28.74 15.99
CE MSE G 162 13.97 29.40 17.69
N HIS G 163 12.34 24.16 12.84
CA HIS G 163 11.60 23.87 11.67
C HIS G 163 10.51 22.91 11.96
N GLU G 164 10.80 21.89 12.73
CA GLU G 164 9.82 20.88 12.99
C GLU G 164 8.62 21.32 13.75
N TYR G 165 8.80 22.05 14.82
CA TYR G 165 7.63 22.55 15.50
C TYR G 165 6.83 23.53 14.65
N GLY G 166 7.52 24.32 13.84
CA GLY G 166 6.83 25.23 12.97
C GLY G 166 5.94 24.49 12.02
N LEU G 167 6.46 23.42 11.46
CA LEU G 167 5.66 22.61 10.57
C LEU G 167 4.49 22.06 11.33
N ASN G 168 4.69 21.77 12.59
CA ASN G 168 3.61 21.23 13.37
C ASN G 168 2.47 22.19 13.54
N ASP G 169 2.79 23.43 13.83
CA ASP G 169 1.80 24.48 13.90
C ASP G 169 1.14 24.70 12.55
N LEU G 170 1.92 24.65 11.49
CA LEU G 170 1.42 24.89 10.16
C LEU G 170 0.42 23.85 9.76
N SER G 171 0.65 22.63 10.18
CA SER G 171 -0.19 21.51 9.84
C SER G 171 -1.55 21.67 10.44
N ILE G 172 -1.63 22.48 11.46
CA ILE G 172 -2.88 22.70 12.10
C ILE G 172 -3.85 23.37 11.16
N PHE G 173 -3.37 24.30 10.37
CA PHE G 173 -4.25 25.03 9.47
C PHE G 173 -3.85 25.13 8.01
N THR G 174 -2.86 24.38 7.57
CA THR G 174 -2.48 24.41 6.17
C THR G 174 -2.20 23.03 5.71
N LYS G 175 -2.25 22.84 4.41
CA LYS G 175 -1.82 21.61 3.80
C LYS G 175 -0.30 21.61 3.76
N VAL G 176 0.31 20.54 4.26
CA VAL G 176 1.74 20.41 4.25
C VAL G 176 2.13 19.30 3.33
N MSE G 177 2.97 19.61 2.37
CA MSE G 177 3.40 18.64 1.40
C MSE G 177 4.80 18.93 0.91
O MSE G 177 5.31 19.99 1.15
CB MSE G 177 2.41 18.52 0.27
CG MSE G 177 2.47 19.59 -0.74
SE MSE G 177 0.88 19.74 -1.69
CE MSE G 177 0.98 18.19 -2.70
N THR G 178 5.43 17.95 0.28
CA THR G 178 6.77 18.11 -0.26
C THR G 178 6.79 18.76 -1.61
N VAL G 179 7.97 19.16 -2.03
CA VAL G 179 8.08 19.82 -3.30
C VAL G 179 7.67 18.89 -4.39
N ASP G 180 8.17 17.68 -4.36
CA ASP G 180 7.85 16.72 -5.38
C ASP G 180 6.39 16.37 -5.39
N GLN G 181 5.77 16.24 -4.24
CA GLN G 181 4.38 15.96 -4.21
C GLN G 181 3.56 17.07 -4.82
N TYR G 182 3.94 18.31 -4.53
CA TYR G 182 3.22 19.45 -5.03
C TYR G 182 3.30 19.52 -6.55
N ILE G 183 4.48 19.28 -7.08
CA ILE G 183 4.70 19.25 -8.50
C ILE G 183 3.94 18.13 -9.15
N GLN G 184 3.89 17.01 -8.48
CA GLN G 184 3.15 15.87 -8.98
C GLN G 184 1.68 16.13 -9.09
N ALA G 185 1.14 16.84 -8.12
CA ALA G 185 -0.29 17.06 -8.03
C ALA G 185 -0.79 17.80 -9.25
N TRP G 186 0.10 18.52 -9.88
CA TRP G 186 -0.21 19.27 -11.06
C TRP G 186 -0.22 18.40 -12.31
N GLU G 187 -0.12 17.10 -12.13
CA GLU G 187 -0.38 16.13 -13.18
C GLU G 187 -1.42 15.15 -12.70
N ALA H 6 3.02 55.59 30.00
CA ALA H 6 2.93 54.35 29.24
C ALA H 6 1.62 53.64 29.51
N LYS H 7 0.98 53.19 28.45
CA LYS H 7 -0.34 52.66 28.58
C LYS H 7 -0.31 51.30 28.00
N HIS H 8 -1.03 50.40 28.61
CA HIS H 8 -0.88 49.03 28.30
C HIS H 8 -2.25 48.52 28.10
N ALA H 9 -2.36 47.43 27.38
CA ALA H 9 -3.61 46.75 27.27
C ALA H 9 -3.41 45.29 27.45
N ILE H 10 -4.31 44.65 28.15
CA ILE H 10 -4.18 43.25 28.31
C ILE H 10 -5.21 42.61 27.46
N LEU H 11 -4.77 41.71 26.62
CA LEU H 11 -5.67 41.09 25.69
C LEU H 11 -5.98 39.73 26.19
N VAL H 12 -7.23 39.50 26.48
CA VAL H 12 -7.60 38.24 26.97
C VAL H 12 -8.22 37.52 25.83
N ILE H 13 -7.60 36.44 25.42
CA ILE H 13 -7.98 35.83 24.20
C ILE H 13 -8.65 34.51 24.43
N ASP H 14 -9.88 34.42 23.97
CA ASP H 14 -10.58 33.16 23.86
C ASP H 14 -10.88 32.37 25.13
N MSE H 15 -11.10 33.04 26.24
CA MSE H 15 -11.51 32.35 27.45
C MSE H 15 -13.00 32.18 27.48
O MSE H 15 -13.70 32.90 28.13
CB MSE H 15 -11.03 33.11 28.66
CG MSE H 15 -9.53 33.18 28.80
SE MSE H 15 -8.61 31.48 28.87
CE MSE H 15 -6.86 32.15 29.08
N LEU H 16 -13.49 31.17 26.78
CA LEU H 16 -14.89 31.02 26.56
C LEU H 16 -15.40 29.65 26.91
N ASN H 17 -16.72 29.56 26.99
CA ASN H 17 -17.37 28.41 27.53
C ASN H 17 -16.96 27.24 26.69
N ASP H 18 -16.81 27.46 25.40
CA ASP H 18 -16.39 26.41 24.49
C ASP H 18 -14.99 25.89 24.76
N PHE H 19 -14.07 26.74 25.15
CA PHE H 19 -12.69 26.28 25.23
C PHE H 19 -12.19 26.04 26.62
N VAL H 20 -12.89 26.53 27.61
CA VAL H 20 -12.37 26.42 28.94
C VAL H 20 -13.33 25.80 29.92
N GLY H 21 -12.79 24.88 30.70
CA GLY H 21 -13.58 24.06 31.58
C GLY H 21 -13.50 22.58 31.27
N GLU H 22 -13.78 21.78 32.28
CA GLU H 22 -13.66 20.34 32.19
C GLU H 22 -14.59 19.77 31.16
N LYS H 23 -15.77 20.33 31.08
CA LYS H 23 -16.81 19.80 30.26
C LYS H 23 -17.01 20.59 28.95
N ALA H 24 -15.97 21.32 28.54
CA ALA H 24 -16.01 22.17 27.36
C ALA H 24 -15.96 21.39 26.07
N PRO H 25 -16.87 21.67 25.17
CA PRO H 25 -17.05 20.86 23.99
C PRO H 25 -15.76 20.82 23.22
N LEU H 26 -15.00 21.88 23.31
CA LEU H 26 -13.71 21.91 22.68
C LEU H 26 -12.75 22.40 23.70
N ARG H 27 -12.51 21.61 24.73
CA ARG H 27 -11.67 22.06 25.81
C ARG H 27 -10.26 22.27 25.36
N CYS H 28 -9.65 23.30 25.88
CA CYS H 28 -8.23 23.45 25.84
C CYS H 28 -7.76 23.24 27.27
N PRO H 29 -7.05 22.16 27.49
CA PRO H 29 -6.78 21.69 28.84
C PRO H 29 -6.03 22.73 29.58
N GLY H 30 -5.11 23.37 28.92
CA GLY H 30 -4.32 24.34 29.61
C GLY H 30 -5.28 25.39 30.09
N GLY H 31 -6.46 25.41 29.49
CA GLY H 31 -7.34 26.53 29.70
C GLY H 31 -7.75 26.72 31.13
N GLU H 32 -8.15 25.64 31.78
CA GLU H 32 -8.61 25.69 33.14
C GLU H 32 -7.52 26.20 34.06
N THR H 33 -6.31 25.80 33.77
CA THR H 33 -5.20 26.04 34.66
C THR H 33 -4.89 27.48 34.94
N ILE H 34 -5.12 28.35 33.97
CA ILE H 34 -4.65 29.71 34.09
C ILE H 34 -5.68 30.60 34.70
N ILE H 35 -6.82 30.03 35.01
CA ILE H 35 -7.94 30.80 35.45
C ILE H 35 -7.69 31.61 36.71
N PRO H 36 -7.00 31.03 37.69
CA PRO H 36 -6.69 31.73 38.94
C PRO H 36 -5.78 32.93 38.77
N ASP H 37 -4.72 32.75 38.02
CA ASP H 37 -3.79 33.83 37.74
C ASP H 37 -4.45 34.97 36.96
N LEU H 38 -5.35 34.63 36.06
CA LEU H 38 -5.99 35.67 35.27
C LEU H 38 -6.81 36.50 36.19
N GLN H 39 -7.52 35.80 37.05
CA GLN H 39 -8.45 36.41 37.97
C GLN H 39 -7.65 37.33 38.83
N LYS H 40 -6.45 36.92 39.13
CA LYS H 40 -5.62 37.75 39.92
C LYS H 40 -5.44 38.99 39.12
N ILE H 41 -5.12 38.82 37.85
CA ILE H 41 -4.83 39.98 37.04
C ILE H 41 -6.05 40.85 37.00
N PHE H 42 -7.18 40.23 36.78
CA PHE H 42 -8.34 41.01 36.57
C PHE H 42 -8.57 41.85 37.80
N GLU H 43 -8.53 41.21 38.96
CA GLU H 43 -8.89 41.87 40.17
C GLU H 43 -7.93 43.00 40.37
N TRP H 44 -6.67 42.75 40.09
CA TRP H 44 -5.69 43.78 40.28
C TRP H 44 -5.92 45.01 39.40
N VAL H 45 -6.13 44.81 38.11
CA VAL H 45 -6.36 45.94 37.24
C VAL H 45 -7.65 46.64 37.57
N ARG H 46 -8.70 45.87 37.75
CA ARG H 46 -10.02 46.39 38.04
C ARG H 46 -9.96 47.29 39.26
N GLY H 47 -8.96 47.07 40.09
CA GLY H 47 -8.74 47.95 41.20
C GLY H 47 -7.48 48.69 40.89
N ARG H 48 -7.57 49.97 40.63
CA ARG H 48 -6.40 50.80 40.57
C ARG H 48 -6.58 52.06 39.74
N ASP H 51 -5.79 54.74 35.37
CA ASP H 51 -6.40 54.08 34.23
C ASP H 51 -5.42 53.88 33.08
N ASP H 52 -4.24 53.42 33.42
CA ASP H 52 -3.16 53.21 32.51
C ASP H 52 -3.06 51.78 32.07
N ILE H 53 -4.02 50.97 32.46
CA ILE H 53 -4.10 49.63 31.99
C ILE H 53 -5.53 49.34 31.63
N HIS H 54 -5.71 48.64 30.52
CA HIS H 54 -7.04 48.35 30.03
C HIS H 54 -7.15 46.87 29.85
N LEU H 55 -8.33 46.36 30.04
CA LEU H 55 -8.55 44.99 29.78
C LEU H 55 -9.37 44.97 28.54
N VAL H 56 -8.90 44.24 27.53
CA VAL H 56 -9.67 44.04 26.34
C VAL H 56 -9.94 42.59 26.20
N HIS H 57 -11.20 42.23 26.03
CA HIS H 57 -11.59 40.84 25.93
C HIS H 57 -11.86 40.43 24.51
N ILE H 58 -11.23 39.37 24.06
CA ILE H 58 -11.38 38.94 22.70
C ILE H 58 -12.08 37.61 22.60
N GLN H 59 -13.15 37.56 21.81
CA GLN H 59 -13.89 36.33 21.62
C GLN H 59 -14.03 35.87 20.20
N GLU H 60 -13.71 34.62 19.95
CA GLU H 60 -13.95 34.09 18.65
C GLU H 60 -15.45 34.03 18.49
N ALA H 61 -15.97 34.51 17.36
CA ALA H 61 -17.38 34.42 17.09
C ALA H 61 -17.70 34.23 15.63
N HIS H 62 -17.71 32.99 15.18
CA HIS H 62 -17.90 32.74 13.78
C HIS H 62 -19.33 32.91 13.36
N ARG H 63 -19.57 32.87 12.07
CA ARG H 63 -20.93 32.91 11.59
C ARG H 63 -21.50 31.52 11.50
N LYS H 64 -22.80 31.44 11.23
CA LYS H 64 -23.49 30.21 10.90
C LYS H 64 -22.73 29.28 9.94
N LEU H 74 -17.60 22.99 15.45
CA LEU H 74 -16.16 22.83 15.29
C LEU H 74 -15.36 24.07 15.70
N HIS H 75 -16.06 25.18 15.88
CA HIS H 75 -15.50 26.39 16.46
C HIS H 75 -16.67 27.15 17.03
N ALA H 76 -16.40 28.16 17.83
CA ALA H 76 -17.47 28.90 18.45
C ALA H 76 -18.29 29.73 17.46
N VAL H 77 -19.60 29.75 17.64
CA VAL H 77 -20.47 30.49 16.75
C VAL H 77 -21.04 31.68 17.47
N LYS H 78 -21.20 32.77 16.75
CA LYS H 78 -21.60 34.02 17.35
C LYS H 78 -22.94 33.92 18.01
N GLY H 79 -23.04 34.49 19.20
CA GLY H 79 -24.28 34.59 19.92
C GLY H 79 -24.64 33.35 20.71
N THR H 80 -23.83 32.32 20.56
CA THR H 80 -23.97 31.11 21.33
C THR H 80 -23.31 31.25 22.67
N TRP H 81 -23.66 30.34 23.57
CA TRP H 81 -23.04 30.26 24.89
C TRP H 81 -21.58 29.90 24.79
N GLY H 82 -21.24 29.00 23.88
CA GLY H 82 -19.87 28.58 23.74
C GLY H 82 -18.99 29.74 23.37
N SER H 83 -19.53 30.62 22.55
CA SER H 83 -18.83 31.83 22.14
C SER H 83 -18.64 32.79 23.28
N ASP H 84 -19.53 32.75 24.26
CA ASP H 84 -19.44 33.66 25.38
C ASP H 84 -18.34 33.34 26.38
N PHE H 85 -17.93 34.37 27.09
CA PHE H 85 -16.89 34.26 28.09
C PHE H 85 -17.30 33.42 29.32
N ILE H 86 -16.33 32.74 29.92
CA ILE H 86 -16.53 32.03 31.15
C ILE H 86 -16.77 33.04 32.23
N PRO H 87 -17.49 32.59 33.23
CA PRO H 87 -17.92 33.38 34.38
C PRO H 87 -16.77 33.92 35.16
N GLU H 88 -15.70 33.17 35.24
CA GLU H 88 -14.59 33.55 36.07
C GLU H 88 -13.98 34.84 35.60
N LEU H 89 -13.99 35.05 34.30
CA LEU H 89 -13.38 36.23 33.76
C LEU H 89 -14.30 36.94 32.83
N TYR H 90 -15.57 36.99 33.17
CA TYR H 90 -16.52 37.71 32.38
C TYR H 90 -16.23 39.17 32.46
N PRO H 91 -16.56 39.91 31.42
CA PRO H 91 -16.21 41.32 31.34
C PRO H 91 -17.18 42.18 32.08
N GLN H 92 -16.76 43.35 32.52
CA GLN H 92 -17.67 44.25 33.19
C GLN H 92 -17.55 45.70 32.80
N GLU H 93 -18.67 46.39 32.76
CA GLU H 93 -18.63 47.82 32.65
C GLU H 93 -17.97 48.31 31.38
N ASP H 94 -17.01 49.20 31.53
CA ASP H 94 -16.30 49.72 30.39
C ASP H 94 -15.09 48.88 30.04
N GLU H 95 -15.30 47.64 29.64
CA GLU H 95 -14.16 46.86 29.25
C GLU H 95 -14.38 46.49 27.81
N TYR H 96 -13.44 46.83 26.94
CA TYR H 96 -13.65 46.60 25.53
C TYR H 96 -13.72 45.16 25.14
N ILE H 97 -14.71 44.84 24.34
CA ILE H 97 -14.85 43.53 23.78
C ILE H 97 -14.66 43.59 22.27
N VAL H 98 -13.88 42.65 21.75
CA VAL H 98 -13.63 42.49 20.33
C VAL H 98 -14.04 41.10 19.89
N GLN H 99 -14.77 41.00 18.81
CA GLN H 99 -15.10 39.71 18.30
C GLN H 99 -14.34 39.47 17.02
N LYS H 100 -13.86 38.24 16.84
CA LYS H 100 -12.99 37.88 15.78
C LYS H 100 -13.48 36.63 15.11
N ARG H 101 -13.21 36.48 13.83
CA ARG H 101 -13.61 35.32 13.06
C ARG H 101 -12.42 34.59 12.50
N ARG H 102 -11.24 35.10 12.78
CA ARG H 102 -9.98 34.52 12.32
C ARG H 102 -9.07 34.44 13.52
N HIS H 103 -7.87 33.93 13.35
CA HIS H 103 -7.01 33.66 14.47
C HIS H 103 -6.61 34.88 15.27
N SER H 104 -6.18 35.93 14.61
CA SER H 104 -5.73 37.12 15.29
C SER H 104 -6.80 38.09 15.77
N GLY H 105 -6.55 38.69 16.91
CA GLY H 105 -7.40 39.70 17.48
C GLY H 105 -7.49 40.92 16.61
N PHE H 106 -6.44 41.14 15.86
CA PHE H 106 -6.38 42.19 14.87
C PHE H 106 -7.13 42.00 13.58
N ALA H 107 -7.36 40.78 13.17
CA ALA H 107 -7.73 40.54 11.81
C ALA H 107 -9.19 40.81 11.55
N HIS H 108 -9.44 41.81 10.73
CA HIS H 108 -10.75 42.28 10.40
C HIS H 108 -11.48 42.85 11.57
N THR H 109 -10.75 43.31 12.55
CA THR H 109 -11.37 43.82 13.73
C THR H 109 -11.02 45.25 13.87
N ASP H 110 -11.56 45.86 14.90
CA ASP H 110 -11.24 47.22 15.24
C ASP H 110 -10.28 47.33 16.42
N LEU H 111 -9.58 46.26 16.73
CA LEU H 111 -8.69 46.29 17.87
C LEU H 111 -7.59 47.31 17.73
N ASP H 112 -6.97 47.38 16.59
CA ASP H 112 -5.91 48.31 16.39
C ASP H 112 -6.39 49.73 16.52
N LEU H 113 -7.59 50.02 16.05
CA LEU H 113 -8.13 51.36 16.18
C LEU H 113 -8.36 51.76 17.62
N TYR H 114 -8.89 50.85 18.41
CA TYR H 114 -9.13 51.11 19.80
C TYR H 114 -7.84 51.42 20.46
N LEU H 115 -6.80 50.67 20.15
CA LEU H 115 -5.53 50.87 20.79
C LEU H 115 -5.02 52.24 20.48
N LYS H 116 -5.18 52.66 19.24
CA LYS H 116 -4.72 53.96 18.82
C LYS H 116 -5.45 55.09 19.49
N GLU H 117 -6.76 54.94 19.60
CA GLU H 117 -7.64 55.95 20.14
C GLU H 117 -7.24 56.22 21.57
N GLU H 118 -6.89 55.15 22.27
CA GLU H 118 -6.59 55.22 23.68
C GLU H 118 -5.14 55.48 23.93
N GLY H 119 -4.37 55.66 22.90
CA GLY H 119 -2.96 55.90 23.09
C GLY H 119 -2.17 54.78 23.73
N ILE H 120 -2.61 53.55 23.59
CA ILE H 120 -1.91 52.43 24.15
C ILE H 120 -0.72 52.03 23.33
N ASP H 121 0.45 51.96 23.95
CA ASP H 121 1.66 51.63 23.23
C ASP H 121 2.20 50.24 23.46
N THR H 122 1.62 49.48 24.37
CA THR H 122 2.10 48.16 24.60
C THR H 122 0.96 47.21 24.83
N VAL H 123 1.05 46.02 24.29
CA VAL H 123 0.00 45.05 24.55
C VAL H 123 0.61 43.89 25.29
N VAL H 124 -0.18 43.26 26.13
CA VAL H 124 0.31 42.15 26.92
C VAL H 124 -0.63 41.01 26.74
N LEU H 125 -0.10 39.85 26.45
CA LEU H 125 -0.89 38.78 25.90
C LEU H 125 -1.27 37.76 26.92
N THR H 126 -2.52 37.32 26.91
CA THR H 126 -2.93 36.26 27.77
C THR H 126 -4.03 35.43 27.14
N GLY H 127 -4.11 34.15 27.46
CA GLY H 127 -5.17 33.34 26.91
C GLY H 127 -4.68 32.08 26.27
N VAL H 128 -5.56 31.48 25.48
CA VAL H 128 -5.32 30.21 24.83
C VAL H 128 -5.62 30.33 23.33
N TRP H 129 -4.91 29.62 22.44
CA TRP H 129 -3.78 28.77 22.74
C TRP H 129 -2.55 29.54 22.49
N THR H 130 -1.50 29.19 23.20
CA THR H 130 -0.29 29.94 23.17
C THR H 130 0.31 29.99 21.80
N ASN H 131 0.29 28.89 21.10
CA ASN H 131 0.96 28.87 19.84
C ASN H 131 0.08 29.19 18.64
N VAL H 132 -1.17 29.47 18.88
CA VAL H 132 -2.07 29.79 17.79
C VAL H 132 -2.56 31.21 17.82
N CYS H 133 -3.78 31.40 18.31
CA CYS H 133 -4.42 32.69 18.33
C CYS H 133 -3.67 33.65 19.18
N VAL H 134 -3.13 33.17 20.29
CA VAL H 134 -2.35 34.05 21.10
C VAL H 134 -1.13 34.51 20.35
N ARG H 135 -0.45 33.59 19.71
CA ARG H 135 0.73 33.96 18.97
C ARG H 135 0.48 34.91 17.78
N SER H 136 -0.59 34.63 17.05
CA SER H 136 -0.96 35.39 15.89
C SER H 136 -1.28 36.81 16.23
N THR H 137 -1.97 36.98 17.33
CA THR H 137 -2.31 38.28 17.82
C THR H 137 -1.07 39.04 18.17
N ALA H 138 -0.08 38.37 18.74
CA ALA H 138 1.17 39.03 19.06
C ALA H 138 1.94 39.50 17.86
N THR H 139 2.03 38.65 16.87
CA THR H 139 2.70 38.97 15.64
C THR H 139 2.04 40.15 14.94
N ASP H 140 0.72 40.19 14.95
CA ASP H 140 0.00 41.32 14.39
C ASP H 140 0.27 42.57 15.16
N ALA H 141 0.32 42.45 16.47
CA ALA H 141 0.58 43.57 17.33
C ALA H 141 1.95 44.12 17.08
N LEU H 142 2.90 43.24 16.87
CA LEU H 142 4.22 43.67 16.49
C LEU H 142 4.25 44.35 15.14
N ALA H 143 3.54 43.80 14.19
CA ALA H 143 3.55 44.29 12.84
C ALA H 143 3.02 45.69 12.81
N ASN H 144 2.20 45.99 13.80
CA ASN H 144 1.53 47.24 13.92
C ASN H 144 2.26 48.17 14.82
N ALA H 145 3.45 47.76 15.21
CA ALA H 145 4.36 48.59 15.95
C ALA H 145 4.04 48.77 17.42
N TYR H 146 3.34 47.85 18.01
CA TYR H 146 3.10 47.89 19.43
C TYR H 146 4.08 47.01 20.12
N LYS H 147 4.50 47.39 21.31
CA LYS H 147 5.30 46.54 22.15
C LYS H 147 4.46 45.42 22.68
N VAL H 148 5.02 44.22 22.67
CA VAL H 148 4.31 43.05 23.11
C VAL H 148 4.94 42.42 24.33
N ILE H 149 4.10 41.99 25.23
CA ILE H 149 4.54 41.25 26.37
C ILE H 149 3.74 40.00 26.44
N THR H 150 4.41 38.88 26.63
CA THR H 150 3.74 37.62 26.76
C THR H 150 3.76 37.17 28.21
N LEU H 151 2.66 36.62 28.71
CA LEU H 151 2.61 36.16 30.08
C LEU H 151 2.56 34.66 30.12
N SER H 152 3.65 34.07 30.58
CA SER H 152 3.87 32.63 30.58
C SER H 152 2.86 31.88 31.41
N ASP H 153 2.55 32.41 32.59
CA ASP H 153 1.52 31.81 33.40
C ASP H 153 0.23 32.44 32.95
N GLY H 154 0.41 33.40 32.07
CA GLY H 154 -0.65 34.04 31.32
C GLY H 154 -1.41 33.14 30.39
N THR H 155 -0.75 32.10 29.92
CA THR H 155 -1.24 31.39 28.77
C THR H 155 -1.26 29.88 28.86
N ALA H 156 -2.06 29.27 28.02
CA ALA H 156 -2.17 27.83 27.94
C ALA H 156 -2.33 27.40 26.49
N SER H 157 -2.14 26.13 26.23
CA SER H 157 -2.38 25.58 24.93
C SER H 157 -2.77 24.15 25.14
N LYS H 158 -2.89 23.38 24.06
CA LYS H 158 -3.43 22.04 24.17
C LYS H 158 -2.56 21.16 25.03
N THR H 159 -1.26 21.30 24.86
CA THR H 159 -0.34 20.45 25.55
C THR H 159 0.84 21.25 25.95
N GLU H 160 1.48 20.82 27.01
CA GLU H 160 2.47 21.61 27.67
C GLU H 160 3.55 21.88 26.69
N GLU H 161 3.84 20.91 25.85
CA GLU H 161 4.88 21.09 24.85
C GLU H 161 4.51 22.21 23.90
N MSE H 162 3.25 22.24 23.49
CA MSE H 162 2.80 23.24 22.55
C MSE H 162 2.91 24.62 23.14
O MSE H 162 3.39 25.54 22.51
CB MSE H 162 1.35 22.96 22.15
CG MSE H 162 1.19 22.44 20.76
SE MSE H 162 -0.62 22.17 20.39
CE MSE H 162 -0.39 21.15 18.83
N HIS H 163 2.49 24.76 24.37
CA HIS H 163 2.55 26.00 25.05
C HIS H 163 3.99 26.38 25.10
N GLU H 164 4.83 25.38 25.34
CA GLU H 164 6.24 25.63 25.47
C GLU H 164 6.96 26.10 24.24
N TYR H 165 6.71 25.46 23.12
CA TYR H 165 7.30 25.98 21.90
C TYR H 165 6.69 27.31 21.47
N GLY H 166 5.44 27.52 21.83
CA GLY H 166 4.85 28.78 21.49
C GLY H 166 5.69 29.83 22.17
N LEU H 167 6.05 29.57 23.41
CA LEU H 167 6.85 30.49 24.17
C LEU H 167 8.19 30.71 23.56
N ASN H 168 8.83 29.67 23.09
CA ASN H 168 10.12 29.90 22.48
C ASN H 168 9.98 30.78 21.26
N ASP H 169 8.93 30.60 20.48
CA ASP H 169 8.71 31.49 19.37
C ASP H 169 8.45 32.90 19.84
N LEU H 170 7.55 33.04 20.80
CA LEU H 170 7.14 34.33 21.30
C LEU H 170 8.28 35.07 21.95
N SER H 171 9.20 34.30 22.48
CA SER H 171 10.36 34.78 23.14
C SER H 171 11.20 35.52 22.16
N ILE H 172 11.07 35.19 20.90
CA ILE H 172 11.87 35.83 19.88
C ILE H 172 11.62 37.31 19.70
N PHE H 173 10.38 37.74 19.72
CA PHE H 173 10.12 39.17 19.52
C PHE H 173 9.35 39.82 20.64
N THR H 174 9.01 39.02 21.64
CA THR H 174 8.15 39.39 22.71
C THR H 174 8.89 39.32 24.02
N LYS H 175 8.38 39.96 25.04
CA LYS H 175 8.95 39.85 26.36
C LYS H 175 8.05 38.97 27.17
N VAL H 176 8.60 37.86 27.63
CA VAL H 176 7.90 36.85 28.40
C VAL H 176 8.15 37.05 29.88
N MSE H 177 7.09 36.93 30.66
CA MSE H 177 7.05 37.36 32.02
C MSE H 177 5.98 36.57 32.67
O MSE H 177 5.19 35.93 31.99
CB MSE H 177 6.63 38.80 32.12
CG MSE H 177 7.62 39.79 31.65
SE MSE H 177 7.08 41.57 32.03
CE MSE H 177 8.61 42.45 31.37
N THR H 178 5.90 36.65 33.98
CA THR H 178 4.90 35.93 34.72
C THR H 178 3.93 36.95 35.24
N VAL H 179 2.75 36.49 35.60
CA VAL H 179 1.71 37.39 35.99
C VAL H 179 2.14 38.20 37.18
N ASP H 180 2.61 37.51 38.20
CA ASP H 180 3.00 38.22 39.39
C ASP H 180 4.13 39.15 39.04
N GLN H 181 5.06 38.69 38.22
CA GLN H 181 6.21 39.51 37.98
C GLN H 181 5.77 40.79 37.34
N TYR H 182 4.80 40.69 36.46
CA TYR H 182 4.33 41.86 35.75
C TYR H 182 3.69 42.87 36.64
N ILE H 183 2.81 42.40 37.51
CA ILE H 183 2.10 43.27 38.41
C ILE H 183 3.07 44.00 39.27
N GLN H 184 4.09 43.29 39.69
CA GLN H 184 5.12 43.90 40.49
C GLN H 184 5.85 44.96 39.69
N ALA H 185 6.10 44.66 38.43
CA ALA H 185 6.92 45.50 37.58
C ALA H 185 6.48 46.96 37.57
N TRP H 186 5.24 47.18 37.95
CA TRP H 186 4.70 48.54 37.93
C TRP H 186 5.30 49.46 39.00
N GLU H 187 5.86 48.90 40.05
CA GLU H 187 6.32 49.72 41.16
C GLU H 187 7.82 49.84 41.25
N NH4 I . -7.67 5.01 -6.26
NA NA J . -23.49 0.78 -14.20
N NH4 K . -26.31 -13.39 -25.72
N NH4 L . -6.58 -18.38 -3.72
NA NA M . 0.63 -17.25 -20.11
N NH4 N . -5.31 -6.26 -34.12
N NH4 O . 32.03 -27.69 9.32
NA NA P . 20.85 -17.91 20.06
NA NA Q . 2.63 -16.37 9.66
NA NA R . 1.28 34.36 13.19
N NH4 S . -16.87 32.83 10.44
#